data_7ZOG
#
_entry.id   7ZOG
#
_cell.length_a   73.103
_cell.length_b   118.732
_cell.length_c   143.454
_cell.angle_alpha   90.00
_cell.angle_beta   90.69
_cell.angle_gamma   90.00
#
_symmetry.space_group_name_H-M   'P 1 21 1'
#
loop_
_entity.id
_entity.type
_entity.pdbx_description
1 polymer 'Lysine-tRNA ligase'
2 non-polymer LYSINE
3 non-polymer 8-[[4-[2-[2-[2-[2-[(azanylidene-$l^{4}-azanylidene)amino]ethoxy]ethoxy]ethoxy]ethylcarbamoyl]phenyl]sulfonylamino]-~{N}-(cyclohexylmethyl)-6-fluoranyl-4-oxidanylidene-chromene-2-carboxamide
4 non-polymer GLYCEROL
5 water water
#
_entity_poly.entity_id   1
_entity_poly.type   'polypeptide(L)'
_entity_poly.pdbx_seq_one_letter_code
;MAHHHHHHMGTLEAQTQGPGSHYTDNRYKMMECIKDAGRPFYPHKFKISMSLPAYALKYGNVENGYIDKDTTLSLSGRVT
SIRSSSSKLIFYDIFCEEQKVQIIANIMEHDISTGEFSVSHSEIRRGDVVGFTGFPGKSKRGELSLFSKSVVLLSPCYHM
LPTAISGLKDQEVRYRQRYLDLMLNEESRKVFKLRSRAIKYIRNYFDRLGFLEVETPMLNMIYGGAAARPFITYHNELET
QLYMRIATELYLKQLIVGGLDKVYEIGKVFRNEGIDLTHNPEFTSMEFYMAYADYYDLMDLTEELISGLVLEIHGSLKIP
YHPDGPEGKCIEIDFTTPWKRFSFVEEIESGLGEKLKRPLDSQENIDFMVEMCEKHEIELPHPRTAAKLLDKLAGHFVET
KCTNPSFIIDHPQTMSPLAKWHREKPEMTERFELFVLGKELCNAYTELNEPLQQRKFFEQQADAKASGDVEACPIDETFC
LALEHGLPPTGGWGLGIDRLIMFLADKNNIKEVILFPAMRNVKQNAQHSNQHSGN
;
_entity_poly.pdbx_strand_id   A,B,C,D
#
loop_
_chem_comp.id
_chem_comp.type
_chem_comp.name
_chem_comp.formula
GOL non-polymer GLYCEROL 'C3 H8 O3'
JE5 non-polymer 8-[[4-[2-[2-[2-[2-[(azanylidene-$l^{4}-azanylidene)amino]ethoxy]ethoxy]ethoxy]ethylcarbamoyl]phenyl]sulfonylamino]-~{N}-(cyclohexylmethyl)-6-fluoranyl-4-oxidanylidene-chromene-2-carboxamide 'C32 H40 F N6 O9 S 1'
#
# COMPACT_ATOMS: atom_id res chain seq x y z
N SER A 21 -4.15 27.79 34.25
CA SER A 21 -3.92 29.29 34.30
C SER A 21 -5.01 29.93 35.18
N HIS A 22 -4.58 30.60 36.26
CA HIS A 22 -5.43 31.43 37.14
C HIS A 22 -6.19 32.49 36.32
N TYR A 23 -5.52 33.10 35.35
CA TYR A 23 -6.11 34.22 34.56
C TYR A 23 -7.40 33.74 33.86
N THR A 24 -7.36 32.56 33.24
CA THR A 24 -8.50 31.97 32.50
C THR A 24 -9.64 31.69 33.49
N ASP A 25 -9.38 30.98 34.60
CA ASP A 25 -10.45 30.64 35.59
C ASP A 25 -11.06 31.94 36.14
N ASN A 26 -10.23 32.91 36.48
CA ASN A 26 -10.70 34.21 37.02
C ASN A 26 -11.56 34.94 36.00
N ARG A 27 -11.23 34.85 34.71
CA ARG A 27 -12.03 35.58 33.71
C ARG A 27 -13.41 34.93 33.62
N TYR A 28 -13.50 33.60 33.64
CA TYR A 28 -14.80 32.89 33.66
C TYR A 28 -15.61 33.34 34.88
N LYS A 29 -14.94 33.53 36.04
CA LYS A 29 -15.61 33.98 37.29
C LYS A 29 -16.12 35.40 37.10
N MET A 30 -15.31 36.31 36.55
CA MET A 30 -15.78 37.71 36.36
C MET A 30 -16.95 37.71 35.37
N MET A 31 -16.96 36.85 34.34
CA MET A 31 -18.09 36.86 33.38
C MET A 31 -19.36 36.31 34.06
N GLU A 32 -19.22 35.31 34.93
CA GLU A 32 -20.39 34.77 35.70
C GLU A 32 -20.93 35.89 36.62
N CYS A 33 -20.04 36.63 37.28
CA CYS A 33 -20.42 37.77 38.16
C CYS A 33 -21.15 38.86 37.35
N ILE A 34 -20.63 39.20 36.17
CA ILE A 34 -21.30 40.20 35.29
C ILE A 34 -22.70 39.69 34.96
N LYS A 35 -22.81 38.41 34.58
CA LYS A 35 -24.10 37.83 34.14
C LYS A 35 -25.10 37.93 35.30
N ASP A 36 -24.69 37.51 36.50
CA ASP A 36 -25.59 37.44 37.69
C ASP A 36 -26.02 38.85 38.12
N ALA A 37 -25.15 39.85 37.96
CA ALA A 37 -25.42 41.25 38.37
C ALA A 37 -26.33 41.96 37.35
N GLY A 38 -26.74 41.27 36.28
CA GLY A 38 -27.55 41.85 35.20
C GLY A 38 -26.79 42.89 34.39
N ARG A 39 -25.47 42.81 34.36
CA ARG A 39 -24.66 43.76 33.55
C ARG A 39 -24.49 43.18 32.15
N PRO A 40 -24.02 43.98 31.16
CA PRO A 40 -23.95 43.52 29.78
C PRO A 40 -23.11 42.25 29.64
N PHE A 41 -23.77 41.21 29.13
CA PHE A 41 -23.22 39.84 28.98
C PHE A 41 -23.35 39.43 27.51
N TYR A 42 -22.24 39.50 26.76
CA TYR A 42 -22.20 39.10 25.34
C TYR A 42 -23.35 39.68 24.53
N PRO A 43 -23.46 41.02 24.42
CA PRO A 43 -24.52 41.60 23.59
C PRO A 43 -24.55 40.99 22.19
N HIS A 44 -25.76 40.79 21.69
CA HIS A 44 -26.01 40.11 20.40
C HIS A 44 -25.53 40.98 19.23
N LYS A 45 -25.85 42.28 19.30
CA LYS A 45 -25.66 43.20 18.17
C LYS A 45 -25.09 44.52 18.66
N PHE A 46 -23.94 44.89 18.12
CA PHE A 46 -23.34 46.23 18.30
C PHE A 46 -23.36 46.93 16.95
N LYS A 47 -24.04 48.09 16.87
CA LYS A 47 -24.19 48.86 15.64
C LYS A 47 -23.07 49.91 15.55
N ILE A 48 -22.05 49.65 14.75
CA ILE A 48 -20.94 50.62 14.57
C ILE A 48 -21.48 51.76 13.71
N SER A 49 -21.03 52.99 13.96
CA SER A 49 -21.35 54.16 13.12
C SER A 49 -20.59 54.02 11.81
N MET A 50 -19.39 53.46 11.87
CA MET A 50 -18.51 53.33 10.70
C MET A 50 -17.36 52.42 11.10
N SER A 51 -16.65 51.93 10.10
CA SER A 51 -15.47 51.07 10.35
C SER A 51 -14.34 51.94 10.93
N LEU A 52 -13.32 51.33 11.50
CA LEU A 52 -12.16 52.10 12.00
C LEU A 52 -11.40 52.72 10.82
N PRO A 53 -11.22 52.03 9.67
CA PRO A 53 -10.64 52.69 8.49
C PRO A 53 -11.44 53.90 8.02
N ALA A 54 -12.77 53.81 8.05
CA ALA A 54 -13.64 54.94 7.65
C ALA A 54 -13.45 56.09 8.64
N TYR A 55 -13.36 55.75 9.92
CA TYR A 55 -13.14 56.73 11.01
C TYR A 55 -11.82 57.48 10.75
N ALA A 56 -10.75 56.75 10.44
CA ALA A 56 -9.42 57.35 10.19
C ALA A 56 -9.46 58.20 8.92
N LEU A 57 -10.20 57.79 7.90
CA LEU A 57 -10.31 58.56 6.64
C LEU A 57 -11.05 59.86 6.93
N LYS A 58 -12.08 59.82 7.76
CA LYS A 58 -12.88 61.04 8.03
C LYS A 58 -12.12 61.99 8.97
N TYR A 59 -11.52 61.50 10.05
CA TYR A 59 -11.02 62.33 11.17
C TYR A 59 -9.48 62.36 11.25
N GLY A 60 -8.80 61.53 10.49
CA GLY A 60 -7.33 61.35 10.62
C GLY A 60 -6.54 62.65 10.43
N ASN A 61 -7.08 63.62 9.72
CA ASN A 61 -6.37 64.87 9.33
C ASN A 61 -6.99 66.11 9.99
N VAL A 62 -7.82 65.96 11.01
CA VAL A 62 -8.23 67.15 11.80
C VAL A 62 -7.00 67.70 12.53
N GLU A 63 -7.04 68.96 12.91
CA GLU A 63 -5.95 69.59 13.67
C GLU A 63 -5.89 68.98 15.08
N ASN A 64 -4.69 68.98 15.67
CA ASN A 64 -4.47 68.59 17.09
C ASN A 64 -5.52 69.26 17.99
N GLY A 65 -6.10 68.48 18.90
CA GLY A 65 -7.06 68.95 19.92
C GLY A 65 -8.48 69.14 19.38
N TYR A 66 -8.73 68.94 18.09
CA TYR A 66 -10.08 69.06 17.51
C TYR A 66 -11.04 68.08 18.19
N ILE A 67 -12.22 68.56 18.58
CA ILE A 67 -13.30 67.64 19.05
C ILE A 67 -14.64 68.12 18.52
N ASP A 68 -15.48 67.23 18.00
CA ASP A 68 -16.88 67.59 17.64
C ASP A 68 -17.83 66.99 18.69
N LYS A 69 -18.20 67.77 19.70
CA LYS A 69 -19.14 67.31 20.76
C LYS A 69 -20.59 67.25 20.25
N ASP A 70 -20.87 67.70 19.04
CA ASP A 70 -22.23 67.59 18.43
C ASP A 70 -22.43 66.24 17.73
N THR A 71 -21.40 65.40 17.64
CA THR A 71 -21.47 64.10 16.92
C THR A 71 -21.11 62.99 17.90
N THR A 72 -22.03 62.05 18.13
CA THR A 72 -21.78 60.82 18.93
C THR A 72 -21.66 59.65 17.96
N LEU A 73 -20.61 58.85 18.08
CA LEU A 73 -20.35 57.72 17.18
C LEU A 73 -20.09 56.49 18.03
N SER A 74 -20.38 55.33 17.46
CA SER A 74 -20.08 54.01 18.04
C SER A 74 -18.96 53.35 17.23
N LEU A 75 -17.91 52.89 17.90
CA LEU A 75 -16.78 52.20 17.22
C LEU A 75 -16.51 50.91 17.97
N SER A 76 -15.87 49.96 17.30
CA SER A 76 -15.58 48.66 17.92
C SER A 76 -14.27 48.11 17.35
N GLY A 77 -13.57 47.37 18.21
CA GLY A 77 -12.34 46.66 17.81
C GLY A 77 -11.84 45.84 18.96
N ARG A 78 -10.67 45.24 18.78
CA ARG A 78 -10.02 44.47 19.85
C ARG A 78 -9.08 45.43 20.59
N VAL A 79 -9.11 45.40 21.91
CA VAL A 79 -8.23 46.25 22.76
C VAL A 79 -6.79 45.73 22.62
N THR A 80 -5.89 46.57 22.15
CA THR A 80 -4.45 46.21 22.04
C THR A 80 -3.66 46.84 23.19
N SER A 81 -4.21 47.85 23.86
CA SER A 81 -3.50 48.55 24.96
C SER A 81 -4.52 49.17 25.93
N ILE A 82 -4.24 49.08 27.23
CA ILE A 82 -4.97 49.85 28.28
C ILE A 82 -3.92 50.57 29.13
N ARG A 83 -4.02 51.88 29.23
CA ARG A 83 -3.15 52.65 30.16
C ARG A 83 -4.06 53.52 31.01
N SER A 84 -4.22 53.20 32.30
CA SER A 84 -4.92 54.11 33.23
C SER A 84 -3.89 55.16 33.69
N SER A 85 -3.87 56.30 33.04
CA SER A 85 -2.90 57.39 33.39
C SER A 85 -3.24 57.94 34.78
N SER A 86 -4.52 57.96 35.15
CA SER A 86 -4.99 58.53 36.45
C SER A 86 -6.28 57.85 36.87
N SER A 87 -6.77 58.16 38.07
CA SER A 87 -8.06 57.63 38.56
C SER A 87 -9.22 58.16 37.72
N LYS A 88 -8.99 59.19 36.92
CA LYS A 88 -10.04 59.91 36.14
C LYS A 88 -9.90 59.67 34.62
N LEU A 89 -8.84 59.03 34.14
CA LEU A 89 -8.46 59.08 32.71
C LEU A 89 -7.83 57.75 32.29
N ILE A 90 -8.46 57.05 31.33
CA ILE A 90 -7.97 55.76 30.80
C ILE A 90 -7.83 55.90 29.29
N PHE A 91 -6.66 55.48 28.76
CA PHE A 91 -6.35 55.43 27.32
C PHE A 91 -6.45 53.99 26.86
N TYR A 92 -7.23 53.75 25.80
CA TYR A 92 -7.24 52.45 25.12
C TYR A 92 -6.70 52.64 23.71
N ASP A 93 -6.04 51.59 23.19
CA ASP A 93 -5.96 51.39 21.74
C ASP A 93 -6.89 50.25 21.36
N ILE A 94 -7.70 50.43 20.33
CA ILE A 94 -8.47 49.35 19.70
C ILE A 94 -8.00 49.21 18.25
N PHE A 95 -8.13 47.99 17.72
CA PHE A 95 -7.66 47.64 16.38
C PHE A 95 -8.75 46.86 15.67
N CYS A 96 -8.99 47.23 14.42
CA CYS A 96 -10.02 46.55 13.60
C CYS A 96 -9.74 46.85 12.14
N GLU A 97 -9.82 45.82 11.29
CA GLU A 97 -9.72 45.98 9.83
C GLU A 97 -8.45 46.79 9.49
N GLU A 98 -7.34 46.48 10.15
CA GLU A 98 -5.98 47.07 9.89
C GLU A 98 -5.90 48.54 10.30
N GLN A 99 -6.76 49.04 11.19
CA GLN A 99 -6.69 50.42 11.66
C GLN A 99 -6.70 50.44 13.20
N LYS A 100 -5.75 51.17 13.79
CA LYS A 100 -5.70 51.50 15.23
C LYS A 100 -6.40 52.83 15.51
N VAL A 101 -7.22 52.86 16.55
CA VAL A 101 -7.82 54.15 17.02
C VAL A 101 -7.60 54.21 18.54
N GLN A 102 -7.20 55.37 19.03
CA GLN A 102 -7.06 55.60 20.48
C GLN A 102 -8.45 55.97 21.03
N ILE A 103 -8.78 55.44 22.19
CA ILE A 103 -9.99 55.84 22.94
C ILE A 103 -9.53 56.55 24.23
N ILE A 104 -10.02 57.77 24.42
CA ILE A 104 -9.77 58.57 25.65
C ILE A 104 -11.05 58.57 26.49
N ALA A 105 -10.99 57.90 27.64
CA ALA A 105 -12.11 57.68 28.58
C ALA A 105 -11.87 58.56 29.81
N ASN A 106 -12.55 59.71 29.84
CA ASN A 106 -12.49 60.70 30.93
C ASN A 106 -13.71 60.49 31.82
N ILE A 107 -13.53 60.32 33.12
CA ILE A 107 -14.63 60.13 34.09
C ILE A 107 -15.68 61.23 33.88
N MET A 108 -15.29 62.44 33.53
CA MET A 108 -16.25 63.59 33.43
C MET A 108 -17.21 63.36 32.25
N GLU A 109 -16.86 62.54 31.24
CA GLU A 109 -17.76 62.28 30.08
C GLU A 109 -18.56 60.97 30.28
N HIS A 110 -18.33 60.24 31.36
CA HIS A 110 -18.84 58.86 31.50
C HIS A 110 -20.37 58.88 31.68
N ASP A 111 -21.06 58.04 30.92
CA ASP A 111 -22.53 57.85 31.05
C ASP A 111 -22.77 56.93 32.25
N ILE A 112 -23.16 57.50 33.40
CA ILE A 112 -23.30 56.76 34.69
C ILE A 112 -24.47 55.78 34.60
N SER A 113 -25.38 55.92 33.63
CA SER A 113 -26.48 54.92 33.42
C SER A 113 -25.90 53.55 33.01
N THR A 114 -24.66 53.47 32.51
CA THR A 114 -24.00 52.20 32.10
C THR A 114 -23.26 51.58 33.29
N GLY A 115 -23.27 52.29 34.42
CA GLY A 115 -22.50 51.91 35.62
C GLY A 115 -21.53 53.02 36.03
N GLU A 116 -20.99 52.94 37.25
CA GLU A 116 -19.93 53.86 37.70
C GLU A 116 -18.71 53.65 36.79
N PHE A 117 -17.99 54.73 36.50
CA PHE A 117 -16.78 54.73 35.62
C PHE A 117 -15.86 53.58 36.01
N SER A 118 -15.48 53.49 37.28
CA SER A 118 -14.50 52.46 37.77
C SER A 118 -15.04 51.07 37.49
N VAL A 119 -16.35 50.85 37.71
CA VAL A 119 -16.95 49.51 37.49
C VAL A 119 -16.91 49.18 35.99
N SER A 120 -17.34 50.10 35.14
CA SER A 120 -17.43 49.89 33.68
C SER A 120 -16.05 49.51 33.14
N HIS A 121 -15.00 50.23 33.55
CA HIS A 121 -13.63 50.02 33.01
C HIS A 121 -12.94 48.84 33.69
N SER A 122 -13.35 48.47 34.91
CA SER A 122 -12.72 47.31 35.61
C SER A 122 -13.04 46.00 34.88
N GLU A 123 -14.08 45.99 34.03
CA GLU A 123 -14.51 44.76 33.31
C GLU A 123 -13.68 44.52 32.05
N ILE A 124 -12.80 45.44 31.67
CA ILE A 124 -12.13 45.42 30.34
C ILE A 124 -10.69 44.96 30.55
N ARG A 125 -10.20 44.13 29.64
CA ARG A 125 -8.81 43.65 29.64
C ARG A 125 -8.24 43.79 28.24
N ARG A 126 -6.91 43.91 28.14
CA ARG A 126 -6.22 43.76 26.83
C ARG A 126 -6.70 42.47 26.15
N GLY A 127 -7.01 42.55 24.86
CA GLY A 127 -7.44 41.41 24.06
C GLY A 127 -8.96 41.36 23.93
N ASP A 128 -9.71 42.07 24.78
CA ASP A 128 -11.18 42.05 24.71
C ASP A 128 -11.66 42.72 23.43
N VAL A 129 -12.74 42.19 22.86
CA VAL A 129 -13.49 42.86 21.80
C VAL A 129 -14.49 43.76 22.52
N VAL A 130 -14.47 45.05 22.19
CA VAL A 130 -15.29 46.04 22.94
C VAL A 130 -15.88 47.04 21.96
N GLY A 131 -16.96 47.68 22.38
CA GLY A 131 -17.54 48.86 21.76
C GLY A 131 -17.36 50.08 22.63
N PHE A 132 -17.30 51.24 21.98
CA PHE A 132 -17.23 52.55 22.64
C PHE A 132 -18.22 53.46 21.95
N THR A 133 -18.82 54.39 22.68
CA THR A 133 -19.54 55.54 22.06
C THR A 133 -18.84 56.79 22.54
N GLY A 134 -18.87 57.85 21.74
CA GLY A 134 -18.18 59.08 22.09
C GLY A 134 -18.12 60.08 20.96
N PHE A 135 -17.31 61.11 21.18
CA PHE A 135 -17.15 62.28 20.27
C PHE A 135 -15.86 62.10 19.50
N PRO A 136 -15.85 62.42 18.21
CA PRO A 136 -14.63 62.28 17.41
C PRO A 136 -13.66 63.47 17.50
N GLY A 137 -12.39 63.17 17.31
CA GLY A 137 -11.38 64.20 17.01
C GLY A 137 -9.96 63.69 17.24
N LYS A 138 -9.13 64.54 17.82
CA LYS A 138 -7.68 64.27 17.94
C LYS A 138 -7.22 64.84 19.27
N SER A 139 -6.40 64.07 20.00
CA SER A 139 -5.75 64.52 21.25
C SER A 139 -4.87 65.74 20.94
N LYS A 140 -4.52 66.51 21.96
CA LYS A 140 -3.62 67.69 21.83
C LYS A 140 -2.28 67.22 21.29
N ARG A 141 -1.87 65.99 21.60
CA ARG A 141 -0.59 65.39 21.11
C ARG A 141 -0.69 64.92 19.65
N GLY A 142 -1.88 64.95 19.03
CA GLY A 142 -2.04 64.62 17.60
C GLY A 142 -2.52 63.19 17.33
N GLU A 143 -3.04 62.47 18.31
CA GLU A 143 -3.50 61.06 18.14
C GLU A 143 -4.97 61.07 17.73
N LEU A 144 -5.30 60.46 16.60
CA LEU A 144 -6.69 60.17 16.21
C LEU A 144 -7.39 59.47 17.38
N SER A 145 -8.47 60.04 17.89
CA SER A 145 -9.10 59.55 19.13
C SER A 145 -10.61 59.56 19.02
N LEU A 146 -11.22 58.74 19.84
CA LEU A 146 -12.65 58.88 20.25
C LEU A 146 -12.64 59.26 21.72
N PHE A 147 -13.33 60.34 22.06
CA PHE A 147 -13.50 60.82 23.44
C PHE A 147 -14.77 60.18 23.97
N SER A 148 -14.61 59.08 24.72
CA SER A 148 -15.70 58.11 24.96
C SER A 148 -16.60 58.56 26.11
N LYS A 149 -17.86 58.16 26.02
CA LYS A 149 -18.91 58.32 27.07
C LYS A 149 -19.26 56.95 27.66
N SER A 150 -18.97 55.86 26.95
CA SER A 150 -19.34 54.50 27.40
C SER A 150 -18.38 53.47 26.82
N VAL A 151 -18.36 52.32 27.47
CA VAL A 151 -17.60 51.14 26.99
C VAL A 151 -18.51 49.93 27.18
N VAL A 152 -18.56 49.04 26.20
CA VAL A 152 -19.35 47.78 26.28
C VAL A 152 -18.43 46.60 25.98
N LEU A 153 -18.36 45.68 26.92
CA LEU A 153 -17.64 44.40 26.71
C LEU A 153 -18.45 43.51 25.77
N LEU A 154 -17.94 43.26 24.56
CA LEU A 154 -18.70 42.46 23.57
C LEU A 154 -18.25 41.00 23.63
N SER A 155 -16.96 40.76 23.71
CA SER A 155 -16.45 39.37 23.76
C SER A 155 -15.09 39.36 24.43
N PRO A 156 -15.00 38.95 25.71
CA PRO A 156 -13.75 38.97 26.45
C PRO A 156 -12.74 37.94 25.96
N CYS A 157 -11.47 38.29 26.09
CA CYS A 157 -10.35 37.34 25.88
C CYS A 157 -9.98 36.74 27.26
N TYR A 158 -10.00 35.43 27.37
CA TYR A 158 -9.81 34.65 28.63
C TYR A 158 -8.34 34.25 28.83
N HIS A 159 -7.47 34.72 27.94
CA HIS A 159 -6.02 34.39 27.96
C HIS A 159 -5.20 35.67 27.96
N MET A 160 -4.11 35.65 28.71
CA MET A 160 -3.09 36.71 28.66
C MET A 160 -2.37 36.61 27.33
N LEU A 161 -2.53 37.61 26.48
CA LEU A 161 -1.96 37.56 25.11
C LEU A 161 -0.49 37.92 25.17
N PRO A 162 0.39 37.24 24.41
CA PRO A 162 1.75 37.73 24.20
C PRO A 162 1.62 39.15 23.64
N THR A 163 2.65 39.98 23.81
CA THR A 163 2.63 41.36 23.25
C THR A 163 2.94 41.26 21.75
N ALA A 164 3.62 40.18 21.33
CA ALA A 164 3.99 39.93 19.92
C ALA A 164 4.39 38.45 19.73
N ILE A 165 4.18 37.91 18.52
CA ILE A 165 4.67 36.57 18.10
C ILE A 165 4.97 36.67 16.60
N ASP A 170 7.17 32.22 17.78
CA ASP A 170 6.99 30.74 17.90
C ASP A 170 6.21 30.24 16.68
N GLN A 171 6.90 29.82 15.64
CA GLN A 171 6.19 29.29 14.45
C GLN A 171 5.20 28.19 14.90
N GLU A 172 5.50 27.33 15.88
CA GLU A 172 4.58 26.20 16.22
C GLU A 172 3.22 26.76 16.65
N VAL A 173 3.21 27.73 17.57
CA VAL A 173 1.95 28.38 18.03
C VAL A 173 1.29 29.11 16.85
N ARG A 174 2.07 29.75 16.00
CA ARG A 174 1.53 30.56 14.86
C ARG A 174 0.66 29.66 13.96
N TYR A 175 1.05 28.41 13.78
CA TYR A 175 0.43 27.44 12.84
C TYR A 175 -0.70 26.67 13.53
N ARG A 176 -0.55 26.37 14.83
CA ARG A 176 -1.55 25.58 15.58
C ARG A 176 -2.66 26.49 16.09
N GLN A 177 -2.35 27.77 16.28
CA GLN A 177 -3.34 28.77 16.75
C GLN A 177 -3.26 29.96 15.81
N ARG A 178 -3.68 29.77 14.57
CA ARG A 178 -3.45 30.74 13.50
C ARG A 178 -4.15 32.05 13.86
N TYR A 179 -5.27 32.00 14.59
CA TYR A 179 -5.99 33.23 15.01
C TYR A 179 -5.06 34.12 15.84
N LEU A 180 -4.12 33.55 16.62
CA LEU A 180 -3.18 34.38 17.43
C LEU A 180 -2.19 35.06 16.49
N ASP A 181 -1.66 34.31 15.53
CA ASP A 181 -0.75 34.88 14.50
C ASP A 181 -1.45 36.04 13.79
N LEU A 182 -2.69 35.84 13.33
CA LEU A 182 -3.43 36.87 12.55
C LEU A 182 -3.75 38.06 13.47
N MET A 183 -4.07 37.79 14.73
CA MET A 183 -4.42 38.86 15.70
C MET A 183 -3.22 39.79 15.92
N LEU A 184 -2.02 39.22 16.02
CA LEU A 184 -0.82 39.94 16.56
C LEU A 184 0.18 40.29 15.46
N ASN A 185 0.13 39.66 14.29
CA ASN A 185 1.22 39.77 13.28
C ASN A 185 0.68 40.26 11.92
N GLU A 186 0.90 41.54 11.64
CA GLU A 186 0.50 42.20 10.37
C GLU A 186 1.08 41.45 9.17
N GLU A 187 2.32 40.98 9.27
CA GLU A 187 3.01 40.26 8.17
C GLU A 187 2.20 39.02 7.78
N SER A 188 1.61 38.32 8.76
CA SER A 188 0.80 37.11 8.48
C SER A 188 -0.47 37.51 7.72
N ARG A 189 -1.16 38.54 8.17
CA ARG A 189 -2.39 39.03 7.46
C ARG A 189 -2.05 39.45 6.03
N LYS A 190 -0.88 40.08 5.82
CA LYS A 190 -0.45 40.51 4.47
C LYS A 190 -0.31 39.31 3.55
N VAL A 191 0.28 38.21 4.01
CA VAL A 191 0.50 37.00 3.15
C VAL A 191 -0.85 36.51 2.64
N PHE A 192 -1.89 36.44 3.49
CA PHE A 192 -3.17 35.83 3.08
C PHE A 192 -3.91 36.79 2.16
N LYS A 193 -3.77 38.10 2.37
CA LYS A 193 -4.36 39.08 1.43
C LYS A 193 -3.67 38.96 0.06
N LEU A 194 -2.37 38.82 0.05
CA LEU A 194 -1.59 38.66 -1.23
C LEU A 194 -2.03 37.36 -1.91
N ARG A 195 -2.18 36.27 -1.15
CA ARG A 195 -2.64 34.98 -1.73
C ARG A 195 -3.97 35.19 -2.46
N SER A 196 -4.95 35.78 -1.78
CA SER A 196 -6.27 36.04 -2.42
C SER A 196 -6.11 36.96 -3.64
N ARG A 197 -5.29 37.99 -3.55
CA ARG A 197 -5.09 38.93 -4.68
C ARG A 197 -4.48 38.20 -5.88
N ALA A 198 -3.55 37.28 -5.64
CA ALA A 198 -2.87 36.54 -6.74
C ALA A 198 -3.89 35.61 -7.41
N ILE A 199 -4.69 34.89 -6.62
CA ILE A 199 -5.72 33.95 -7.17
C ILE A 199 -6.73 34.75 -8.01
N LYS A 200 -7.15 35.92 -7.53
CA LYS A 200 -8.10 36.79 -8.25
C LYS A 200 -7.49 37.24 -9.58
N TYR A 201 -6.23 37.64 -9.56
CA TYR A 201 -5.49 38.08 -10.78
C TYR A 201 -5.50 36.94 -11.80
N ILE A 202 -5.19 35.73 -11.34
CA ILE A 202 -5.11 34.54 -12.23
C ILE A 202 -6.50 34.22 -12.81
N ARG A 203 -7.56 34.23 -12.01
CA ARG A 203 -8.93 33.98 -12.53
C ARG A 203 -9.25 35.05 -13.59
N ASN A 204 -8.90 36.31 -13.33
CA ASN A 204 -9.21 37.42 -14.27
C ASN A 204 -8.51 37.16 -15.60
N TYR A 205 -7.25 36.75 -15.56
CA TYR A 205 -6.46 36.53 -16.79
C TYR A 205 -7.17 35.48 -17.65
N PHE A 206 -7.55 34.34 -17.06
CA PHE A 206 -8.20 33.22 -17.80
C PHE A 206 -9.63 33.59 -18.20
N ASP A 207 -10.38 34.19 -17.27
CA ASP A 207 -11.79 34.57 -17.55
C ASP A 207 -11.82 35.50 -18.77
N ARG A 208 -10.92 36.47 -18.84
CA ARG A 208 -10.89 37.44 -19.99
C ARG A 208 -10.47 36.73 -21.28
N LEU A 209 -9.77 35.60 -21.25
CA LEU A 209 -9.45 34.82 -22.46
C LEU A 209 -10.62 33.90 -22.85
N GLY A 210 -11.75 33.93 -22.13
CA GLY A 210 -12.95 33.13 -22.43
C GLY A 210 -12.88 31.70 -21.87
N PHE A 211 -12.04 31.46 -20.89
CA PHE A 211 -11.99 30.16 -20.17
C PHE A 211 -13.24 30.01 -19.32
N LEU A 212 -13.64 28.76 -19.15
CA LEU A 212 -14.75 28.39 -18.24
C LEU A 212 -14.15 27.81 -16.96
N GLU A 213 -14.48 28.39 -15.82
CA GLU A 213 -14.02 27.86 -14.51
C GLU A 213 -14.93 26.68 -14.13
N VAL A 214 -14.35 25.53 -13.83
CA VAL A 214 -15.14 24.29 -13.62
C VAL A 214 -14.71 23.61 -12.31
N GLU A 215 -15.59 22.74 -11.82
CA GLU A 215 -15.32 21.85 -10.67
C GLU A 215 -15.42 20.41 -11.19
N THR A 216 -14.37 19.64 -10.88
CA THR A 216 -14.31 18.19 -11.16
C THR A 216 -14.23 17.49 -9.81
N PRO A 217 -14.56 16.19 -9.76
CA PRO A 217 -14.77 15.53 -8.48
C PRO A 217 -13.47 15.25 -7.72
N MET A 218 -13.56 15.36 -6.40
CA MET A 218 -12.38 15.10 -5.53
C MET A 218 -12.34 13.63 -5.09
N LEU A 219 -13.51 12.96 -5.06
CA LEU A 219 -13.62 11.52 -4.68
C LEU A 219 -14.06 10.71 -5.91
N ASN A 220 -13.23 9.76 -6.31
CA ASN A 220 -13.36 9.03 -7.61
C ASN A 220 -12.97 7.57 -7.41
N MET A 221 -13.49 6.71 -8.27
CA MET A 221 -13.20 5.26 -8.26
C MET A 221 -11.72 5.06 -8.57
N ILE A 222 -11.16 5.94 -9.40
CA ILE A 222 -9.73 5.89 -9.84
C ILE A 222 -9.10 7.24 -9.51
N TYR A 223 -7.77 7.28 -9.57
CA TYR A 223 -6.97 8.51 -9.37
C TYR A 223 -5.87 8.45 -10.45
N GLY A 224 -5.32 9.59 -10.80
CA GLY A 224 -4.20 9.68 -11.75
C GLY A 224 -3.90 11.11 -12.12
N GLY A 225 -2.94 11.30 -13.03
CA GLY A 225 -2.60 12.64 -13.53
C GLY A 225 -1.38 13.24 -12.86
N ALA A 226 -0.73 12.49 -11.97
CA ALA A 226 0.51 12.88 -11.28
C ALA A 226 1.17 11.62 -10.71
N ALA A 227 2.32 11.78 -10.06
CA ALA A 227 3.15 10.71 -9.49
C ALA A 227 3.18 10.87 -7.97
N ALA A 228 2.18 10.29 -7.30
CA ALA A 228 1.99 10.45 -5.85
C ALA A 228 1.10 9.34 -5.32
N ARG A 229 1.24 9.05 -4.04
CA ARG A 229 0.34 8.10 -3.34
C ARG A 229 -0.97 8.82 -3.10
N PRO A 230 -2.11 8.10 -3.18
CA PRO A 230 -3.41 8.69 -2.89
C PRO A 230 -3.83 8.57 -1.43
N PHE A 231 -4.78 9.42 -1.06
CA PHE A 231 -5.63 9.19 0.14
C PHE A 231 -6.79 8.29 -0.31
N ILE A 232 -7.14 7.34 0.55
CA ILE A 232 -8.22 6.35 0.29
C ILE A 232 -9.35 6.59 1.30
N THR A 233 -10.60 6.51 0.87
CA THR A 233 -11.75 6.62 1.80
C THR A 233 -12.81 5.63 1.38
N TYR A 234 -13.90 5.59 2.14
CA TYR A 234 -15.02 4.64 1.88
C TYR A 234 -16.32 5.44 1.80
N HIS A 235 -17.04 5.21 0.73
CA HIS A 235 -18.35 5.82 0.41
C HIS A 235 -19.46 4.84 0.86
N ASN A 236 -20.29 5.26 1.81
CA ASN A 236 -21.34 4.40 2.40
C ASN A 236 -22.40 4.06 1.32
N GLU A 237 -22.88 5.06 0.56
CA GLU A 237 -23.98 4.86 -0.42
C GLU A 237 -23.50 3.96 -1.56
N LEU A 238 -22.34 4.25 -2.15
CA LEU A 238 -21.81 3.49 -3.33
C LEU A 238 -21.22 2.17 -2.84
N GLU A 239 -21.07 1.99 -1.52
CA GLU A 239 -20.50 0.78 -0.88
C GLU A 239 -19.17 0.44 -1.51
N THR A 240 -18.29 1.42 -1.69
CA THR A 240 -16.99 1.19 -2.35
C THR A 240 -15.92 2.10 -1.74
N GLN A 241 -14.67 1.65 -1.82
CA GLN A 241 -13.49 2.51 -1.54
C GLN A 241 -13.42 3.53 -2.69
N LEU A 242 -13.06 4.77 -2.38
CA LEU A 242 -12.80 5.83 -3.38
C LEU A 242 -11.43 6.42 -3.06
N TYR A 243 -10.83 7.07 -4.04
CA TYR A 243 -9.55 7.80 -3.91
C TYR A 243 -9.83 9.30 -3.95
N MET A 244 -9.10 10.07 -3.15
CA MET A 244 -9.10 11.54 -3.31
C MET A 244 -8.21 11.86 -4.52
N ARG A 245 -8.57 12.90 -5.29
CA ARG A 245 -7.79 13.22 -6.51
C ARG A 245 -6.37 13.63 -6.13
N ILE A 246 -5.40 13.24 -6.95
CA ILE A 246 -4.02 13.76 -6.86
C ILE A 246 -3.83 14.86 -7.90
N ALA A 247 -4.74 15.00 -8.85
CA ALA A 247 -4.67 16.00 -9.93
C ALA A 247 -6.06 16.15 -10.54
N THR A 248 -6.26 17.15 -11.41
CA THR A 248 -7.57 17.38 -12.06
C THR A 248 -7.53 16.97 -13.55
N GLU A 249 -6.35 16.65 -14.07
CA GLU A 249 -6.05 16.46 -15.50
C GLU A 249 -7.04 15.54 -16.19
N LEU A 250 -7.28 14.33 -15.66
CA LEU A 250 -8.01 13.28 -16.42
C LEU A 250 -9.47 13.72 -16.61
N TYR A 251 -10.05 14.42 -15.65
CA TYR A 251 -11.42 14.96 -15.81
C TYR A 251 -11.40 16.18 -16.72
N LEU A 252 -10.45 17.11 -16.53
CA LEU A 252 -10.47 18.36 -17.32
C LEU A 252 -10.31 18.02 -18.81
N LYS A 253 -9.47 17.03 -19.16
CA LYS A 253 -9.27 16.66 -20.58
C LYS A 253 -10.60 16.16 -21.17
N GLN A 254 -11.44 15.51 -20.37
CA GLN A 254 -12.76 15.03 -20.86
C GLN A 254 -13.62 16.23 -21.29
N LEU A 255 -13.45 17.40 -20.66
CA LEU A 255 -14.24 18.60 -21.00
C LEU A 255 -13.79 19.15 -22.34
N ILE A 256 -12.53 18.92 -22.72
CA ILE A 256 -12.05 19.35 -24.06
C ILE A 256 -12.61 18.37 -25.11
N VAL A 257 -12.68 17.08 -24.81
CA VAL A 257 -13.42 16.13 -25.70
C VAL A 257 -14.86 16.66 -25.85
N GLY A 258 -15.43 17.14 -24.75
CA GLY A 258 -16.81 17.65 -24.73
C GLY A 258 -17.00 18.95 -25.47
N GLY A 259 -15.91 19.59 -25.95
CA GLY A 259 -15.99 20.81 -26.78
C GLY A 259 -16.01 22.11 -25.98
N LEU A 260 -15.68 22.12 -24.69
CA LEU A 260 -15.70 23.38 -23.89
C LEU A 260 -14.47 24.25 -24.23
N ASP A 261 -13.47 23.71 -24.92
CA ASP A 261 -12.39 24.44 -25.64
C ASP A 261 -11.34 25.05 -24.68
N LYS A 262 -11.76 25.73 -23.61
CA LYS A 262 -10.85 26.38 -22.65
C LYS A 262 -11.43 26.21 -21.25
N VAL A 263 -10.80 25.39 -20.40
CA VAL A 263 -11.31 25.17 -19.00
C VAL A 263 -10.16 25.35 -18.02
N TYR A 264 -10.49 25.79 -16.82
CA TYR A 264 -9.52 25.77 -15.71
C TYR A 264 -10.23 25.44 -14.41
N GLU A 265 -9.43 24.98 -13.46
CA GLU A 265 -9.89 24.66 -12.10
C GLU A 265 -8.76 24.97 -11.12
N ILE A 266 -9.09 25.78 -10.09
CA ILE A 266 -8.19 26.02 -8.95
C ILE A 266 -8.78 25.30 -7.75
N GLY A 267 -8.04 24.34 -7.19
CA GLY A 267 -8.60 23.62 -6.06
C GLY A 267 -7.63 22.68 -5.42
N LYS A 268 -8.08 22.08 -4.34
CA LYS A 268 -7.23 21.18 -3.52
C LYS A 268 -6.96 19.87 -4.26
N VAL A 269 -5.75 19.38 -4.10
CA VAL A 269 -5.36 18.00 -4.45
C VAL A 269 -4.68 17.40 -3.22
N PHE A 270 -4.60 16.09 -3.19
CA PHE A 270 -4.26 15.33 -1.96
C PHE A 270 -3.20 14.32 -2.32
N ARG A 271 -1.97 14.55 -1.87
CA ARG A 271 -0.82 13.69 -2.25
C ARG A 271 -0.25 13.14 -0.95
N ASN A 272 -0.36 11.82 -0.77
CA ASN A 272 -0.16 11.19 0.56
C ASN A 272 1.33 10.99 0.79
N GLU A 273 2.07 12.10 0.88
CA GLU A 273 3.56 12.10 0.84
C GLU A 273 4.07 12.72 2.15
N GLY A 274 5.17 13.46 2.09
CA GLY A 274 5.84 14.05 3.25
C GLY A 274 5.33 15.45 3.56
N ILE A 275 5.64 15.92 4.76
CA ILE A 275 5.49 17.33 5.21
C ILE A 275 6.89 17.93 5.38
N ASP A 276 7.19 19.04 4.71
CA ASP A 276 8.48 19.75 4.90
C ASP A 276 8.28 21.22 4.48
N LEU A 277 9.37 21.95 4.29
CA LEU A 277 9.31 23.41 3.94
C LEU A 277 8.53 23.64 2.63
N THR A 278 8.50 22.68 1.70
CA THR A 278 7.90 22.90 0.36
C THR A 278 6.82 21.87 0.03
N HIS A 279 6.41 21.02 0.98
CA HIS A 279 5.37 19.99 0.73
C HIS A 279 4.34 20.01 1.84
N ASN A 280 3.08 20.08 1.44
CA ASN A 280 1.93 19.83 2.35
C ASN A 280 1.04 18.83 1.61
N PRO A 281 0.81 17.63 2.15
CA PRO A 281 -0.01 16.64 1.45
C PRO A 281 -1.31 17.19 0.84
N GLU A 282 -1.97 18.07 1.57
CA GLU A 282 -3.14 18.80 1.06
C GLU A 282 -2.66 20.15 0.54
N PHE A 283 -2.78 20.41 -0.76
CA PHE A 283 -2.30 21.70 -1.32
C PHE A 283 -3.15 22.11 -2.50
N THR A 284 -2.98 23.37 -2.89
CA THR A 284 -3.83 23.98 -3.92
C THR A 284 -3.12 23.96 -5.27
N SER A 285 -3.73 23.32 -6.27
CA SER A 285 -3.19 23.34 -7.64
C SER A 285 -4.18 24.02 -8.56
N MET A 286 -3.65 24.57 -9.63
CA MET A 286 -4.45 25.07 -10.75
C MET A 286 -4.10 24.24 -11.98
N GLU A 287 -5.10 23.83 -12.73
CA GLU A 287 -4.84 23.24 -14.08
C GLU A 287 -5.72 23.97 -15.09
N PHE A 288 -5.20 24.11 -16.30
CA PHE A 288 -6.02 24.57 -17.44
C PHE A 288 -5.69 23.73 -18.65
N TYR A 289 -6.69 23.63 -19.53
CA TYR A 289 -6.64 22.91 -20.80
C TYR A 289 -7.17 23.87 -21.87
N MET A 290 -6.36 24.00 -22.92
CA MET A 290 -6.64 24.92 -24.04
C MET A 290 -6.56 24.12 -25.33
N ALA A 291 -7.72 23.92 -25.97
CA ALA A 291 -7.77 23.30 -27.32
C ALA A 291 -6.85 24.10 -28.27
N TYR A 292 -6.10 23.38 -29.07
CA TYR A 292 -5.26 23.88 -30.20
C TYR A 292 -3.94 24.50 -29.75
N ALA A 293 -3.62 24.58 -28.46
CA ALA A 293 -2.28 24.97 -27.94
C ALA A 293 -1.30 23.78 -27.98
N ASP A 294 -0.01 24.06 -28.20
CA ASP A 294 1.05 23.06 -27.95
C ASP A 294 1.95 23.59 -26.82
N TYR A 295 2.97 22.85 -26.43
CA TYR A 295 3.80 23.22 -25.26
C TYR A 295 4.58 24.52 -25.53
N TYR A 296 4.87 24.87 -26.80
CA TYR A 296 5.52 26.17 -27.13
C TYR A 296 4.56 27.31 -26.75
N ASP A 297 3.30 27.20 -27.13
CA ASP A 297 2.26 28.18 -26.76
C ASP A 297 2.18 28.30 -25.24
N LEU A 298 2.24 27.18 -24.53
CA LEU A 298 2.06 27.19 -23.05
C LEU A 298 3.29 27.82 -22.38
N MET A 299 4.50 27.68 -22.94
CA MET A 299 5.69 28.37 -22.37
C MET A 299 5.49 29.87 -22.49
N ASP A 300 5.03 30.36 -23.64
CA ASP A 300 4.81 31.82 -23.86
C ASP A 300 3.74 32.29 -22.88
N LEU A 301 2.66 31.54 -22.73
CA LEU A 301 1.57 31.96 -21.80
C LEU A 301 2.10 31.98 -20.35
N THR A 302 2.86 30.96 -19.94
CA THR A 302 3.42 30.88 -18.57
C THR A 302 4.24 32.15 -18.32
N GLU A 303 5.14 32.51 -19.23
CA GLU A 303 5.98 33.73 -19.10
C GLU A 303 5.10 34.97 -18.98
N GLU A 304 4.08 35.11 -19.81
CA GLU A 304 3.23 36.33 -19.81
C GLU A 304 2.46 36.42 -18.50
N LEU A 305 1.86 35.31 -18.08
CA LEU A 305 0.97 35.29 -16.89
C LEU A 305 1.82 35.59 -15.66
N ILE A 306 2.89 34.81 -15.45
CA ILE A 306 3.69 34.89 -14.21
C ILE A 306 4.47 36.21 -14.18
N SER A 307 5.09 36.64 -15.29
CA SER A 307 5.82 37.94 -15.26
C SER A 307 4.82 39.09 -15.03
N GLY A 308 3.64 39.02 -15.62
CA GLY A 308 2.57 40.02 -15.39
C GLY A 308 2.17 40.10 -13.91
N LEU A 309 1.99 38.95 -13.27
CA LEU A 309 1.57 38.90 -11.85
C LEU A 309 2.69 39.45 -10.95
N VAL A 310 3.94 39.10 -11.27
CA VAL A 310 5.11 39.57 -10.50
C VAL A 310 5.17 41.10 -10.63
N LEU A 311 4.99 41.62 -11.84
CA LEU A 311 5.00 43.08 -12.10
C LEU A 311 3.87 43.74 -11.30
N GLU A 312 2.67 43.19 -11.35
CA GLU A 312 1.49 43.76 -10.64
C GLU A 312 1.82 43.90 -9.15
N ILE A 313 2.43 42.87 -8.56
CA ILE A 313 2.65 42.86 -7.09
C ILE A 313 3.87 43.71 -6.72
N HIS A 314 4.98 43.60 -7.48
CA HIS A 314 6.31 44.09 -7.07
C HIS A 314 6.71 45.37 -7.80
N GLY A 315 6.08 45.72 -8.93
CA GLY A 315 6.45 46.91 -9.72
C GLY A 315 7.73 46.67 -10.50
N SER A 316 8.28 45.47 -10.45
CA SER A 316 9.37 45.11 -11.41
C SER A 316 9.46 43.59 -11.52
N LEU A 317 10.34 43.06 -12.36
CA LEU A 317 10.47 41.59 -12.54
C LEU A 317 11.61 41.04 -11.69
N LYS A 318 12.32 41.89 -10.95
CA LYS A 318 13.42 41.46 -10.06
C LYS A 318 12.93 41.65 -8.63
N ILE A 319 12.83 40.55 -7.88
CA ILE A 319 12.15 40.53 -6.56
C ILE A 319 13.03 39.84 -5.54
N PRO A 320 12.87 40.23 -4.26
CA PRO A 320 13.69 39.68 -3.19
C PRO A 320 13.26 38.28 -2.76
N TYR A 321 14.21 37.50 -2.29
CA TYR A 321 13.93 36.22 -1.63
C TYR A 321 14.98 35.98 -0.54
N HIS A 322 14.50 35.55 0.62
CA HIS A 322 15.28 35.15 1.83
C HIS A 322 15.21 33.65 1.99
N PRO A 323 16.12 32.89 1.34
CA PRO A 323 15.99 31.43 1.26
C PRO A 323 16.13 30.77 2.64
N ASP A 324 16.73 31.49 3.61
CA ASP A 324 16.98 30.95 4.98
C ASP A 324 16.18 31.77 6.01
N GLY A 325 15.04 32.34 5.62
CA GLY A 325 14.23 33.21 6.51
C GLY A 325 14.83 34.62 6.59
N PRO A 326 14.13 35.59 7.23
CA PRO A 326 14.51 37.02 7.15
C PRO A 326 15.75 37.43 7.96
N GLU A 327 16.23 36.52 8.81
CA GLU A 327 17.52 36.66 9.54
C GLU A 327 18.70 36.25 8.63
N GLY A 328 18.40 35.64 7.46
CA GLY A 328 19.42 35.19 6.49
C GLY A 328 19.67 36.19 5.36
N LYS A 329 20.44 35.76 4.36
CA LYS A 329 20.81 36.57 3.16
C LYS A 329 19.54 36.88 2.33
N CYS A 330 19.60 37.98 1.58
CA CYS A 330 18.60 38.31 0.54
C CYS A 330 19.18 38.15 -0.87
N ILE A 331 18.53 37.31 -1.69
CA ILE A 331 18.89 37.14 -3.12
C ILE A 331 17.85 37.85 -3.97
N GLU A 332 18.14 37.98 -5.26
CA GLU A 332 17.22 38.56 -6.25
C GLU A 332 16.78 37.46 -7.21
N ILE A 333 15.47 37.29 -7.41
CA ILE A 333 14.92 36.38 -8.44
C ILE A 333 14.53 37.26 -9.63
N ASP A 334 15.07 36.92 -10.81
CA ASP A 334 14.83 37.68 -12.05
C ASP A 334 13.82 36.93 -12.92
N PHE A 335 12.63 37.51 -13.09
CA PHE A 335 11.52 36.97 -13.92
C PHE A 335 11.55 37.54 -15.35
N THR A 336 12.58 38.30 -15.74
CA THR A 336 12.69 38.84 -17.12
C THR A 336 12.51 37.70 -18.13
N THR A 337 11.63 37.89 -19.13
CA THR A 337 11.33 36.87 -20.16
C THR A 337 12.15 37.20 -21.41
N PRO A 338 12.48 36.23 -22.28
CA PRO A 338 12.18 34.82 -22.08
C PRO A 338 13.11 34.13 -21.07
N TRP A 339 12.62 33.04 -20.49
CA TRP A 339 13.30 32.31 -19.40
C TRP A 339 14.27 31.30 -20.00
N LYS A 340 15.28 30.95 -19.22
CA LYS A 340 16.25 29.87 -19.55
C LYS A 340 15.48 28.58 -19.85
N ARG A 341 15.89 27.83 -20.87
CA ARG A 341 15.46 26.44 -21.11
C ARG A 341 16.62 25.51 -20.85
N PHE A 342 16.37 24.41 -20.13
CA PHE A 342 17.30 23.26 -20.01
C PHE A 342 16.65 22.04 -20.62
N SER A 343 17.31 21.38 -21.58
CA SER A 343 16.83 20.09 -22.10
C SER A 343 17.12 19.01 -21.06
N PHE A 344 16.09 18.28 -20.63
CA PHE A 344 16.16 17.24 -19.59
C PHE A 344 17.40 16.35 -19.77
N VAL A 345 17.46 15.60 -20.87
CA VAL A 345 18.48 14.51 -21.02
C VAL A 345 19.86 15.16 -21.26
N GLU A 346 19.94 16.15 -22.15
CA GLU A 346 21.24 16.82 -22.48
C GLU A 346 21.86 17.43 -21.22
N GLU A 347 21.07 18.03 -20.34
CA GLU A 347 21.59 18.69 -19.12
C GLU A 347 22.07 17.62 -18.14
N ILE A 348 21.40 16.48 -18.05
CA ILE A 348 21.89 15.36 -17.21
C ILE A 348 23.26 14.93 -17.75
N GLU A 349 23.34 14.77 -19.07
CA GLU A 349 24.55 14.22 -19.74
C GLU A 349 25.71 15.21 -19.56
N SER A 350 25.45 16.52 -19.61
CA SER A 350 26.45 17.57 -19.28
C SER A 350 26.95 17.39 -17.86
N GLY A 351 26.04 17.21 -16.90
CA GLY A 351 26.39 16.92 -15.49
C GLY A 351 27.26 15.68 -15.37
N LEU A 352 26.91 14.59 -16.04
CA LEU A 352 27.60 13.27 -15.92
C LEU A 352 28.95 13.31 -16.69
N GLY A 353 29.05 14.15 -17.71
CA GLY A 353 30.17 14.10 -18.67
C GLY A 353 30.13 12.87 -19.56
N GLU A 354 28.97 12.19 -19.68
CA GLU A 354 28.80 11.09 -20.66
C GLU A 354 27.31 10.86 -20.92
N LYS A 355 27.03 10.05 -21.94
CA LYS A 355 25.65 9.90 -22.49
C LYS A 355 24.93 8.79 -21.74
N LEU A 356 23.64 9.00 -21.48
CA LEU A 356 22.71 7.91 -21.10
C LEU A 356 22.69 6.88 -22.25
N LYS A 357 22.40 5.64 -21.91
CA LYS A 357 22.25 4.55 -22.90
C LYS A 357 20.84 4.65 -23.51
N ARG A 358 20.73 4.24 -24.77
CA ARG A 358 19.45 4.22 -25.54
C ARG A 358 19.08 2.78 -25.86
N PRO A 359 17.80 2.38 -25.77
CA PRO A 359 16.72 3.25 -25.30
C PRO A 359 16.80 3.60 -23.80
N LEU A 360 16.25 4.75 -23.41
CA LEU A 360 16.35 5.27 -22.02
C LEU A 360 15.71 4.30 -21.03
N ASP A 361 14.75 3.47 -21.48
CA ASP A 361 14.04 2.55 -20.56
C ASP A 361 14.59 1.13 -20.69
N SER A 362 15.69 0.93 -21.42
CA SER A 362 16.40 -0.38 -21.52
C SER A 362 16.98 -0.77 -20.16
N GLN A 363 17.11 -2.08 -19.89
CA GLN A 363 17.81 -2.56 -18.68
C GLN A 363 19.23 -1.98 -18.66
N GLU A 364 19.87 -1.92 -19.83
CA GLU A 364 21.23 -1.34 -19.97
C GLU A 364 21.24 0.07 -19.36
N ASN A 365 20.31 0.93 -19.74
CA ASN A 365 20.29 2.33 -19.23
C ASN A 365 19.87 2.34 -17.75
N ILE A 366 18.98 1.46 -17.33
CA ILE A 366 18.59 1.38 -15.89
C ILE A 366 19.86 1.07 -15.07
N ASP A 367 20.61 0.03 -15.44
CA ASP A 367 21.87 -0.37 -14.76
C ASP A 367 22.86 0.81 -14.75
N PHE A 368 23.02 1.48 -15.90
CA PHE A 368 23.96 2.62 -16.04
C PHE A 368 23.54 3.76 -15.09
N MET A 369 22.25 4.08 -15.05
CA MET A 369 21.76 5.19 -14.20
C MET A 369 21.94 4.84 -12.73
N VAL A 370 21.75 3.57 -12.37
CA VAL A 370 22.02 3.12 -10.97
C VAL A 370 23.51 3.37 -10.69
N GLU A 371 24.39 2.94 -11.61
CA GLU A 371 25.85 3.16 -11.47
C GLU A 371 26.13 4.66 -11.31
N MET A 372 25.49 5.52 -12.11
CA MET A 372 25.73 6.98 -12.04
C MET A 372 25.24 7.53 -10.68
N CYS A 373 24.08 7.09 -10.19
CA CYS A 373 23.61 7.56 -8.85
C CYS A 373 24.64 7.18 -7.78
N GLU A 374 25.14 5.95 -7.82
CA GLU A 374 26.15 5.46 -6.83
C GLU A 374 27.40 6.33 -6.95
N LYS A 375 27.92 6.52 -8.17
CA LYS A 375 29.12 7.37 -8.42
C LYS A 375 28.93 8.78 -7.88
N HIS A 376 27.76 9.41 -8.06
CA HIS A 376 27.56 10.85 -7.72
C HIS A 376 26.87 10.98 -6.37
N GLU A 377 26.75 9.87 -5.64
CA GLU A 377 26.19 9.81 -4.26
C GLU A 377 24.77 10.40 -4.28
N ILE A 378 23.98 9.98 -5.28
CA ILE A 378 22.54 10.34 -5.35
C ILE A 378 21.76 9.17 -4.75
N GLU A 379 20.90 9.48 -3.79
CA GLU A 379 20.05 8.48 -3.12
C GLU A 379 19.23 7.77 -4.21
N LEU A 380 19.21 6.44 -4.18
CA LEU A 380 18.51 5.65 -5.21
C LEU A 380 17.02 5.72 -4.91
N PRO A 381 16.18 5.70 -5.98
CA PRO A 381 14.74 5.59 -5.79
C PRO A 381 14.38 4.11 -5.56
N HIS A 382 13.17 3.85 -5.07
CA HIS A 382 12.58 2.49 -5.09
C HIS A 382 11.15 2.51 -5.64
N PRO A 383 10.79 1.69 -6.64
CA PRO A 383 11.74 0.82 -7.33
C PRO A 383 12.68 1.58 -8.24
N ARG A 384 13.65 0.86 -8.78
CA ARG A 384 14.65 1.40 -9.73
C ARG A 384 14.10 1.35 -11.17
N THR A 385 12.99 2.05 -11.40
CA THR A 385 12.42 2.22 -12.77
C THR A 385 13.27 3.24 -13.52
N ALA A 386 13.32 3.16 -14.85
CA ALA A 386 14.00 4.17 -15.68
C ALA A 386 13.48 5.56 -15.32
N ALA A 387 12.16 5.70 -15.17
CA ALA A 387 11.50 6.99 -14.86
C ALA A 387 12.07 7.56 -13.55
N LYS A 388 12.10 6.76 -12.49
CA LYS A 388 12.47 7.29 -11.15
C LYS A 388 13.98 7.58 -11.11
N LEU A 389 14.77 6.83 -11.82
CA LEU A 389 16.24 7.09 -11.93
C LEU A 389 16.47 8.39 -12.71
N LEU A 390 15.76 8.58 -13.81
CA LEU A 390 15.86 9.84 -14.59
C LEU A 390 15.51 11.01 -13.69
N ASP A 391 14.45 10.90 -12.91
CA ASP A 391 14.00 11.95 -11.98
C ASP A 391 15.12 12.28 -10.97
N LYS A 392 15.73 11.27 -10.34
CA LYS A 392 16.83 11.49 -9.37
C LYS A 392 17.99 12.22 -10.06
N LEU A 393 18.32 11.83 -11.28
CA LEU A 393 19.47 12.46 -12.00
C LEU A 393 19.11 13.91 -12.35
N ALA A 394 17.86 14.18 -12.75
CA ALA A 394 17.40 15.55 -13.02
C ALA A 394 17.47 16.38 -11.74
N GLY A 395 17.00 15.80 -10.63
CA GLY A 395 16.97 16.49 -9.31
C GLY A 395 18.38 16.97 -8.94
N HIS A 396 19.37 16.12 -9.20
CA HIS A 396 20.78 16.38 -8.80
C HIS A 396 21.43 17.37 -9.78
N PHE A 397 21.27 17.16 -11.08
CA PHE A 397 22.08 17.86 -12.10
C PHE A 397 21.34 19.04 -12.72
N VAL A 398 20.02 19.11 -12.66
CA VAL A 398 19.29 20.09 -13.51
C VAL A 398 18.44 21.01 -12.65
N GLU A 399 17.63 20.47 -11.73
CA GLU A 399 16.73 21.30 -10.89
C GLU A 399 17.57 22.28 -10.06
N THR A 400 18.76 21.86 -9.68
CA THR A 400 19.68 22.67 -8.82
C THR A 400 20.22 23.86 -9.59
N LYS A 401 20.15 23.87 -10.93
CA LYS A 401 20.57 25.02 -11.75
C LYS A 401 19.46 26.06 -11.87
N CYS A 402 18.25 25.77 -11.36
CA CYS A 402 17.07 26.60 -11.67
C CYS A 402 16.80 27.59 -10.54
N THR A 403 17.58 28.67 -10.46
CA THR A 403 17.36 29.72 -9.44
C THR A 403 16.33 30.71 -9.95
N ASN A 404 16.65 31.40 -11.03
CA ASN A 404 15.63 32.18 -11.77
C ASN A 404 14.61 31.19 -12.35
N PRO A 405 13.38 31.64 -12.64
CA PRO A 405 12.44 30.80 -13.39
C PRO A 405 13.13 30.20 -14.62
N SER A 406 13.13 28.87 -14.68
CA SER A 406 13.77 28.10 -15.76
C SER A 406 12.83 26.96 -16.17
N PHE A 407 12.72 26.74 -17.48
CA PHE A 407 11.97 25.59 -18.01
C PHE A 407 12.94 24.42 -18.14
N ILE A 408 12.59 23.29 -17.53
CA ILE A 408 13.20 21.98 -17.90
C ILE A 408 12.27 21.36 -18.95
N ILE A 409 12.82 21.02 -20.12
CA ILE A 409 11.97 20.65 -21.29
C ILE A 409 12.28 19.26 -21.83
N ASP A 410 11.30 18.70 -22.57
CA ASP A 410 11.51 17.53 -23.48
C ASP A 410 11.79 16.28 -22.64
N HIS A 411 11.03 16.09 -21.57
CA HIS A 411 11.15 14.92 -20.67
C HIS A 411 10.95 13.64 -21.45
N PRO A 412 11.72 12.59 -21.13
CA PRO A 412 11.46 11.25 -21.67
C PRO A 412 10.01 10.79 -21.51
N GLN A 413 9.50 10.14 -22.56
CA GLN A 413 8.16 9.49 -22.56
C GLN A 413 8.04 8.57 -21.34
N THR A 414 9.11 7.85 -21.00
CA THR A 414 9.02 6.81 -19.93
C THR A 414 8.56 7.43 -18.61
N MET A 415 8.79 8.73 -18.38
CA MET A 415 8.39 9.37 -17.11
C MET A 415 7.19 10.32 -17.32
N SER A 416 6.60 10.31 -18.52
CA SER A 416 5.58 11.30 -18.97
C SER A 416 4.45 10.57 -19.69
N PRO A 417 3.71 9.71 -18.95
CA PRO A 417 2.70 8.84 -19.58
C PRO A 417 1.53 9.56 -20.27
N LEU A 418 1.30 10.83 -20.02
CA LEU A 418 0.15 11.57 -20.62
C LEU A 418 0.63 12.67 -21.54
N ALA A 419 1.94 12.79 -21.76
CA ALA A 419 2.51 13.83 -22.63
C ALA A 419 2.70 13.25 -24.02
N LYS A 420 2.40 14.06 -25.03
CA LYS A 420 2.48 13.64 -26.45
C LYS A 420 3.94 13.49 -26.84
N TRP A 421 4.23 12.47 -27.63
CA TRP A 421 5.59 12.24 -28.21
C TRP A 421 6.13 13.53 -28.82
N HIS A 422 7.42 13.76 -28.67
CA HIS A 422 8.07 14.96 -29.22
C HIS A 422 8.02 14.87 -30.76
N ARG A 423 7.66 15.96 -31.41
CA ARG A 423 7.50 15.94 -32.89
C ARG A 423 8.86 15.75 -33.57
N GLU A 424 9.99 15.98 -32.90
CA GLU A 424 11.34 15.87 -33.53
C GLU A 424 12.22 14.82 -32.81
N LYS A 425 12.06 14.63 -31.50
CA LYS A 425 13.08 13.92 -30.68
C LYS A 425 12.54 12.56 -30.24
N PRO A 426 13.08 11.45 -30.79
CA PRO A 426 12.69 10.12 -30.33
C PRO A 426 12.85 9.98 -28.81
N GLU A 427 11.86 9.28 -28.22
CA GLU A 427 11.80 8.88 -26.79
C GLU A 427 11.41 10.06 -25.91
N MET A 428 11.36 11.28 -26.43
CA MET A 428 11.03 12.47 -25.60
C MET A 428 9.56 12.86 -25.77
N THR A 429 9.12 13.84 -24.98
CA THR A 429 7.74 14.36 -25.07
C THR A 429 7.77 15.88 -25.15
N GLU A 430 6.64 16.45 -25.53
CA GLU A 430 6.44 17.93 -25.58
C GLU A 430 6.01 18.40 -24.20
N ARG A 431 6.96 18.33 -23.27
CA ARG A 431 6.70 18.63 -21.85
C ARG A 431 7.64 19.73 -21.38
N PHE A 432 7.16 20.51 -20.43
CA PHE A 432 8.07 21.34 -19.59
C PHE A 432 7.64 21.30 -18.15
N GLU A 433 8.62 21.53 -17.29
CA GLU A 433 8.39 21.96 -15.88
C GLU A 433 8.99 23.36 -15.72
N LEU A 434 8.31 24.20 -14.97
CA LEU A 434 8.89 25.47 -14.51
C LEU A 434 9.44 25.25 -13.10
N PHE A 435 10.72 25.56 -12.93
CA PHE A 435 11.41 25.54 -11.62
C PHE A 435 11.81 26.97 -11.26
N VAL A 436 11.58 27.32 -9.99
CA VAL A 436 12.07 28.57 -9.36
C VAL A 436 12.74 28.19 -8.04
N LEU A 437 13.97 28.67 -7.83
CA LEU A 437 14.80 28.36 -6.63
C LEU A 437 14.81 26.85 -6.39
N GLY A 438 15.06 26.09 -7.44
CA GLY A 438 15.18 24.62 -7.39
C GLY A 438 13.88 23.91 -7.06
N LYS A 439 12.72 24.59 -7.07
CA LYS A 439 11.42 23.97 -6.70
C LYS A 439 10.47 23.97 -7.90
N GLU A 440 9.71 22.90 -8.08
CA GLU A 440 8.70 22.81 -9.16
C GLU A 440 7.55 23.80 -8.88
N LEU A 441 7.22 24.63 -9.87
CA LEU A 441 6.06 25.55 -9.85
C LEU A 441 5.00 25.10 -10.87
N CYS A 442 5.43 24.69 -12.06
CA CYS A 442 4.51 24.29 -13.14
C CYS A 442 4.96 23.02 -13.83
N ASN A 443 3.97 22.35 -14.42
CA ASN A 443 4.13 21.11 -15.20
C ASN A 443 3.12 21.20 -16.34
N ALA A 444 3.55 20.95 -17.57
CA ALA A 444 2.70 21.21 -18.74
C ALA A 444 3.16 20.41 -19.95
N TYR A 445 2.25 20.16 -20.88
CA TYR A 445 2.64 19.47 -22.13
C TYR A 445 1.61 19.66 -23.22
N THR A 446 2.07 19.42 -24.44
CA THR A 446 1.17 19.02 -25.55
C THR A 446 0.53 17.71 -25.12
N GLU A 447 -0.80 17.67 -25.02
CA GLU A 447 -1.51 16.49 -24.45
C GLU A 447 -1.46 15.30 -25.40
N LEU A 448 -1.19 14.11 -24.84
CA LEU A 448 -1.30 12.88 -25.65
C LEU A 448 -2.79 12.68 -26.00
N ASN A 449 -3.10 12.55 -27.28
CA ASN A 449 -4.52 12.39 -27.75
C ASN A 449 -4.66 11.15 -28.63
N GLU A 450 -3.69 10.24 -28.58
CA GLU A 450 -3.61 9.03 -29.42
C GLU A 450 -3.88 7.85 -28.48
N PRO A 451 -5.07 7.21 -28.55
CA PRO A 451 -5.50 6.30 -27.48
C PRO A 451 -4.73 4.96 -27.45
N LEU A 452 -4.16 4.53 -28.57
CA LEU A 452 -3.41 3.25 -28.57
C LEU A 452 -2.19 3.41 -27.67
N GLN A 453 -1.33 4.40 -27.93
CA GLN A 453 -0.16 4.70 -27.09
C GLN A 453 -0.59 5.03 -25.67
N GLN A 454 -1.65 5.83 -25.52
CA GLN A 454 -2.10 6.21 -24.16
C GLN A 454 -2.32 4.92 -23.35
N ARG A 455 -3.04 3.95 -23.92
CA ARG A 455 -3.39 2.70 -23.19
C ARG A 455 -2.10 1.98 -22.86
N LYS A 456 -1.16 1.93 -23.80
CA LYS A 456 0.15 1.27 -23.61
C LYS A 456 0.88 1.90 -22.42
N PHE A 457 0.93 3.23 -22.35
CA PHE A 457 1.68 3.95 -21.29
C PHE A 457 1.01 3.69 -19.94
N PHE A 458 -0.33 3.63 -19.89
CA PHE A 458 -1.08 3.33 -18.65
C PHE A 458 -0.75 1.89 -18.21
N GLU A 459 -0.67 0.95 -19.14
CA GLU A 459 -0.30 -0.47 -18.82
C GLU A 459 1.12 -0.49 -18.24
N GLN A 460 2.05 0.27 -18.82
CA GLN A 460 3.45 0.36 -18.30
C GLN A 460 3.45 0.95 -16.90
N GLN A 461 2.61 1.96 -16.64
CA GLN A 461 2.49 2.62 -15.31
C GLN A 461 1.95 1.59 -14.32
N ALA A 462 0.94 0.81 -14.71
CA ALA A 462 0.28 -0.22 -13.88
C ALA A 462 1.32 -1.31 -13.55
N ASP A 463 2.18 -1.68 -14.49
CA ASP A 463 3.28 -2.67 -14.28
C ASP A 463 4.27 -2.12 -13.25
N ALA A 464 4.68 -0.85 -13.38
CA ALA A 464 5.58 -0.20 -12.40
C ALA A 464 4.90 -0.23 -11.02
N LYS A 465 3.62 0.08 -10.94
CA LYS A 465 2.82 0.08 -9.68
C LYS A 465 2.83 -1.32 -9.03
N ALA A 466 2.57 -2.37 -9.82
CA ALA A 466 2.50 -3.77 -9.35
C ALA A 466 3.89 -4.24 -8.88
N SER A 467 4.97 -3.65 -9.43
CA SER A 467 6.37 -3.93 -9.03
C SER A 467 6.78 -3.13 -7.77
N GLY A 468 5.90 -2.29 -7.21
CA GLY A 468 6.14 -1.58 -5.93
C GLY A 468 6.37 -0.08 -6.10
N ASP A 469 6.09 0.50 -7.27
CA ASP A 469 6.14 1.97 -7.51
C ASP A 469 4.88 2.58 -6.94
N VAL A 470 4.98 3.10 -5.73
CA VAL A 470 3.83 3.61 -4.92
C VAL A 470 3.34 4.93 -5.54
N GLU A 471 4.09 5.50 -6.49
CA GLU A 471 3.72 6.79 -7.16
C GLU A 471 3.09 6.54 -8.53
N ALA A 472 3.05 5.29 -9.00
CA ALA A 472 2.47 4.97 -10.32
C ALA A 472 0.98 4.69 -10.14
N CYS A 473 0.18 5.07 -11.14
CA CYS A 473 -1.31 5.06 -11.01
C CYS A 473 -1.93 3.88 -11.75
N PRO A 474 -3.12 3.42 -11.33
CA PRO A 474 -3.84 2.36 -12.03
C PRO A 474 -4.38 2.90 -13.36
N ILE A 475 -4.76 1.97 -14.24
CA ILE A 475 -5.28 2.30 -15.61
C ILE A 475 -6.64 2.96 -15.42
N ASP A 476 -6.97 3.94 -16.24
CA ASP A 476 -8.29 4.61 -16.20
C ASP A 476 -8.98 4.34 -17.54
N GLU A 477 -9.82 3.30 -17.60
CA GLU A 477 -10.50 2.91 -18.86
C GLU A 477 -11.56 3.97 -19.23
N THR A 478 -12.17 4.66 -18.29
CA THR A 478 -13.13 5.75 -18.58
C THR A 478 -12.39 6.86 -19.38
N PHE A 479 -11.11 7.13 -19.05
CA PHE A 479 -10.34 8.20 -19.70
C PHE A 479 -9.96 7.73 -21.11
N CYS A 480 -9.52 6.49 -21.25
CA CYS A 480 -9.15 5.90 -22.56
C CYS A 480 -10.36 5.91 -23.48
N LEU A 481 -11.56 5.64 -22.97
CA LEU A 481 -12.79 5.66 -23.80
C LEU A 481 -13.08 7.11 -24.23
N ALA A 482 -12.84 8.08 -23.34
CA ALA A 482 -12.99 9.52 -23.69
C ALA A 482 -12.01 9.85 -24.83
N LEU A 483 -10.76 9.44 -24.74
CA LEU A 483 -9.79 9.68 -25.85
C LEU A 483 -10.28 9.04 -27.15
N GLU A 484 -10.96 7.90 -27.06
CA GLU A 484 -11.51 7.23 -28.27
C GLU A 484 -12.62 8.06 -28.92
N HIS A 485 -13.13 9.09 -28.25
CA HIS A 485 -14.15 10.01 -28.82
C HIS A 485 -13.49 11.22 -29.46
N GLY A 486 -12.18 11.36 -29.35
CA GLY A 486 -11.41 12.37 -30.10
C GLY A 486 -11.10 13.57 -29.22
N LEU A 487 -9.94 13.58 -28.58
CA LEU A 487 -9.41 14.80 -27.92
C LEU A 487 -8.74 15.65 -28.97
N PRO A 488 -9.25 16.87 -29.23
CA PRO A 488 -8.56 17.79 -30.13
C PRO A 488 -7.11 17.93 -29.71
N PRO A 489 -6.22 18.34 -30.64
CA PRO A 489 -4.87 18.74 -30.26
C PRO A 489 -5.07 19.77 -29.16
N THR A 490 -4.38 19.60 -28.02
CA THR A 490 -4.63 20.36 -26.79
C THR A 490 -3.32 20.58 -26.04
N GLY A 491 -3.22 21.72 -25.36
CA GLY A 491 -2.16 22.03 -24.41
C GLY A 491 -2.74 22.19 -23.01
N GLY A 492 -2.14 21.49 -22.05
CA GLY A 492 -2.57 21.54 -20.65
C GLY A 492 -1.42 21.87 -19.74
N TRP A 493 -1.76 22.28 -18.53
CA TRP A 493 -0.81 23.00 -17.64
C TRP A 493 -1.29 22.96 -16.19
N GLY A 494 -0.34 22.79 -15.29
CA GLY A 494 -0.58 22.88 -13.85
C GLY A 494 0.37 23.85 -13.18
N LEU A 495 -0.13 24.48 -12.12
CA LEU A 495 0.61 25.43 -11.26
C LEU A 495 0.37 25.07 -9.80
N GLY A 496 1.42 25.08 -9.01
CA GLY A 496 1.33 25.00 -7.54
C GLY A 496 1.05 26.36 -6.97
N ILE A 497 -0.19 26.62 -6.55
CA ILE A 497 -0.56 27.97 -6.04
C ILE A 497 0.27 28.26 -4.79
N ASP A 498 0.41 27.31 -3.86
CA ASP A 498 1.08 27.59 -2.57
C ASP A 498 2.53 28.00 -2.90
N ARG A 499 3.21 27.25 -3.76
CA ARG A 499 4.63 27.56 -4.08
C ARG A 499 4.72 28.93 -4.73
N LEU A 500 3.77 29.28 -5.60
CA LEU A 500 3.75 30.63 -6.20
C LEU A 500 3.71 31.69 -5.10
N ILE A 501 2.79 31.54 -4.14
CA ILE A 501 2.69 32.54 -3.03
C ILE A 501 4.01 32.59 -2.26
N MET A 502 4.68 31.45 -2.03
CA MET A 502 5.98 31.44 -1.31
C MET A 502 6.94 32.43 -1.98
N PHE A 503 7.08 32.40 -3.31
CA PHE A 503 8.01 33.29 -4.03
C PHE A 503 7.47 34.72 -3.99
N LEU A 504 6.19 34.91 -4.25
CA LEU A 504 5.64 36.29 -4.36
C LEU A 504 5.73 37.00 -3.01
N ALA A 505 5.47 36.30 -1.91
CA ALA A 505 5.39 36.87 -0.54
C ALA A 505 6.72 36.70 0.20
N ASP A 506 7.70 36.03 -0.40
CA ASP A 506 9.04 35.81 0.20
C ASP A 506 8.89 35.02 1.52
N LYS A 507 8.38 33.81 1.44
CA LYS A 507 8.31 32.84 2.56
C LYS A 507 9.06 31.58 2.14
N ASN A 508 9.84 30.99 3.04
CA ASN A 508 10.63 29.78 2.68
C ASN A 508 9.97 28.53 3.27
N ASN A 509 8.82 28.69 3.95
CA ASN A 509 8.04 27.57 4.53
C ASN A 509 6.61 27.64 4.00
N ILE A 510 6.17 26.56 3.35
CA ILE A 510 4.82 26.50 2.71
C ILE A 510 3.76 26.74 3.80
N LYS A 511 4.08 26.48 5.07
CA LYS A 511 3.08 26.64 6.17
C LYS A 511 2.77 28.11 6.35
N GLU A 512 3.65 29.00 5.87
CA GLU A 512 3.41 30.46 5.94
C GLU A 512 2.26 30.88 5.03
N VAL A 513 1.93 30.10 3.99
CA VAL A 513 0.96 30.56 2.96
C VAL A 513 -0.31 29.72 2.99
N ILE A 514 -0.43 28.82 3.97
CA ILE A 514 -1.64 27.97 4.18
C ILE A 514 -2.20 28.38 5.53
N LEU A 515 -3.47 28.78 5.60
CA LEU A 515 -4.01 29.27 6.91
C LEU A 515 -3.87 28.20 8.00
N PHE A 516 -4.28 26.96 7.77
CA PHE A 516 -4.27 25.91 8.82
C PHE A 516 -3.55 24.66 8.31
N PRO A 517 -2.21 24.66 8.28
CA PRO A 517 -1.47 23.49 7.80
C PRO A 517 -1.60 22.35 8.84
N ALA A 518 -1.85 21.11 8.41
CA ALA A 518 -1.96 19.95 9.34
C ALA A 518 -0.59 19.71 10.00
N MET A 519 -0.55 19.57 11.33
CA MET A 519 0.69 19.50 12.16
C MET A 519 0.71 18.16 12.93
N ARG A 520 1.87 17.71 13.40
CA ARG A 520 1.97 16.49 14.29
C ARG A 520 1.09 16.66 15.54
N SER B 21 -17.41 -3.64 -30.89
CA SER B 21 -17.86 -2.89 -32.10
C SER B 21 -16.79 -3.03 -33.21
N HIS B 22 -17.22 -3.52 -34.37
CA HIS B 22 -16.45 -3.56 -35.64
C HIS B 22 -15.96 -2.13 -35.99
N TYR B 23 -16.80 -1.13 -35.80
CA TYR B 23 -16.49 0.26 -36.20
C TYR B 23 -15.21 0.74 -35.49
N THR B 24 -15.10 0.48 -34.19
CA THR B 24 -13.93 0.87 -33.35
C THR B 24 -12.67 0.14 -33.86
N ASP B 25 -12.71 -1.19 -34.01
CA ASP B 25 -11.53 -1.97 -34.47
C ASP B 25 -11.10 -1.49 -35.86
N ASN B 26 -12.04 -1.27 -36.77
CA ASN B 26 -11.76 -0.78 -38.15
C ASN B 26 -11.12 0.61 -38.09
N ARG B 27 -11.55 1.47 -37.16
CA ARG B 27 -10.97 2.84 -37.12
C ARG B 27 -9.51 2.75 -36.64
N TYR B 28 -9.19 1.89 -35.67
CA TYR B 28 -7.81 1.63 -35.24
C TYR B 28 -6.97 1.15 -36.44
N LYS B 29 -7.56 0.29 -37.29
CA LYS B 29 -6.87 -0.26 -38.50
C LYS B 29 -6.61 0.86 -39.49
N MET B 30 -7.60 1.73 -39.74
CA MET B 30 -7.43 2.87 -40.68
C MET B 30 -6.28 3.76 -40.14
N MET B 31 -6.25 4.01 -38.84
CA MET B 31 -5.22 4.92 -38.29
C MET B 31 -3.84 4.28 -38.39
N GLU B 32 -3.73 2.97 -38.16
CA GLU B 32 -2.43 2.25 -38.32
C GLU B 32 -1.98 2.35 -39.80
N CYS B 33 -2.89 2.16 -40.74
CA CYS B 33 -2.61 2.27 -42.21
C CYS B 33 -2.13 3.69 -42.55
N ILE B 34 -2.84 4.71 -42.04
CA ILE B 34 -2.41 6.12 -42.24
C ILE B 34 -0.98 6.29 -41.70
N LYS B 35 -0.71 5.80 -40.50
CA LYS B 35 0.62 5.97 -39.84
C LYS B 35 1.70 5.33 -40.72
N ASP B 36 1.47 4.09 -41.17
CA ASP B 36 2.48 3.30 -41.91
C ASP B 36 2.73 3.93 -43.29
N ALA B 37 1.71 4.56 -43.90
CA ALA B 37 1.79 5.18 -45.24
C ALA B 37 2.49 6.55 -45.16
N GLY B 38 2.88 7.01 -43.97
CA GLY B 38 3.46 8.35 -43.77
C GLY B 38 2.46 9.47 -44.03
N ARG B 39 1.16 9.20 -43.86
CA ARG B 39 0.13 10.25 -44.05
C ARG B 39 -0.09 10.95 -42.70
N PRO B 40 -0.73 12.15 -42.67
CA PRO B 40 -0.88 12.88 -41.41
C PRO B 40 -1.53 12.02 -40.32
N PHE B 41 -0.79 11.86 -39.22
CA PHE B 41 -1.12 11.01 -38.06
C PHE B 41 -1.04 11.87 -36.80
N TYR B 42 -2.20 12.31 -36.29
CA TYR B 42 -2.29 13.13 -35.06
C TYR B 42 -1.32 14.32 -35.09
N PRO B 43 -1.44 15.25 -36.05
CA PRO B 43 -0.63 16.47 -36.03
C PRO B 43 -0.59 17.13 -34.64
N HIS B 44 0.60 17.60 -34.29
CA HIS B 44 0.89 18.20 -32.96
C HIS B 44 0.20 19.54 -32.85
N LYS B 45 0.25 20.33 -33.90
CA LYS B 45 -0.21 21.73 -33.89
C LYS B 45 -0.99 22.02 -35.17
N PHE B 46 -2.21 22.49 -35.01
CA PHE B 46 -2.98 23.08 -36.13
C PHE B 46 -3.19 24.56 -35.78
N LYS B 47 -2.74 25.46 -36.65
CA LYS B 47 -2.82 26.93 -36.45
C LYS B 47 -4.09 27.46 -37.11
N ILE B 48 -5.12 27.74 -36.33
CA ILE B 48 -6.39 28.29 -36.90
C ILE B 48 -6.14 29.75 -37.25
N SER B 49 -6.76 30.26 -38.29
CA SER B 49 -6.71 31.69 -38.67
C SER B 49 -7.53 32.47 -37.65
N MET B 50 -8.62 31.90 -37.21
CA MET B 50 -9.53 32.56 -36.27
C MET B 50 -10.54 31.51 -35.79
N SER B 51 -11.23 31.83 -34.72
CA SER B 51 -12.24 30.94 -34.14
C SER B 51 -13.44 30.87 -35.10
N LEU B 52 -14.31 29.88 -34.91
CA LEU B 52 -15.53 29.78 -35.74
C LEU B 52 -16.47 30.94 -35.39
N PRO B 53 -16.64 31.35 -34.12
CA PRO B 53 -17.41 32.56 -33.82
C PRO B 53 -16.86 33.82 -34.50
N ALA B 54 -15.54 33.98 -34.55
CA ALA B 54 -14.88 35.12 -35.21
C ALA B 54 -15.16 35.05 -36.72
N TYR B 55 -15.13 33.85 -37.28
CA TYR B 55 -15.43 33.61 -38.71
C TYR B 55 -16.86 34.05 -39.01
N ALA B 56 -17.82 33.65 -38.17
CA ALA B 56 -19.25 34.00 -38.37
C ALA B 56 -19.43 35.52 -38.25
N LEU B 57 -18.73 36.16 -37.31
CA LEU B 57 -18.84 37.62 -37.11
C LEU B 57 -18.28 38.34 -38.34
N LYS B 58 -17.16 37.85 -38.89
CA LYS B 58 -16.50 38.52 -40.03
C LYS B 58 -17.30 38.31 -41.34
N TYR B 59 -17.78 37.10 -41.63
CA TYR B 59 -18.32 36.75 -42.98
C TYR B 59 -19.83 36.50 -42.96
N GLY B 60 -20.47 36.50 -41.79
CA GLY B 60 -21.90 36.23 -41.64
C GLY B 60 -22.79 37.14 -42.47
N ASN B 61 -22.33 38.33 -42.87
CA ASN B 61 -23.20 39.32 -43.57
C ASN B 61 -22.75 39.56 -45.01
N VAL B 62 -21.86 38.73 -45.57
CA VAL B 62 -21.57 38.86 -47.04
C VAL B 62 -22.82 38.43 -47.79
N GLU B 63 -22.96 38.88 -49.02
CA GLU B 63 -24.13 38.49 -49.88
C GLU B 63 -24.00 37.01 -50.26
N ASN B 64 -25.16 36.35 -50.48
CA ASN B 64 -25.22 34.98 -51.03
C ASN B 64 -24.24 34.82 -52.20
N GLY B 65 -23.48 33.72 -52.21
CA GLY B 65 -22.56 33.37 -53.31
C GLY B 65 -21.24 34.09 -53.25
N TYR B 66 -21.04 35.00 -52.30
CA TYR B 66 -19.75 35.72 -52.15
C TYR B 66 -18.64 34.69 -51.88
N ILE B 67 -17.53 34.81 -52.61
CA ILE B 67 -16.31 34.02 -52.30
C ILE B 67 -15.11 34.95 -52.48
N ASP B 68 -14.17 34.94 -51.53
CA ASP B 68 -12.92 35.71 -51.64
C ASP B 68 -11.78 34.71 -51.88
N LYS B 69 -11.42 34.49 -53.14
CA LYS B 69 -10.32 33.58 -53.54
C LYS B 69 -8.94 34.20 -53.23
N ASP B 70 -8.88 35.46 -52.81
CA ASP B 70 -7.60 36.15 -52.45
C ASP B 70 -7.25 35.89 -50.98
N THR B 71 -8.13 35.25 -50.20
CA THR B 71 -7.92 35.02 -48.75
C THR B 71 -8.00 33.51 -48.48
N THR B 72 -6.92 32.91 -47.98
CA THR B 72 -6.89 31.49 -47.53
C THR B 72 -6.92 31.48 -46.00
N LEU B 73 -7.83 30.73 -45.42
CA LEU B 73 -7.99 30.64 -43.95
C LEU B 73 -7.92 29.19 -43.53
N SER B 74 -7.47 28.97 -42.30
CA SER B 74 -7.49 27.65 -41.63
C SER B 74 -8.56 27.68 -40.53
N LEU B 75 -9.46 26.71 -40.53
CA LEU B 75 -10.55 26.58 -39.52
C LEU B 75 -10.52 25.15 -38.98
N SER B 76 -11.03 24.97 -37.78
CA SER B 76 -11.01 23.62 -37.14
C SER B 76 -12.24 23.48 -36.25
N GLY B 77 -12.72 22.24 -36.15
CA GLY B 77 -13.88 21.91 -35.31
C GLY B 77 -14.13 20.42 -35.37
N ARG B 78 -15.22 20.01 -34.75
CA ARG B 78 -15.65 18.59 -34.78
C ARG B 78 -16.67 18.48 -35.92
N VAL B 79 -16.52 17.44 -36.73
CA VAL B 79 -17.45 17.15 -37.86
C VAL B 79 -18.80 16.70 -37.26
N THR B 80 -19.85 17.45 -37.52
CA THR B 80 -21.23 17.07 -37.05
C THR B 80 -22.03 16.47 -38.22
N SER B 81 -21.60 16.68 -39.47
CA SER B 81 -22.33 16.20 -40.66
C SER B 81 -21.35 16.00 -41.82
N ILE B 82 -21.50 14.90 -42.55
CA ILE B 82 -20.84 14.69 -43.87
C ILE B 82 -21.93 14.29 -44.86
N ARG B 83 -22.05 15.03 -45.94
CA ARG B 83 -22.94 14.64 -47.06
C ARG B 83 -22.08 14.65 -48.33
N SER B 84 -21.77 13.47 -48.87
CA SER B 84 -21.20 13.38 -50.24
C SER B 84 -22.37 13.51 -51.21
N SER B 85 -22.64 14.72 -51.68
CA SER B 85 -23.72 14.97 -52.68
C SER B 85 -23.37 14.27 -53.99
N SER B 86 -22.09 14.20 -54.36
CA SER B 86 -21.64 13.66 -55.67
C SER B 86 -20.21 13.15 -55.55
N SER B 87 -19.68 12.54 -56.61
CA SER B 87 -18.26 12.07 -56.62
C SER B 87 -17.29 13.25 -56.54
N LYS B 88 -17.78 14.47 -56.78
CA LYS B 88 -16.94 15.67 -56.94
C LYS B 88 -17.14 16.67 -55.78
N LEU B 89 -18.13 16.46 -54.91
CA LEU B 89 -18.60 17.53 -54.00
C LEU B 89 -19.00 16.91 -52.66
N ILE B 90 -18.34 17.37 -51.59
CA ILE B 90 -18.64 16.91 -50.20
C ILE B 90 -18.98 18.15 -49.37
N PHE B 91 -20.09 18.06 -48.62
CA PHE B 91 -20.53 19.09 -47.64
C PHE B 91 -20.20 18.57 -46.25
N TYR B 92 -19.48 19.38 -45.47
CA TYR B 92 -19.29 19.12 -44.02
C TYR B 92 -19.97 20.22 -43.22
N ASP B 93 -20.47 19.85 -42.03
CA ASP B 93 -20.64 20.83 -40.94
C ASP B 93 -19.57 20.55 -39.89
N ILE B 94 -18.87 21.59 -39.47
CA ILE B 94 -17.98 21.54 -38.29
C ILE B 94 -18.55 22.45 -37.21
N PHE B 95 -18.27 22.10 -35.96
CA PHE B 95 -18.77 22.83 -34.79
C PHE B 95 -17.60 23.08 -33.83
N CYS B 96 -17.51 24.29 -33.35
CA CYS B 96 -16.48 24.67 -32.34
C CYS B 96 -16.91 25.95 -31.63
N GLU B 97 -16.73 25.99 -30.31
CA GLU B 97 -16.99 27.20 -29.50
C GLU B 97 -18.40 27.72 -29.83
N GLU B 98 -19.38 26.83 -29.89
CA GLU B 98 -20.82 27.14 -30.04
C GLU B 98 -21.16 27.70 -31.42
N GLN B 99 -20.31 27.51 -32.43
CA GLN B 99 -20.59 28.00 -33.80
C GLN B 99 -20.44 26.84 -34.80
N LYS B 100 -21.43 26.69 -35.68
CA LYS B 100 -21.43 25.78 -36.84
C LYS B 100 -20.95 26.52 -38.08
N VAL B 101 -20.08 25.90 -38.86
CA VAL B 101 -19.67 26.45 -40.17
C VAL B 101 -19.78 25.31 -41.18
N GLN B 102 -20.33 25.61 -42.37
CA GLN B 102 -20.37 24.62 -43.47
C GLN B 102 -19.04 24.64 -44.20
N ILE B 103 -18.51 23.47 -44.53
CA ILE B 103 -17.33 23.35 -45.41
C ILE B 103 -17.80 22.72 -46.74
N ILE B 104 -17.50 23.40 -47.84
CA ILE B 104 -17.79 22.91 -49.22
C ILE B 104 -16.47 22.47 -49.87
N ALA B 105 -16.30 21.17 -50.03
CA ALA B 105 -15.10 20.51 -50.57
C ALA B 105 -15.39 20.07 -52.02
N ASN B 106 -14.92 20.87 -52.98
CA ASN B 106 -15.05 20.60 -54.44
C ASN B 106 -13.73 20.01 -54.94
N ILE B 107 -13.79 18.87 -55.62
CA ILE B 107 -12.58 18.19 -56.16
C ILE B 107 -11.73 19.19 -56.94
N MET B 108 -12.34 20.16 -57.63
CA MET B 108 -11.58 21.09 -58.52
C MET B 108 -10.67 21.99 -57.67
N GLU B 109 -10.97 22.23 -56.39
CA GLU B 109 -10.16 23.11 -55.52
C GLU B 109 -9.15 22.30 -54.68
N HIS B 110 -9.15 20.98 -54.77
CA HIS B 110 -8.36 20.12 -53.86
C HIS B 110 -6.85 20.27 -54.12
N ASP B 111 -6.08 20.46 -53.05
CA ASP B 111 -4.60 20.47 -53.06
C ASP B 111 -4.10 19.02 -53.14
N ILE B 112 -3.71 18.59 -54.34
CA ILE B 112 -3.31 17.17 -54.61
C ILE B 112 -2.02 16.81 -53.85
N SER B 113 -1.24 17.79 -53.38
CA SER B 113 -0.04 17.50 -52.54
C SER B 113 -0.44 16.87 -51.19
N THR B 114 -1.70 17.01 -50.75
CA THR B 114 -2.20 16.41 -49.49
C THR B 114 -2.74 15.00 -49.75
N GLY B 115 -2.74 14.58 -51.01
CA GLY B 115 -3.31 13.30 -51.46
C GLY B 115 -4.38 13.52 -52.50
N GLU B 116 -4.81 12.45 -53.19
CA GLU B 116 -5.97 12.50 -54.11
C GLU B 116 -7.20 12.86 -53.27
N PHE B 117 -8.11 13.66 -53.84
CA PHE B 117 -9.36 14.12 -53.18
C PHE B 117 -10.05 12.94 -52.50
N SER B 118 -10.31 11.86 -53.24
CA SER B 118 -11.04 10.68 -52.70
C SER B 118 -10.31 10.12 -51.48
N VAL B 119 -8.98 10.04 -51.52
CA VAL B 119 -8.17 9.46 -50.41
C VAL B 119 -8.28 10.40 -49.20
N SER B 120 -8.09 11.70 -49.40
CA SER B 120 -8.10 12.71 -48.31
C SER B 120 -9.45 12.64 -47.56
N HIS B 121 -10.56 12.58 -48.29
CA HIS B 121 -11.93 12.64 -47.69
C HIS B 121 -12.33 11.26 -47.18
N SER B 122 -11.77 10.18 -47.71
CA SER B 122 -12.09 8.80 -47.23
C SER B 122 -11.64 8.62 -45.78
N GLU B 123 -10.69 9.42 -45.30
CA GLU B 123 -10.12 9.28 -43.93
C GLU B 123 -11.02 9.97 -42.90
N ILE B 124 -12.07 10.69 -43.30
CA ILE B 124 -12.85 11.56 -42.38
C ILE B 124 -14.18 10.89 -42.07
N ARG B 125 -14.59 10.95 -40.81
CA ARG B 125 -15.89 10.43 -40.34
C ARG B 125 -16.59 11.49 -39.50
N ARG B 126 -17.91 11.41 -39.42
CA ARG B 126 -18.71 12.18 -38.44
C ARG B 126 -18.11 11.97 -37.04
N GLY B 127 -17.92 13.06 -36.31
CA GLY B 127 -17.33 13.05 -34.96
C GLY B 127 -15.86 13.38 -34.96
N ASP B 128 -15.17 13.31 -36.10
CA ASP B 128 -13.72 13.59 -36.14
C ASP B 128 -13.44 15.06 -35.86
N VAL B 129 -12.35 15.32 -35.14
CA VAL B 129 -11.79 16.68 -35.05
C VAL B 129 -10.89 16.86 -36.26
N VAL B 130 -11.14 17.91 -37.04
CA VAL B 130 -10.46 18.10 -38.35
C VAL B 130 -10.11 19.59 -38.51
N GLY B 131 -9.12 19.83 -39.36
CA GLY B 131 -8.79 21.16 -39.89
C GLY B 131 -9.12 21.24 -41.38
N PHE B 132 -9.48 22.41 -41.85
CA PHE B 132 -9.67 22.71 -43.28
C PHE B 132 -8.93 24.00 -43.60
N THR B 133 -8.41 24.11 -44.81
CA THR B 133 -7.94 25.42 -45.34
C THR B 133 -8.77 25.72 -46.58
N GLY B 134 -9.01 27.00 -46.84
CA GLY B 134 -9.88 27.38 -47.96
C GLY B 134 -10.23 28.85 -47.98
N PHE B 135 -11.16 29.17 -48.85
CA PHE B 135 -11.58 30.55 -49.18
C PHE B 135 -12.88 30.81 -48.44
N PRO B 136 -13.04 32.00 -47.86
CA PRO B 136 -14.28 32.32 -47.16
C PRO B 136 -15.41 32.84 -48.05
N GLY B 137 -16.64 32.64 -47.57
CA GLY B 137 -17.81 33.32 -48.12
C GLY B 137 -19.08 32.59 -47.79
N LYS B 138 -19.98 32.55 -48.75
CA LYS B 138 -21.38 32.11 -48.54
C LYS B 138 -21.81 31.32 -49.77
N SER B 139 -22.44 30.17 -49.58
CA SER B 139 -23.06 29.37 -50.67
C SER B 139 -24.13 30.25 -51.36
N LYS B 140 -24.51 29.88 -52.60
CA LYS B 140 -25.58 30.60 -53.34
C LYS B 140 -26.87 30.56 -52.52
N ARG B 141 -27.08 29.51 -51.74
CA ARG B 141 -28.29 29.34 -50.88
C ARG B 141 -28.20 30.19 -49.60
N GLY B 142 -27.07 30.86 -49.32
CA GLY B 142 -26.92 31.80 -48.18
C GLY B 142 -26.29 31.18 -46.95
N GLU B 143 -25.63 30.02 -47.05
CA GLU B 143 -25.01 29.32 -45.89
C GLU B 143 -23.57 29.84 -45.73
N LEU B 144 -23.25 30.34 -44.54
CA LEU B 144 -21.85 30.68 -44.18
C LEU B 144 -20.96 29.47 -44.42
N SER B 145 -19.95 29.59 -45.28
CA SER B 145 -19.17 28.43 -45.76
C SER B 145 -17.70 28.76 -45.85
N LEU B 146 -16.87 27.72 -45.78
CA LEU B 146 -15.48 27.74 -46.25
C LEU B 146 -15.42 26.84 -47.49
N PHE B 147 -14.85 27.36 -48.57
CA PHE B 147 -14.65 26.62 -49.84
C PHE B 147 -13.25 26.01 -49.76
N SER B 148 -13.17 24.73 -49.39
CA SER B 148 -11.92 24.12 -48.89
C SER B 148 -11.02 23.68 -50.04
N LYS B 149 -9.72 23.71 -49.77
CA LYS B 149 -8.64 23.19 -50.64
C LYS B 149 -7.99 21.97 -50.00
N SER B 150 -8.16 21.80 -48.69
CA SER B 150 -7.51 20.68 -47.96
C SER B 150 -8.32 20.33 -46.72
N VAL B 151 -8.13 19.11 -46.24
CA VAL B 151 -8.68 18.62 -44.96
C VAL B 151 -7.56 17.89 -44.25
N VAL B 152 -7.43 18.10 -42.93
CA VAL B 152 -6.45 17.36 -42.09
C VAL B 152 -7.22 16.67 -40.95
N LEU B 153 -7.02 15.36 -40.81
CA LEU B 153 -7.56 14.60 -39.68
C LEU B 153 -6.69 14.91 -38.45
N LEU B 154 -7.24 15.58 -37.44
CA LEU B 154 -6.46 15.98 -36.24
C LEU B 154 -6.65 14.95 -35.13
N SER B 155 -7.88 14.51 -34.90
CA SER B 155 -8.17 13.52 -33.85
C SER B 155 -9.45 12.77 -34.19
N PRO B 156 -9.35 11.52 -34.67
CA PRO B 156 -10.53 10.76 -35.07
C PRO B 156 -11.39 10.33 -33.90
N CYS B 157 -12.68 10.24 -34.16
CA CYS B 157 -13.65 9.60 -33.25
C CYS B 157 -13.77 8.11 -33.61
N TYR B 158 -13.54 7.20 -32.66
CA TYR B 158 -13.46 5.72 -32.93
C TYR B 158 -14.83 5.06 -32.70
N HIS B 159 -15.86 5.87 -32.44
CA HIS B 159 -17.22 5.39 -32.08
C HIS B 159 -18.23 6.08 -32.98
N MET B 160 -19.26 5.33 -33.39
CA MET B 160 -20.42 5.90 -34.09
C MET B 160 -21.21 6.70 -33.07
N LEU B 161 -21.30 8.01 -33.27
CA LEU B 161 -21.95 8.92 -32.29
C LEU B 161 -23.46 8.83 -32.45
N PRO B 162 -24.22 8.81 -31.32
CA PRO B 162 -25.67 8.98 -31.40
C PRO B 162 -25.92 10.32 -32.08
N THR B 163 -27.09 10.49 -32.70
CA THR B 163 -27.40 11.73 -33.45
C THR B 163 -27.88 12.78 -32.43
N ALA B 164 -28.46 12.33 -31.30
CA ALA B 164 -28.88 13.16 -30.13
C ALA B 164 -28.72 12.34 -28.83
N ILE B 165 -28.60 13.02 -27.68
CA ILE B 165 -28.38 12.43 -26.32
C ILE B 165 -29.00 11.02 -26.28
N ASP B 170 -30.18 9.36 -22.81
CA ASP B 170 -30.13 8.48 -21.61
C ASP B 170 -29.37 9.18 -20.48
N GLN B 171 -30.06 9.48 -19.39
CA GLN B 171 -29.42 10.10 -18.20
C GLN B 171 -28.13 9.35 -17.87
N GLU B 172 -28.17 8.01 -17.81
CA GLU B 172 -27.02 7.22 -17.30
C GLU B 172 -25.77 7.52 -18.14
N VAL B 173 -25.87 7.46 -19.47
CA VAL B 173 -24.71 7.73 -20.37
C VAL B 173 -24.31 9.21 -20.20
N ARG B 174 -25.27 10.13 -20.06
CA ARG B 174 -24.97 11.59 -20.00
C ARG B 174 -24.05 11.86 -18.78
N TYR B 175 -24.23 11.13 -17.69
CA TYR B 175 -23.50 11.33 -16.41
C TYR B 175 -22.19 10.54 -16.40
N ARG B 176 -22.17 9.35 -17.00
CA ARG B 176 -20.97 8.48 -16.99
C ARG B 176 -20.00 8.88 -18.09
N GLN B 177 -20.52 9.47 -19.16
CA GLN B 177 -19.73 9.93 -20.32
C GLN B 177 -20.13 11.37 -20.59
N ARG B 178 -19.79 12.26 -19.67
CA ARG B 178 -20.23 13.66 -19.70
C ARG B 178 -19.73 14.32 -20.97
N TYR B 179 -18.58 13.90 -21.50
CA TYR B 179 -18.05 14.46 -22.76
C TYR B 179 -19.05 14.27 -23.91
N LEU B 180 -19.81 13.15 -23.92
CA LEU B 180 -20.83 12.92 -24.99
C LEU B 180 -21.98 13.89 -24.82
N ASP B 181 -22.43 14.06 -23.58
CA ASP B 181 -23.51 15.02 -23.26
C ASP B 181 -23.10 16.41 -23.73
N LEU B 182 -21.89 16.85 -23.36
CA LEU B 182 -21.42 18.22 -23.71
C LEU B 182 -21.24 18.33 -25.22
N MET B 183 -20.75 17.26 -25.85
CA MET B 183 -20.51 17.27 -27.33
C MET B 183 -21.84 17.47 -28.09
N LEU B 184 -22.91 16.83 -27.63
CA LEU B 184 -24.16 16.68 -28.43
C LEU B 184 -25.29 17.58 -27.92
N ASN B 185 -25.22 18.05 -26.68
CA ASN B 185 -26.40 18.69 -26.02
C ASN B 185 -26.06 20.13 -25.56
N GLU B 186 -26.52 21.11 -26.34
CA GLU B 186 -26.35 22.54 -26.05
C GLU B 186 -26.91 22.86 -24.65
N GLU B 187 -28.05 22.28 -24.27
CA GLU B 187 -28.69 22.55 -22.96
C GLU B 187 -27.72 22.19 -21.84
N SER B 188 -26.95 21.10 -21.97
CA SER B 188 -25.96 20.68 -20.96
C SER B 188 -24.84 21.72 -20.85
N ARG B 189 -24.30 22.17 -21.98
CA ARG B 189 -23.24 23.21 -21.98
C ARG B 189 -23.78 24.49 -21.33
N LYS B 190 -25.03 24.85 -21.58
CA LYS B 190 -25.64 26.06 -20.99
C LYS B 190 -25.68 25.96 -19.45
N VAL B 191 -26.01 24.81 -18.88
CA VAL B 191 -26.08 24.62 -17.40
C VAL B 191 -24.71 24.95 -16.79
N PHE B 192 -23.62 24.45 -17.38
CA PHE B 192 -22.29 24.59 -16.75
C PHE B 192 -21.78 26.03 -16.93
N LYS B 193 -22.13 26.68 -18.02
CA LYS B 193 -21.81 28.10 -18.22
C LYS B 193 -22.58 28.93 -17.20
N LEU B 194 -23.85 28.62 -16.97
CA LEU B 194 -24.67 29.36 -15.96
C LEU B 194 -24.08 29.11 -14.57
N ARG B 195 -23.65 27.88 -14.25
CA ARG B 195 -23.05 27.59 -12.95
C ARG B 195 -21.83 28.50 -12.73
N SER B 196 -20.91 28.56 -13.72
CA SER B 196 -19.71 29.42 -13.61
C SER B 196 -20.15 30.89 -13.48
N ARG B 197 -21.16 31.32 -14.25
CA ARG B 197 -21.63 32.73 -14.20
C ARG B 197 -22.13 33.05 -12.79
N ALA B 198 -22.86 32.12 -12.16
CA ALA B 198 -23.50 32.35 -10.85
C ALA B 198 -22.40 32.48 -9.78
N ILE B 199 -21.42 31.58 -9.81
CA ILE B 199 -20.30 31.57 -8.84
C ILE B 199 -19.51 32.88 -8.99
N LYS B 200 -19.26 33.34 -10.22
CA LYS B 200 -18.54 34.61 -10.49
C LYS B 200 -19.35 35.78 -9.93
N TYR B 201 -20.65 35.78 -10.12
CA TYR B 201 -21.57 36.84 -9.60
C TYR B 201 -21.44 36.91 -8.07
N ILE B 202 -21.45 35.73 -7.43
CA ILE B 202 -21.40 35.61 -5.95
C ILE B 202 -20.04 36.12 -5.45
N ARG B 203 -18.93 35.71 -6.08
CA ARG B 203 -17.59 36.19 -5.66
C ARG B 203 -17.56 37.71 -5.79
N ASN B 204 -18.08 38.25 -6.88
CA ASN B 204 -18.05 39.71 -7.12
C ASN B 204 -18.83 40.42 -5.99
N TYR B 205 -19.98 39.91 -5.62
CA TYR B 205 -20.83 40.54 -4.58
C TYR B 205 -20.03 40.68 -3.28
N PHE B 206 -19.40 39.58 -2.82
CA PHE B 206 -18.64 39.57 -1.55
C PHE B 206 -17.31 40.31 -1.70
N ASP B 207 -16.60 40.14 -2.82
CA ASP B 207 -15.31 40.82 -3.04
C ASP B 207 -15.55 42.35 -2.96
N ARG B 208 -16.60 42.85 -3.57
CA ARG B 208 -16.89 44.31 -3.56
C ARG B 208 -17.25 44.77 -2.14
N LEU B 209 -17.75 43.90 -1.25
CA LEU B 209 -18.02 44.27 0.16
C LEU B 209 -16.74 44.18 1.01
N GLY B 210 -15.58 43.84 0.44
CA GLY B 210 -14.31 43.84 1.18
C GLY B 210 -14.02 42.49 1.83
N PHE B 211 -14.74 41.44 1.45
CA PHE B 211 -14.49 40.07 1.97
C PHE B 211 -13.16 39.56 1.44
N LEU B 212 -12.54 38.69 2.24
CA LEU B 212 -11.32 37.95 1.85
C LEU B 212 -11.75 36.52 1.55
N GLU B 213 -11.43 36.04 0.35
CA GLU B 213 -11.69 34.66 -0.07
C GLU B 213 -10.58 33.79 0.51
N VAL B 214 -10.92 32.72 1.20
CA VAL B 214 -9.91 31.91 1.94
C VAL B 214 -10.09 30.44 1.62
N GLU B 215 -9.05 29.65 1.93
CA GLU B 215 -9.07 28.18 1.86
C GLU B 215 -8.74 27.64 3.25
N THR B 216 -9.60 26.76 3.75
CA THR B 216 -9.41 26.05 5.03
C THR B 216 -9.28 24.57 4.70
N PRO B 217 -8.72 23.76 5.61
CA PRO B 217 -8.36 22.39 5.28
C PRO B 217 -9.56 21.44 5.16
N MET B 218 -9.43 20.55 4.20
CA MET B 218 -10.43 19.49 3.93
C MET B 218 -10.12 18.25 4.78
N LEU B 219 -8.87 18.02 5.15
CA LEU B 219 -8.45 16.82 5.95
C LEU B 219 -7.99 17.25 7.34
N ASN B 220 -8.70 16.78 8.38
CA ASN B 220 -8.52 17.27 9.76
C ASN B 220 -8.64 16.08 10.74
N MET B 221 -8.01 16.22 11.92
CA MET B 221 -8.08 15.24 13.03
C MET B 221 -9.53 15.12 13.48
N ILE B 222 -10.27 16.23 13.43
CA ILE B 222 -11.69 16.31 13.88
C ILE B 222 -12.52 16.82 12.70
N TYR B 223 -13.83 16.67 12.80
CA TYR B 223 -14.82 17.20 11.85
C TYR B 223 -15.94 17.81 12.68
N GLY B 224 -16.71 18.71 12.09
CA GLY B 224 -17.79 19.40 12.79
C GLY B 224 -18.38 20.49 11.93
N GLY B 225 -19.41 21.14 12.46
CA GLY B 225 -20.02 22.33 11.83
C GLY B 225 -21.26 21.99 11.04
N ALA B 226 -21.69 20.74 11.01
CA ALA B 226 -22.97 20.31 10.42
C ALA B 226 -23.38 18.95 11.02
N ALA B 227 -24.46 18.38 10.53
CA ALA B 227 -25.07 17.14 11.06
C ALA B 227 -25.05 16.10 9.94
N ALA B 228 -23.96 15.35 9.85
CA ALA B 228 -23.75 14.35 8.79
C ALA B 228 -22.65 13.37 9.20
N ARG B 229 -22.68 12.19 8.61
CA ARG B 229 -21.59 11.21 8.77
C ARG B 229 -20.40 11.68 7.94
N PRO B 230 -19.17 11.47 8.42
CA PRO B 230 -17.97 11.88 7.69
C PRO B 230 -17.41 10.78 6.79
N PHE B 231 -16.60 11.21 5.83
CA PHE B 231 -15.62 10.34 5.15
C PHE B 231 -14.37 10.30 6.01
N ILE B 232 -13.76 9.11 6.07
CA ILE B 232 -12.56 8.81 6.87
C ILE B 232 -11.42 8.45 5.91
N THR B 233 -10.21 8.91 6.19
CA THR B 233 -9.01 8.54 5.39
C THR B 233 -7.83 8.36 6.32
N TYR B 234 -6.68 8.03 5.76
CA TYR B 234 -5.44 7.77 6.52
C TYR B 234 -4.30 8.58 5.90
N HIS B 235 -3.56 9.30 6.75
CA HIS B 235 -2.41 10.16 6.41
C HIS B 235 -1.12 9.39 6.68
N ASN B 236 -0.31 9.14 5.65
CA ASN B 236 0.97 8.39 5.77
C ASN B 236 1.97 9.12 6.69
N GLU B 237 2.22 10.41 6.49
CA GLU B 237 3.27 11.16 7.23
C GLU B 237 2.86 11.28 8.71
N LEU B 238 1.62 11.70 8.98
CA LEU B 238 1.16 11.94 10.37
C LEU B 238 0.81 10.59 11.02
N GLU B 239 0.80 9.51 10.25
CA GLU B 239 0.46 8.14 10.73
C GLU B 239 -0.85 8.17 11.52
N THR B 240 -1.88 8.80 10.98
CA THR B 240 -3.16 8.93 11.72
C THR B 240 -4.34 8.86 10.76
N GLN B 241 -5.48 8.41 11.29
CA GLN B 241 -6.81 8.50 10.63
C GLN B 241 -7.13 10.00 10.59
N LEU B 242 -7.77 10.48 9.53
CA LEU B 242 -8.27 11.87 9.45
C LEU B 242 -9.71 11.77 8.95
N TYR B 243 -10.46 12.84 9.13
CA TYR B 243 -11.81 13.02 8.56
C TYR B 243 -11.75 14.08 7.45
N MET B 244 -12.54 13.89 6.41
CA MET B 244 -12.81 14.97 5.44
C MET B 244 -13.80 15.94 6.06
N ARG B 245 -13.69 17.23 5.77
CA ARG B 245 -14.61 18.23 6.35
C ARG B 245 -16.05 17.95 5.92
N ILE B 246 -17.00 18.18 6.82
CA ILE B 246 -18.44 18.21 6.46
C ILE B 246 -18.90 19.68 6.31
N ALA B 247 -18.10 20.62 6.74
CA ALA B 247 -18.44 22.05 6.72
C ALA B 247 -17.14 22.85 6.90
N THR B 248 -17.17 24.16 6.71
CA THR B 248 -15.97 25.03 6.86
C THR B 248 -16.09 25.90 8.12
N GLU B 249 -17.24 25.88 8.79
CA GLU B 249 -17.61 26.80 9.87
C GLU B 249 -16.52 26.90 10.96
N LEU B 250 -16.01 25.78 11.50
CA LEU B 250 -15.18 25.85 12.72
C LEU B 250 -13.83 26.49 12.39
N TYR B 251 -13.30 26.28 11.18
CA TYR B 251 -12.07 26.99 10.78
C TYR B 251 -12.38 28.47 10.45
N LEU B 252 -13.44 28.73 9.69
CA LEU B 252 -13.73 30.12 9.26
C LEU B 252 -13.94 31.00 10.49
N LYS B 253 -14.61 30.51 11.53
CA LYS B 253 -14.86 31.36 12.72
C LYS B 253 -13.54 31.74 13.36
N GLN B 254 -12.53 30.86 13.33
CA GLN B 254 -11.21 31.17 13.89
C GLN B 254 -10.59 32.37 13.15
N LEU B 255 -10.90 32.59 11.87
CA LEU B 255 -10.36 33.73 11.09
C LEU B 255 -10.99 35.04 11.57
N ILE B 256 -12.21 34.98 12.08
CA ILE B 256 -12.87 36.18 12.66
C ILE B 256 -12.24 36.46 14.05
N VAL B 257 -11.91 35.43 14.81
CA VAL B 257 -11.10 35.64 16.05
C VAL B 257 -9.78 36.31 15.64
N GLY B 258 -9.22 35.88 14.51
CA GLY B 258 -7.94 36.39 13.98
C GLY B 258 -8.02 37.85 13.51
N GLY B 259 -9.22 38.43 13.42
CA GLY B 259 -9.41 39.83 13.03
C GLY B 259 -9.56 40.05 11.52
N LEU B 260 -9.80 39.02 10.70
CA LEU B 260 -9.95 39.21 9.25
C LEU B 260 -11.31 39.83 8.90
N ASP B 261 -12.27 39.83 9.84
CA ASP B 261 -13.53 40.65 9.80
C ASP B 261 -14.58 40.12 8.81
N LYS B 262 -14.19 39.78 7.59
CA LYS B 262 -15.17 39.31 6.55
C LYS B 262 -14.46 38.27 5.71
N VAL B 263 -14.85 37.01 5.84
CA VAL B 263 -14.22 35.90 5.08
C VAL B 263 -15.30 35.08 4.39
N TYR B 264 -14.97 34.49 3.26
CA TYR B 264 -15.84 33.48 2.63
C TYR B 264 -14.98 32.41 1.99
N GLU B 265 -15.60 31.25 1.81
CA GLU B 265 -14.99 30.09 1.15
C GLU B 265 -16.05 29.33 0.37
N ILE B 266 -15.82 29.16 -0.94
CA ILE B 266 -16.67 28.29 -1.81
C ILE B 266 -15.86 27.03 -2.06
N GLY B 267 -16.36 25.88 -1.64
CA GLY B 267 -15.57 24.66 -1.83
C GLY B 267 -16.36 23.41 -1.53
N LYS B 268 -15.71 22.29 -1.80
CA LYS B 268 -16.34 20.97 -1.59
C LYS B 268 -16.44 20.66 -0.09
N VAL B 269 -17.56 20.04 0.28
CA VAL B 269 -17.70 19.35 1.59
C VAL B 269 -18.16 17.93 1.29
N PHE B 270 -17.97 17.05 2.26
CA PHE B 270 -18.09 15.58 2.04
C PHE B 270 -18.99 15.02 3.14
N ARG B 271 -20.20 14.63 2.77
CA ARG B 271 -21.21 14.17 3.76
C ARG B 271 -21.59 12.73 3.36
N ASN B 272 -21.23 11.76 4.19
CA ASN B 272 -21.22 10.33 3.80
C ASN B 272 -22.65 9.78 3.94
N GLU B 273 -23.56 10.32 3.14
CA GLU B 273 -25.03 10.11 3.27
C GLU B 273 -25.52 9.45 1.97
N GLY B 274 -26.74 9.73 1.56
CA GLY B 274 -27.38 9.07 0.40
C GLY B 274 -27.16 9.85 -0.90
N ILE B 275 -27.46 9.21 -2.02
CA ILE B 275 -27.54 9.80 -3.37
C ILE B 275 -29.01 9.82 -3.79
N ASP B 276 -29.53 10.99 -4.12
CA ASP B 276 -30.91 11.09 -4.67
C ASP B 276 -30.97 12.35 -5.52
N LEU B 277 -32.16 12.79 -5.90
CA LEU B 277 -32.33 13.96 -6.80
C LEU B 277 -31.69 15.22 -6.19
N THR B 278 -31.61 15.34 -4.86
CA THR B 278 -31.16 16.60 -4.20
C THR B 278 -29.97 16.36 -3.28
N HIS B 279 -29.35 15.17 -3.27
CA HIS B 279 -28.17 14.89 -2.44
C HIS B 279 -27.07 14.22 -3.27
N ASN B 280 -25.86 14.77 -3.18
CA ASN B 280 -24.62 14.14 -3.66
C ASN B 280 -23.64 14.20 -2.48
N PRO B 281 -23.16 13.07 -1.93
CA PRO B 281 -22.25 13.10 -0.80
C PRO B 281 -21.12 14.14 -0.93
N GLU B 282 -20.56 14.29 -2.12
CA GLU B 282 -19.58 15.36 -2.42
C GLU B 282 -20.36 16.51 -3.05
N PHE B 283 -20.39 17.67 -2.41
CA PHE B 283 -21.11 18.83 -3.00
C PHE B 283 -20.42 20.12 -2.64
N THR B 284 -20.86 21.20 -3.26
CA THR B 284 -20.20 22.50 -3.14
C THR B 284 -21.00 23.39 -2.19
N SER B 285 -20.36 23.79 -1.09
CA SER B 285 -21.00 24.78 -0.19
C SER B 285 -20.19 26.06 -0.19
N MET B 286 -20.92 27.14 0.05
CA MET B 286 -20.30 28.43 0.35
C MET B 286 -20.59 28.76 1.81
N GLU B 287 -19.57 29.22 2.55
CA GLU B 287 -19.83 29.82 3.88
C GLU B 287 -19.16 31.20 3.92
N PHE B 288 -19.79 32.12 4.63
CA PHE B 288 -19.16 33.42 4.95
C PHE B 288 -19.42 33.73 6.41
N TYR B 289 -18.50 34.49 6.97
CA TYR B 289 -18.53 35.03 8.36
C TYR B 289 -18.27 36.54 8.26
N MET B 290 -19.20 37.29 8.82
CA MET B 290 -19.17 38.76 8.85
C MET B 290 -19.19 39.24 10.30
N ALA B 291 -18.10 39.81 10.78
CA ALA B 291 -18.04 40.43 12.12
C ALA B 291 -19.12 41.54 12.20
N TYR B 292 -19.79 41.60 13.33
CA TYR B 292 -20.79 42.62 13.76
C TYR B 292 -22.16 42.45 13.08
N ALA B 293 -22.36 41.43 12.25
CA ALA B 293 -23.69 41.07 11.68
C ALA B 293 -24.47 40.23 12.69
N ASP B 294 -25.79 40.34 12.69
CA ASP B 294 -26.65 39.34 13.37
C ASP B 294 -27.52 38.65 12.31
N TYR B 295 -28.37 37.72 12.72
CA TYR B 295 -29.15 36.92 11.73
C TYR B 295 -30.16 37.80 10.99
N TYR B 296 -30.61 38.93 11.55
CA TYR B 296 -31.48 39.89 10.83
C TYR B 296 -30.73 40.47 9.65
N ASP B 297 -29.49 40.92 9.89
CA ASP B 297 -28.62 41.41 8.79
C ASP B 297 -28.50 40.35 7.71
N LEU B 298 -28.27 39.10 8.10
CA LEU B 298 -27.99 38.00 7.14
C LEU B 298 -29.25 37.67 6.35
N MET B 299 -30.46 37.81 6.92
CA MET B 299 -31.70 37.61 6.13
C MET B 299 -31.78 38.67 5.02
N ASP B 300 -31.49 39.94 5.35
CA ASP B 300 -31.55 41.03 4.35
C ASP B 300 -30.49 40.78 3.27
N LEU B 301 -29.30 40.36 3.66
CA LEU B 301 -28.23 40.07 2.67
C LEU B 301 -28.65 38.90 1.78
N THR B 302 -29.18 37.82 2.36
CA THR B 302 -29.64 36.63 1.59
C THR B 302 -30.63 37.10 0.52
N GLU B 303 -31.66 37.86 0.92
CA GLU B 303 -32.67 38.38 -0.03
C GLU B 303 -32.01 39.19 -1.13
N GLU B 304 -31.10 40.10 -0.80
CA GLU B 304 -30.49 41.00 -1.81
C GLU B 304 -29.61 40.19 -2.77
N LEU B 305 -28.78 39.29 -2.23
CA LEU B 305 -27.83 38.50 -3.04
C LEU B 305 -28.62 37.59 -3.99
N ILE B 306 -29.54 36.79 -3.44
CA ILE B 306 -30.25 35.76 -4.26
C ILE B 306 -31.23 36.44 -5.22
N SER B 307 -32.00 37.43 -4.78
CA SER B 307 -32.95 38.11 -5.71
C SER B 307 -32.16 38.81 -6.82
N GLY B 308 -31.02 39.42 -6.48
CA GLY B 308 -30.15 40.06 -7.48
C GLY B 308 -29.65 39.07 -8.51
N LEU B 309 -29.19 37.91 -8.08
CA LEU B 309 -28.66 36.88 -8.99
C LEU B 309 -29.78 36.35 -9.88
N VAL B 310 -30.96 36.13 -9.32
CA VAL B 310 -32.11 35.61 -10.11
C VAL B 310 -32.45 36.66 -11.17
N LEU B 311 -32.52 37.93 -10.78
CA LEU B 311 -32.83 39.03 -11.73
C LEU B 311 -31.75 39.09 -12.82
N GLU B 312 -30.49 39.03 -12.44
CA GLU B 312 -29.36 39.05 -13.42
C GLU B 312 -29.56 37.97 -14.48
N ILE B 313 -29.90 36.76 -14.06
CA ILE B 313 -29.95 35.59 -14.98
C ILE B 313 -31.27 35.61 -15.77
N HIS B 314 -32.40 35.92 -15.13
CA HIS B 314 -33.75 35.66 -15.70
C HIS B 314 -34.42 36.93 -16.20
N GLY B 315 -34.01 38.11 -15.75
CA GLY B 315 -34.66 39.39 -16.12
C GLY B 315 -35.97 39.55 -15.37
N SER B 316 -36.30 38.64 -14.47
CA SER B 316 -37.40 38.92 -13.49
C SER B 316 -37.19 38.08 -12.23
N LEU B 317 -38.01 38.25 -11.20
CA LEU B 317 -37.89 37.46 -9.96
C LEU B 317 -38.84 36.26 -9.96
N LYS B 318 -39.63 36.10 -11.03
CA LYS B 318 -40.56 34.95 -11.17
C LYS B 318 -40.00 34.06 -12.27
N ILE B 319 -39.63 32.84 -11.91
CA ILE B 319 -38.86 31.95 -12.80
C ILE B 319 -39.53 30.57 -12.84
N PRO B 320 -39.36 29.89 -13.98
CA PRO B 320 -39.99 28.58 -14.18
C PRO B 320 -39.23 27.46 -13.47
N TYR B 321 -39.98 26.44 -13.08
CA TYR B 321 -39.38 25.18 -12.54
C TYR B 321 -40.26 24.00 -12.95
N HIS B 322 -39.59 22.94 -13.38
CA HIS B 322 -40.17 21.62 -13.76
C HIS B 322 -39.81 20.60 -12.70
N PRO B 323 -40.63 20.46 -11.62
CA PRO B 323 -40.24 19.62 -10.49
C PRO B 323 -40.17 18.14 -10.88
N ASP B 324 -40.81 17.76 -11.99
CA ASP B 324 -40.89 16.35 -12.45
C ASP B 324 -40.18 16.19 -13.80
N GLY B 325 -39.20 17.04 -14.10
CA GLY B 325 -38.44 16.99 -15.36
C GLY B 325 -39.23 17.69 -16.46
N PRO B 326 -38.65 17.85 -17.67
CA PRO B 326 -39.23 18.74 -18.69
C PRO B 326 -40.49 18.23 -19.41
N GLU B 327 -40.78 16.93 -19.23
CA GLU B 327 -42.01 16.28 -19.74
C GLU B 327 -43.14 16.50 -18.76
N GLY B 328 -42.85 16.99 -17.54
CA GLY B 328 -43.85 17.27 -16.50
C GLY B 328 -44.35 18.72 -16.48
N LYS B 329 -45.11 19.06 -15.45
CA LYS B 329 -45.74 20.39 -15.29
C LYS B 329 -44.64 21.46 -15.05
N CYS B 330 -44.97 22.69 -15.37
CA CYS B 330 -44.14 23.88 -15.06
C CYS B 330 -44.81 24.73 -13.98
N ILE B 331 -44.09 24.97 -12.89
CA ILE B 331 -44.55 25.92 -11.83
C ILE B 331 -43.74 27.21 -11.90
N GLU B 332 -44.15 28.20 -11.13
CA GLU B 332 -43.43 29.48 -11.01
C GLU B 332 -42.87 29.59 -9.59
N ILE B 333 -41.57 29.87 -9.44
CA ILE B 333 -40.94 30.26 -8.15
C ILE B 333 -40.84 31.78 -8.13
N ASP B 334 -41.41 32.40 -7.11
CA ASP B 334 -41.42 33.87 -6.92
C ASP B 334 -40.39 34.26 -5.87
N PHE B 335 -39.32 34.94 -6.29
CA PHE B 335 -38.23 35.45 -5.43
C PHE B 335 -38.48 36.91 -5.01
N THR B 336 -39.65 37.48 -5.31
CA THR B 336 -40.00 38.84 -4.85
C THR B 336 -39.81 38.94 -3.33
N THR B 337 -39.18 40.02 -2.86
CA THR B 337 -38.93 40.30 -1.43
C THR B 337 -40.04 41.21 -0.90
N PRO B 338 -40.34 41.20 0.42
CA PRO B 338 -39.69 40.31 1.39
C PRO B 338 -40.21 38.89 1.32
N TRP B 339 -39.35 37.96 1.70
CA TRP B 339 -39.69 36.53 1.70
C TRP B 339 -40.47 36.19 2.96
N LYS B 340 -41.33 35.20 2.83
CA LYS B 340 -42.12 34.66 3.96
C LYS B 340 -41.17 34.23 5.09
N ARG B 341 -41.56 34.50 6.32
CA ARG B 341 -40.87 33.91 7.51
C ARG B 341 -41.83 32.97 8.22
N PHE B 342 -41.35 31.79 8.59
CA PHE B 342 -42.07 30.84 9.47
C PHE B 342 -41.25 30.69 10.75
N SER B 343 -41.84 30.95 11.92
CA SER B 343 -41.20 30.60 13.21
C SER B 343 -41.24 29.08 13.40
N PHE B 344 -40.09 28.45 13.62
CA PHE B 344 -39.92 26.98 13.75
C PHE B 344 -40.99 26.40 14.68
N VAL B 345 -40.99 26.80 15.95
CA VAL B 345 -41.84 26.13 16.97
C VAL B 345 -43.31 26.52 16.74
N GLU B 346 -43.61 27.79 16.54
CA GLU B 346 -45.02 28.25 16.35
C GLU B 346 -45.66 27.54 15.14
N GLU B 347 -44.92 27.33 14.06
CA GLU B 347 -45.49 26.71 12.84
C GLU B 347 -45.70 25.22 13.09
N ILE B 348 -44.83 24.57 13.86
CA ILE B 348 -45.07 23.15 14.25
C ILE B 348 -46.38 23.10 15.05
N GLU B 349 -46.53 24.01 15.99
CA GLU B 349 -47.66 24.01 16.95
C GLU B 349 -48.96 24.32 16.20
N SER B 350 -48.93 25.19 15.19
CA SER B 350 -50.06 25.40 14.24
C SER B 350 -50.44 24.09 13.56
N GLY B 351 -49.45 23.38 13.03
CA GLY B 351 -49.65 22.06 12.41
C GLY B 351 -50.30 21.08 13.38
N LEU B 352 -49.83 21.03 14.63
CA LEU B 352 -50.28 20.03 15.62
C LEU B 352 -51.66 20.43 16.19
N GLY B 353 -51.97 21.71 16.17
CA GLY B 353 -53.13 22.25 16.89
C GLY B 353 -52.93 22.26 18.39
N GLU B 354 -51.71 22.11 18.88
CA GLU B 354 -51.40 22.20 20.32
C GLU B 354 -49.90 22.45 20.52
N LYS B 355 -49.52 22.76 21.74
CA LYS B 355 -48.16 23.24 22.08
C LYS B 355 -47.24 22.05 22.37
N LEU B 356 -46.00 22.18 21.95
CA LEU B 356 -44.89 21.34 22.46
C LEU B 356 -44.80 21.56 23.97
N LYS B 357 -44.29 20.55 24.67
CA LYS B 357 -44.02 20.66 26.13
C LYS B 357 -42.70 21.39 26.35
N ARG B 358 -42.61 22.12 27.47
CA ARG B 358 -41.41 22.89 27.88
C ARG B 358 -40.82 22.27 29.14
N PRO B 359 -39.49 22.16 29.28
CA PRO B 359 -38.54 22.52 28.22
C PRO B 359 -38.56 21.58 27.00
N LEU B 360 -38.17 22.11 25.82
CA LEU B 360 -38.25 21.37 24.55
C LEU B 360 -37.38 20.11 24.58
N ASP B 361 -36.37 20.07 25.44
CA ASP B 361 -35.42 18.92 25.47
C ASP B 361 -35.71 18.04 26.70
N SER B 362 -36.83 18.27 27.40
CA SER B 362 -37.27 17.41 28.53
C SER B 362 -37.69 16.04 28.00
N GLN B 363 -37.54 14.97 28.80
CA GLN B 363 -38.10 13.64 28.44
C GLN B 363 -39.60 13.80 28.18
N GLU B 364 -40.30 14.64 28.94
CA GLU B 364 -41.74 14.89 28.70
C GLU B 364 -41.96 15.31 27.24
N ASN B 365 -41.22 16.30 26.76
CA ASN B 365 -41.41 16.79 25.36
C ASN B 365 -40.92 15.73 24.37
N ILE B 366 -39.86 14.97 24.70
CA ILE B 366 -39.41 13.87 23.80
C ILE B 366 -40.56 12.86 23.62
N ASP B 367 -41.12 12.38 24.72
CA ASP B 367 -42.28 11.43 24.70
C ASP B 367 -43.45 12.05 23.92
N PHE B 368 -43.78 13.32 24.14
CA PHE B 368 -44.91 14.01 23.46
C PHE B 368 -44.65 14.06 21.95
N MET B 369 -43.43 14.42 21.55
CA MET B 369 -43.10 14.50 20.11
C MET B 369 -43.18 13.12 19.49
N VAL B 370 -42.75 12.09 20.19
CA VAL B 370 -42.92 10.70 19.69
C VAL B 370 -44.42 10.42 19.50
N GLU B 371 -45.22 10.76 20.50
CA GLU B 371 -46.70 10.59 20.39
C GLU B 371 -47.23 11.36 19.16
N MET B 372 -46.75 12.59 18.94
CA MET B 372 -47.24 13.40 17.79
C MET B 372 -46.79 12.78 16.47
N CYS B 373 -45.56 12.28 16.39
CA CYS B 373 -45.10 11.59 15.15
C CYS B 373 -46.02 10.40 14.85
N GLU B 374 -46.32 9.60 15.87
CA GLU B 374 -47.20 8.40 15.70
C GLU B 374 -48.58 8.87 15.23
N LYS B 375 -49.16 9.86 15.91
CA LYS B 375 -50.48 10.43 15.54
C LYS B 375 -50.50 10.90 14.08
N HIS B 376 -49.46 11.59 13.60
CA HIS B 376 -49.49 12.24 12.26
C HIS B 376 -48.77 11.38 11.23
N GLU B 377 -48.41 10.15 11.60
CA GLU B 377 -47.76 9.17 10.70
C GLU B 377 -46.44 9.76 10.17
N ILE B 378 -45.66 10.37 11.06
CA ILE B 378 -44.30 10.86 10.73
C ILE B 378 -43.29 9.78 11.15
N GLU B 379 -42.41 9.42 10.25
CA GLU B 379 -41.35 8.43 10.52
C GLU B 379 -40.50 8.92 11.70
N LEU B 380 -40.23 8.06 12.67
CA LEU B 380 -39.43 8.42 13.86
C LEU B 380 -37.97 8.46 13.46
N PRO B 381 -37.18 9.35 14.07
CA PRO B 381 -35.74 9.35 13.89
C PRO B 381 -35.14 8.31 14.84
N HIS B 382 -33.88 7.95 14.61
CA HIS B 382 -33.07 7.16 15.56
C HIS B 382 -31.69 7.79 15.72
N PRO B 383 -31.21 8.04 16.97
CA PRO B 383 -32.02 7.86 18.17
C PRO B 383 -33.11 8.96 18.31
N ARG B 384 -33.98 8.82 19.30
CA ARG B 384 -35.15 9.71 19.50
C ARG B 384 -34.73 10.90 20.39
N THR B 385 -33.75 11.68 19.93
CA THR B 385 -33.30 12.91 20.64
C THR B 385 -34.34 14.02 20.38
N ALA B 386 -34.44 14.98 21.29
CA ALA B 386 -35.31 16.17 21.13
C ALA B 386 -35.02 16.80 19.78
N ALA B 387 -33.73 16.99 19.45
CA ALA B 387 -33.30 17.65 18.20
C ALA B 387 -33.87 16.92 16.99
N LYS B 388 -33.71 15.60 16.94
CA LYS B 388 -34.08 14.85 15.71
C LYS B 388 -35.60 14.79 15.58
N LEU B 389 -36.32 14.75 16.71
CA LEU B 389 -37.79 14.76 16.70
C LEU B 389 -38.29 16.14 16.22
N LEU B 390 -37.69 17.20 16.72
CA LEU B 390 -38.06 18.58 16.25
C LEU B 390 -37.87 18.68 14.75
N ASP B 391 -36.74 18.15 14.25
CA ASP B 391 -36.42 18.16 12.81
C ASP B 391 -37.53 17.43 12.01
N LYS B 392 -37.93 16.23 12.44
CA LYS B 392 -39.00 15.45 11.76
C LYS B 392 -40.29 16.26 11.74
N LEU B 393 -40.62 16.91 12.85
CA LEU B 393 -41.89 17.69 12.94
C LEU B 393 -41.80 18.90 12.02
N ALA B 394 -40.64 19.57 11.95
CA ALA B 394 -40.44 20.71 11.02
C ALA B 394 -40.59 20.20 9.57
N GLY B 395 -39.96 19.07 9.26
CA GLY B 395 -39.97 18.48 7.91
C GLY B 395 -41.41 18.27 7.44
N HIS B 396 -42.27 17.83 8.37
CA HIS B 396 -43.66 17.46 8.05
C HIS B 396 -44.53 18.72 7.97
N PHE B 397 -44.41 19.62 8.94
CA PHE B 397 -45.39 20.72 9.12
C PHE B 397 -44.89 22.06 8.57
N VAL B 398 -43.59 22.25 8.35
CA VAL B 398 -43.08 23.61 8.03
C VAL B 398 -42.34 23.62 6.68
N GLU B 399 -41.43 22.69 6.46
CA GLU B 399 -40.60 22.69 5.21
C GLU B 399 -41.53 22.52 3.99
N THR B 400 -42.63 21.78 4.18
CA THR B 400 -43.62 21.48 3.11
C THR B 400 -44.37 22.75 2.71
N LYS B 401 -44.37 23.80 3.52
CA LYS B 401 -45.05 25.08 3.19
C LYS B 401 -44.11 25.99 2.40
N CYS B 402 -42.84 25.59 2.21
CA CYS B 402 -41.81 26.50 1.64
C CYS B 402 -41.67 26.24 0.14
N THR B 403 -42.61 26.76 -0.67
CA THR B 403 -42.49 26.67 -2.15
C THR B 403 -41.62 27.81 -2.66
N ASN B 404 -42.12 29.02 -2.51
CA ASN B 404 -41.29 30.22 -2.72
C ASN B 404 -40.21 30.24 -1.67
N PRO B 405 -39.07 30.93 -1.93
CA PRO B 405 -38.05 31.13 -0.90
C PRO B 405 -38.71 31.58 0.41
N SER B 406 -38.47 30.82 1.46
CA SER B 406 -39.06 31.07 2.79
C SER B 406 -38.00 30.85 3.85
N PHE B 407 -37.96 31.73 4.83
CA PHE B 407 -37.08 31.57 6.00
C PHE B 407 -37.83 30.80 7.07
N ILE B 408 -37.25 29.69 7.51
CA ILE B 408 -37.66 29.07 8.80
C ILE B 408 -36.71 29.63 9.86
N ILE B 409 -37.26 30.23 10.91
CA ILE B 409 -36.43 31.02 11.86
C ILE B 409 -36.56 30.51 13.29
N ASP B 410 -35.58 30.86 14.12
CA ASP B 410 -35.65 30.79 15.60
C ASP B 410 -35.66 29.33 16.05
N HIS B 411 -34.82 28.52 15.46
CA HIS B 411 -34.66 27.08 15.81
C HIS B 411 -34.33 26.92 17.29
N PRO B 412 -34.92 25.92 17.96
CA PRO B 412 -34.48 25.55 19.31
C PRO B 412 -32.97 25.35 19.44
N GLN B 413 -32.44 25.82 20.57
CA GLN B 413 -31.02 25.63 20.94
C GLN B 413 -30.65 24.14 20.85
N THR B 414 -31.55 23.27 21.28
CA THR B 414 -31.19 21.81 21.40
C THR B 414 -30.77 21.26 20.04
N MET B 415 -31.20 21.86 18.93
CA MET B 415 -30.85 21.35 17.58
C MET B 415 -29.82 22.27 16.90
N SER B 416 -29.28 23.26 17.62
CA SER B 416 -28.49 24.38 17.06
C SER B 416 -27.28 24.64 17.93
N PRO B 417 -26.36 23.66 18.06
CA PRO B 417 -25.26 23.75 19.01
C PRO B 417 -24.27 24.90 18.79
N LEU B 418 -24.26 25.56 17.61
CA LEU B 418 -23.28 26.65 17.35
C LEU B 418 -24.00 27.98 17.18
N ALA B 419 -25.33 28.01 17.34
CA ALA B 419 -26.14 29.22 17.15
C ALA B 419 -26.34 29.91 18.49
N LYS B 420 -26.24 31.24 18.53
CA LYS B 420 -26.35 32.01 19.76
C LYS B 420 -27.81 32.00 20.24
N TRP B 421 -27.98 31.92 21.56
CA TRP B 421 -29.31 32.02 22.20
C TRP B 421 -30.08 33.23 21.65
N HIS B 422 -31.38 33.07 21.51
CA HIS B 422 -32.22 34.15 20.96
C HIS B 422 -32.28 35.26 22.00
N ARG B 423 -32.12 36.52 21.58
CA ARG B 423 -32.06 37.64 22.55
C ARG B 423 -33.42 37.81 23.25
N GLU B 424 -34.51 37.29 22.69
CA GLU B 424 -35.89 37.52 23.25
C GLU B 424 -36.57 36.19 23.61
N LYS B 425 -36.33 35.10 22.89
CA LYS B 425 -37.20 33.90 22.93
C LYS B 425 -36.50 32.77 23.67
N PRO B 426 -36.96 32.41 24.88
CA PRO B 426 -36.33 31.35 25.66
C PRO B 426 -36.24 30.06 24.85
N GLU B 427 -35.11 29.36 25.01
CA GLU B 427 -34.81 28.03 24.41
C GLU B 427 -34.57 28.08 22.90
N MET B 428 -34.78 29.23 22.26
CA MET B 428 -34.55 29.37 20.79
C MET B 428 -33.19 29.98 20.50
N THR B 429 -32.83 30.02 19.22
CA THR B 429 -31.55 30.64 18.76
C THR B 429 -31.83 31.63 17.64
N GLU B 430 -30.84 32.45 17.34
CA GLU B 430 -30.89 33.45 16.24
C GLU B 430 -30.43 32.75 14.97
N ARG B 431 -31.29 31.84 14.50
CA ARG B 431 -30.98 30.98 13.34
C ARG B 431 -32.06 31.15 12.28
N PHE B 432 -31.66 31.00 11.03
CA PHE B 432 -32.63 30.72 9.95
C PHE B 432 -32.08 29.65 9.01
N GLU B 433 -33.03 28.96 8.38
CA GLU B 433 -32.77 28.22 7.14
C GLU B 433 -33.58 28.88 6.01
N LEU B 434 -33.00 28.92 4.83
CA LEU B 434 -33.75 29.28 3.62
C LEU B 434 -34.17 27.98 2.94
N PHE B 435 -35.47 27.83 2.68
CA PHE B 435 -36.05 26.70 1.92
C PHE B 435 -36.62 27.24 0.62
N VAL B 436 -36.40 26.50 -0.46
CA VAL B 436 -37.07 26.72 -1.78
C VAL B 436 -37.58 25.35 -2.26
N LEU B 437 -38.85 25.29 -2.65
CA LEU B 437 -39.53 24.03 -3.11
C LEU B 437 -39.26 22.90 -2.09
N GLY B 438 -39.44 23.21 -0.80
CA GLY B 438 -39.27 22.26 0.31
C GLY B 438 -37.86 21.77 0.50
N LYS B 439 -36.84 22.38 -0.12
CA LYS B 439 -35.43 21.95 0.01
C LYS B 439 -34.57 23.04 0.67
N GLU B 440 -33.67 22.64 1.54
CA GLU B 440 -32.76 23.59 2.21
C GLU B 440 -31.77 24.18 1.19
N LEU B 441 -31.65 25.51 1.16
CA LEU B 441 -30.67 26.25 0.36
C LEU B 441 -29.62 26.94 1.25
N CYS B 442 -30.05 27.53 2.36
CA CYS B 442 -29.14 28.24 3.29
C CYS B 442 -29.40 27.84 4.73
N ASN B 443 -28.37 28.01 5.53
CA ASN B 443 -28.37 27.84 7.00
C ASN B 443 -27.48 28.93 7.56
N ALA B 444 -27.96 29.67 8.56
CA ALA B 444 -27.26 30.87 9.04
C ALA B 444 -27.66 31.21 10.47
N TYR B 445 -26.78 31.90 11.18
CA TYR B 445 -27.14 32.37 12.55
C TYR B 445 -26.25 33.49 13.03
N THR B 446 -26.74 34.18 14.05
CA THR B 446 -25.90 34.94 14.99
C THR B 446 -25.01 33.91 15.67
N GLU B 447 -23.69 34.02 15.52
CA GLU B 447 -22.76 32.95 15.96
C GLU B 447 -22.68 32.91 17.49
N LEU B 448 -22.68 31.69 18.06
CA LEU B 448 -22.44 31.55 19.50
C LEU B 448 -20.98 31.94 19.78
N ASN B 449 -20.75 32.88 20.68
CA ASN B 449 -19.38 33.38 20.98
C ASN B 449 -19.09 33.28 22.48
N GLU B 450 -19.91 32.55 23.22
CA GLU B 450 -19.78 32.40 24.70
C GLU B 450 -19.25 30.98 24.95
N PRO B 451 -17.98 30.83 25.36
CA PRO B 451 -17.32 29.52 25.32
C PRO B 451 -17.82 28.52 26.37
N LEU B 452 -18.38 28.99 27.48
CA LEU B 452 -18.90 28.06 28.51
C LEU B 452 -20.06 27.26 27.91
N GLN B 453 -21.09 27.96 27.42
CA GLN B 453 -22.25 27.30 26.73
C GLN B 453 -21.76 26.48 25.54
N GLN B 454 -20.83 27.03 24.75
CA GLN B 454 -20.37 26.32 23.55
C GLN B 454 -19.85 24.93 23.98
N ARG B 455 -19.04 24.88 25.03
CA ARG B 455 -18.41 23.61 25.50
C ARG B 455 -19.54 22.67 25.90
N LYS B 456 -20.54 23.19 26.62
CA LYS B 456 -21.69 22.39 27.11
C LYS B 456 -22.44 21.79 25.92
N PHE B 457 -22.71 22.57 24.87
CA PHE B 457 -23.45 22.11 23.68
C PHE B 457 -22.68 21.01 22.96
N PHE B 458 -21.35 21.16 22.87
CA PHE B 458 -20.47 20.15 22.26
C PHE B 458 -20.51 18.85 23.08
N GLU B 459 -20.51 18.96 24.41
CA GLU B 459 -20.61 17.77 25.31
C GLU B 459 -21.95 17.06 25.06
N GLN B 460 -23.06 17.82 24.93
CA GLN B 460 -24.39 17.24 24.62
C GLN B 460 -24.34 16.55 23.26
N GLN B 461 -23.65 17.12 22.27
CA GLN B 461 -23.54 16.52 20.91
C GLN B 461 -22.76 15.20 21.01
N ALA B 462 -21.68 15.19 21.79
CA ALA B 462 -20.83 13.98 22.00
C ALA B 462 -21.68 12.88 22.68
N ASP B 463 -22.52 13.26 23.64
CA ASP B 463 -23.49 12.35 24.32
C ASP B 463 -24.47 11.76 23.31
N ALA B 464 -25.05 12.60 22.43
CA ALA B 464 -26.00 12.12 21.41
C ALA B 464 -25.26 11.11 20.52
N LYS B 465 -24.01 11.41 20.14
CA LYS B 465 -23.18 10.52 19.27
C LYS B 465 -22.97 9.14 19.95
N ALA B 466 -22.63 9.13 21.24
CA ALA B 466 -22.39 7.89 22.04
C ALA B 466 -23.71 7.11 22.23
N SER B 467 -24.86 7.79 22.20
CA SER B 467 -26.21 7.18 22.26
C SER B 467 -26.68 6.68 20.88
N GLY B 468 -25.87 6.83 19.80
CA GLY B 468 -26.18 6.24 18.47
C GLY B 468 -26.53 7.26 17.38
N ASP B 469 -26.40 8.56 17.68
CA ASP B 469 -26.65 9.64 16.67
C ASP B 469 -25.41 9.74 15.76
N VAL B 470 -25.50 9.15 14.58
CA VAL B 470 -24.35 9.03 13.63
C VAL B 470 -24.10 10.40 12.97
N GLU B 471 -25.02 11.36 13.16
CA GLU B 471 -24.89 12.73 12.56
C GLU B 471 -24.35 13.73 13.59
N ALA B 472 -24.16 13.33 14.84
CA ALA B 472 -23.63 14.20 15.91
C ALA B 472 -22.10 14.15 15.86
N CYS B 473 -21.44 15.27 16.12
CA CYS B 473 -19.96 15.40 15.93
C CYS B 473 -19.22 15.30 17.26
N PRO B 474 -17.93 14.89 17.25
CA PRO B 474 -17.09 14.89 18.44
C PRO B 474 -16.79 16.32 18.89
N ILE B 475 -16.38 16.49 20.16
CA ILE B 475 -16.05 17.82 20.75
C ILE B 475 -14.81 18.34 20.02
N ASP B 476 -14.73 19.66 19.82
CA ASP B 476 -13.51 20.25 19.19
C ASP B 476 -12.90 21.22 20.21
N GLU B 477 -11.92 20.75 20.98
CA GLU B 477 -11.22 21.59 22.00
C GLU B 477 -10.41 22.72 21.34
N THR B 478 -9.86 22.51 20.14
CA THR B 478 -9.16 23.59 19.40
C THR B 478 -10.14 24.75 19.16
N PHE B 479 -11.40 24.44 18.85
CA PHE B 479 -12.40 25.49 18.53
C PHE B 479 -12.79 26.24 19.81
N CYS B 480 -13.01 25.51 20.88
CA CYS B 480 -13.36 26.08 22.21
C CYS B 480 -12.23 27.00 22.68
N LEU B 481 -10.98 26.62 22.45
CA LEU B 481 -9.82 27.46 22.81
C LEU B 481 -9.82 28.75 21.98
N ALA B 482 -10.15 28.65 20.69
CA ALA B 482 -10.28 29.83 19.82
C ALA B 482 -11.35 30.76 20.39
N LEU B 483 -12.52 30.24 20.76
CA LEU B 483 -13.58 31.09 21.36
C LEU B 483 -13.08 31.75 22.63
N GLU B 484 -12.21 31.08 23.39
CA GLU B 484 -11.66 31.67 24.63
C GLU B 484 -10.75 32.86 24.33
N HIS B 485 -10.36 33.08 23.05
CA HIS B 485 -9.56 34.27 22.65
C HIS B 485 -10.47 35.40 22.19
N GLY B 486 -11.79 35.18 22.16
CA GLY B 486 -12.75 36.26 21.92
C GLY B 486 -13.16 36.30 20.45
N LEU B 487 -14.27 35.64 20.13
CA LEU B 487 -14.95 35.83 18.82
C LEU B 487 -15.83 37.07 18.93
N PRO B 488 -15.57 38.11 18.11
CA PRO B 488 -16.46 39.26 18.06
C PRO B 488 -17.89 38.80 17.79
N PRO B 489 -18.91 39.62 18.14
CA PRO B 489 -20.27 39.33 17.72
C PRO B 489 -20.15 39.20 16.20
N THR B 490 -20.70 38.10 15.65
CA THR B 490 -20.53 37.67 14.25
C THR B 490 -21.82 37.06 13.74
N GLY B 491 -22.06 37.21 12.44
CA GLY B 491 -23.11 36.52 11.67
C GLY B 491 -22.45 35.62 10.63
N GLY B 492 -22.87 34.37 10.57
CA GLY B 492 -22.32 33.40 9.61
C GLY B 492 -23.41 32.67 8.86
N TRP B 493 -23.05 32.06 7.74
CA TRP B 493 -24.03 31.72 6.68
C TRP B 493 -23.44 30.66 5.76
N GLY B 494 -24.28 29.71 5.37
CA GLY B 494 -23.93 28.71 4.37
C GLY B 494 -25.00 28.65 3.27
N LEU B 495 -24.54 28.29 2.09
CA LEU B 495 -25.37 28.13 0.87
C LEU B 495 -24.97 26.85 0.17
N GLY B 496 -25.98 26.08 -0.25
CA GLY B 496 -25.73 24.92 -1.13
C GLY B 496 -25.66 25.38 -2.56
N ILE B 497 -24.45 25.48 -3.13
CA ILE B 497 -24.28 26.03 -4.50
C ILE B 497 -25.05 25.15 -5.49
N ASP B 498 -24.91 23.83 -5.40
CA ASP B 498 -25.52 22.92 -6.40
C ASP B 498 -27.03 23.13 -6.40
N ARG B 499 -27.64 23.19 -5.22
CA ARG B 499 -29.11 23.36 -5.14
C ARG B 499 -29.51 24.71 -5.71
N LEU B 500 -28.72 25.75 -5.48
CA LEU B 500 -29.00 27.07 -6.09
C LEU B 500 -29.02 26.93 -7.61
N ILE B 501 -28.02 26.29 -8.21
CA ILE B 501 -27.94 26.10 -9.70
C ILE B 501 -29.17 25.29 -10.15
N MET B 502 -29.62 24.27 -9.39
CA MET B 502 -30.84 23.49 -9.75
C MET B 502 -32.00 24.46 -10.01
N PHE B 503 -32.25 25.42 -9.12
CA PHE B 503 -33.38 26.37 -9.28
C PHE B 503 -33.07 27.33 -10.43
N LEU B 504 -31.86 27.87 -10.49
CA LEU B 504 -31.53 28.90 -11.51
C LEU B 504 -31.61 28.32 -12.93
N ALA B 505 -31.16 27.07 -13.11
CA ALA B 505 -31.05 26.41 -14.43
C ALA B 505 -32.26 25.51 -14.70
N ASP B 506 -33.18 25.37 -13.73
CA ASP B 506 -34.38 24.52 -13.85
C ASP B 506 -33.97 23.06 -14.11
N LYS B 507 -33.26 22.46 -13.18
CA LYS B 507 -32.93 21.02 -13.18
C LYS B 507 -33.48 20.42 -11.89
N ASN B 508 -34.10 19.24 -11.98
CA ASN B 508 -34.72 18.60 -10.79
C ASN B 508 -33.81 17.51 -10.27
N ASN B 509 -32.64 17.29 -10.91
CA ASN B 509 -31.65 16.29 -10.47
C ASN B 509 -30.32 17.01 -10.28
N ILE B 510 -29.76 16.90 -9.09
CA ILE B 510 -28.48 17.57 -8.72
C ILE B 510 -27.39 17.09 -9.69
N LYS B 511 -27.53 15.90 -10.27
CA LYS B 511 -26.47 15.34 -11.17
C LYS B 511 -26.42 16.17 -12.45
N GLU B 512 -27.48 16.91 -12.77
CA GLU B 512 -27.51 17.81 -13.95
C GLU B 512 -26.56 19.00 -13.76
N VAL B 513 -26.20 19.35 -12.52
CA VAL B 513 -25.44 20.61 -12.27
C VAL B 513 -24.03 20.30 -11.77
N ILE B 514 -23.66 19.02 -11.73
CA ILE B 514 -22.31 18.55 -11.34
C ILE B 514 -21.70 17.88 -12.57
N LEU B 515 -20.52 18.29 -13.02
CA LEU B 515 -19.96 17.76 -14.28
C LEU B 515 -19.81 16.23 -14.21
N PHE B 516 -19.20 15.69 -13.17
CA PHE B 516 -18.90 14.24 -13.09
C PHE B 516 -19.37 13.71 -11.74
N PRO B 517 -20.68 13.46 -11.55
CA PRO B 517 -21.16 12.89 -10.30
C PRO B 517 -20.70 11.42 -10.18
N ALA B 518 -20.12 10.99 -9.04
CA ALA B 518 -19.67 9.58 -8.84
C ALA B 518 -20.90 8.65 -8.91
N MET B 519 -20.85 7.58 -9.72
CA MET B 519 -22.00 6.68 -10.01
C MET B 519 -21.66 5.24 -9.58
N ARG B 520 -22.66 4.37 -9.35
CA ARG B 520 -22.43 2.90 -9.12
C ARG B 520 -21.58 2.29 -10.25
N ASN B 521 -20.61 1.41 -10.01
CA ASN B 521 -19.93 0.70 -11.12
C ASN B 521 -20.50 -0.73 -11.22
N SER C 21 41.19 -1.02 15.92
CA SER C 21 41.79 -1.82 17.03
C SER C 21 43.24 -2.22 16.63
N HIS C 22 44.20 -1.83 17.48
CA HIS C 22 45.62 -2.25 17.41
C HIS C 22 45.71 -3.78 17.45
N TYR C 23 44.89 -4.43 18.28
CA TYR C 23 44.93 -5.91 18.47
C TYR C 23 44.73 -6.61 17.13
N THR C 24 43.73 -6.19 16.35
CA THR C 24 43.38 -6.78 15.03
C THR C 24 44.57 -6.59 14.08
N ASP C 25 45.08 -5.36 13.91
CA ASP C 25 46.19 -5.09 12.97
C ASP C 25 47.42 -5.90 13.37
N ASN C 26 47.74 -5.94 14.66
CA ASN C 26 48.91 -6.72 15.18
C ASN C 26 48.72 -8.21 14.88
N ARG C 27 47.51 -8.72 14.97
CA ARG C 27 47.30 -10.17 14.72
C ARG C 27 47.53 -10.46 13.24
N TYR C 28 47.06 -9.59 12.34
CA TYR C 28 47.33 -9.75 10.88
C TYR C 28 48.86 -9.75 10.66
N LYS C 29 49.59 -8.91 11.38
CA LYS C 29 51.08 -8.79 11.25
C LYS C 29 51.72 -10.09 11.74
N MET C 30 51.28 -10.61 12.88
CA MET C 30 51.89 -11.86 13.38
C MET C 30 51.58 -13.01 12.40
N MET C 31 50.39 -13.03 11.79
CA MET C 31 50.07 -14.13 10.84
C MET C 31 50.92 -13.99 9.58
N GLU C 32 51.16 -12.76 9.11
CA GLU C 32 52.01 -12.53 7.92
C GLU C 32 53.44 -13.00 8.24
N CYS C 33 53.95 -12.69 9.43
CA CYS C 33 55.29 -13.14 9.90
C CYS C 33 55.35 -14.68 9.94
N ILE C 34 54.32 -15.32 10.50
CA ILE C 34 54.26 -16.81 10.51
C ILE C 34 54.34 -17.33 9.07
N LYS C 35 53.54 -16.75 8.18
CA LYS C 35 53.45 -17.20 6.76
C LYS C 35 54.82 -17.09 6.10
N ASP C 36 55.48 -15.94 6.26
CA ASP C 36 56.77 -15.65 5.56
C ASP C 36 57.88 -16.56 6.12
N ALA C 37 57.81 -16.91 7.41
CA ALA C 37 58.82 -17.72 8.11
C ALA C 37 58.64 -19.20 7.79
N GLY C 38 57.62 -19.56 6.99
CA GLY C 38 57.31 -20.99 6.70
C GLY C 38 56.86 -21.76 7.95
N ARG C 39 56.27 -21.07 8.92
CA ARG C 39 55.69 -21.75 10.11
C ARG C 39 54.26 -22.14 9.79
N PRO C 40 53.63 -23.08 10.54
CA PRO C 40 52.27 -23.52 10.22
C PRO C 40 51.31 -22.33 10.06
N PHE C 41 50.73 -22.25 8.87
CA PHE C 41 49.84 -21.15 8.43
C PHE C 41 48.53 -21.78 7.94
N TYR C 42 47.48 -21.71 8.77
CA TYR C 42 46.14 -22.25 8.42
C TYR C 42 46.22 -23.66 7.85
N PRO C 43 46.72 -24.66 8.62
CA PRO C 43 46.68 -26.05 8.17
C PRO C 43 45.31 -26.48 7.63
N HIS C 44 45.35 -27.21 6.52
CA HIS C 44 44.14 -27.61 5.75
C HIS C 44 43.31 -28.61 6.54
N LYS C 45 43.99 -29.57 7.14
CA LYS C 45 43.38 -30.76 7.77
C LYS C 45 44.08 -31.03 9.10
N PHE C 46 43.30 -31.01 10.16
CA PHE C 46 43.76 -31.47 11.48
C PHE C 46 42.92 -32.71 11.81
N LYS C 47 43.56 -33.85 12.01
CA LYS C 47 42.91 -35.15 12.25
C LYS C 47 42.78 -35.35 13.76
N ILE C 48 41.59 -35.13 14.33
CA ILE C 48 41.39 -35.33 15.78
C ILE C 48 41.34 -36.84 16.04
N SER C 49 41.84 -37.29 17.18
CA SER C 49 41.74 -38.72 17.57
C SER C 49 40.28 -39.00 17.96
N MET C 50 39.63 -38.02 18.56
CA MET C 50 38.22 -38.17 18.99
C MET C 50 37.72 -36.79 19.38
N SER C 51 36.42 -36.66 19.53
CA SER C 51 35.81 -35.37 19.92
C SER C 51 36.15 -35.10 21.39
N LEU C 52 35.96 -33.87 21.84
CA LEU C 52 36.17 -33.55 23.28
C LEU C 52 35.13 -34.26 24.14
N PRO C 53 33.85 -34.37 23.74
CA PRO C 53 32.91 -35.21 24.51
C PRO C 53 33.34 -36.67 24.60
N ALA C 54 33.89 -37.23 23.52
CA ALA C 54 34.37 -38.64 23.52
C ALA C 54 35.57 -38.75 24.46
N TYR C 55 36.43 -37.73 24.47
CA TYR C 55 37.60 -37.66 25.35
C TYR C 55 37.15 -37.68 26.81
N ALA C 56 36.15 -36.87 27.16
CA ALA C 56 35.60 -36.79 28.53
C ALA C 56 34.94 -38.12 28.90
N LEU C 57 34.26 -38.77 27.97
CA LEU C 57 33.58 -40.08 28.24
C LEU C 57 34.67 -41.12 28.55
N LYS C 58 35.77 -41.10 27.78
CA LYS C 58 36.81 -42.13 27.95
C LYS C 58 37.64 -41.88 29.22
N TYR C 59 38.07 -40.65 29.51
CA TYR C 59 39.09 -40.33 30.52
C TYR C 59 38.51 -39.60 31.73
N GLY C 60 37.25 -39.18 31.71
CA GLY C 60 36.61 -38.38 32.76
C GLY C 60 36.68 -39.01 34.15
N ASN C 61 36.79 -40.34 34.23
CA ASN C 61 36.69 -41.07 35.53
C ASN C 61 38.00 -41.76 35.87
N VAL C 62 39.12 -41.44 35.22
CA VAL C 62 40.43 -41.95 35.69
C VAL C 62 40.71 -41.30 37.05
N GLU C 63 41.55 -41.94 37.83
CA GLU C 63 41.99 -41.40 39.14
C GLU C 63 42.84 -40.13 38.93
N ASN C 64 42.83 -39.22 39.90
CA ASN C 64 43.71 -38.03 39.94
C ASN C 64 45.14 -38.44 39.62
N GLY C 65 45.82 -37.67 38.78
CA GLY C 65 47.24 -37.85 38.42
C GLY C 65 47.49 -38.97 37.41
N TYR C 66 46.44 -39.67 36.95
CA TYR C 66 46.59 -40.72 35.91
C TYR C 66 47.15 -40.10 34.65
N ILE C 67 48.17 -40.73 34.07
CA ILE C 67 48.66 -40.34 32.72
C ILE C 67 49.02 -41.61 31.96
N ASP C 68 48.61 -41.70 30.70
CA ASP C 68 49.00 -42.81 29.81
C ASP C 68 50.01 -42.27 28.79
N LYS C 69 51.31 -42.43 29.09
CA LYS C 69 52.40 -41.99 28.20
C LYS C 69 52.55 -42.94 27.00
N ASP C 70 51.82 -44.08 26.97
CA ASP C 70 51.87 -45.03 25.83
C ASP C 70 50.87 -44.65 24.73
N THR C 71 50.03 -43.62 24.94
CA THR C 71 48.96 -43.25 23.99
C THR C 71 49.12 -41.77 23.67
N THR C 72 49.32 -41.46 22.38
CA THR C 72 49.37 -40.06 21.88
C THR C 72 48.06 -39.78 21.15
N LEU C 73 47.39 -38.68 21.51
CA LEU C 73 46.09 -38.31 20.93
C LEU C 73 46.18 -36.89 20.43
N SER C 74 45.36 -36.57 19.45
CA SER C 74 45.20 -35.21 18.89
C SER C 74 43.80 -34.70 19.26
N LEU C 75 43.72 -33.48 19.81
CA LEU C 75 42.41 -32.86 20.17
C LEU C 75 42.41 -31.44 19.63
N SER C 76 41.23 -30.89 19.44
CA SER C 76 41.11 -29.49 18.96
C SER C 76 39.88 -28.84 19.56
N GLY C 77 39.98 -27.52 19.75
CA GLY C 77 38.86 -26.69 20.19
C GLY C 77 39.28 -25.25 20.18
N ARG C 78 38.41 -24.39 20.69
CA ARG C 78 38.69 -22.95 20.77
C ARG C 78 39.26 -22.70 22.17
N VAL C 79 40.34 -21.92 22.24
CA VAL C 79 41.01 -21.58 23.52
C VAL C 79 40.10 -20.63 24.29
N THR C 80 39.70 -21.02 25.49
CA THR C 80 38.86 -20.16 26.37
C THR C 80 39.71 -19.59 27.51
N SER C 81 40.89 -20.13 27.76
CA SER C 81 41.78 -19.66 28.86
C SER C 81 43.24 -20.00 28.52
N ILE C 82 44.14 -19.06 28.80
CA ILE C 82 45.61 -19.31 28.80
C ILE C 82 46.15 -18.83 30.16
N ARG C 83 46.80 -19.72 30.89
CA ARG C 83 47.45 -19.37 32.18
C ARG C 83 48.87 -19.90 32.13
N SER C 84 49.86 -19.04 32.08
CA SER C 84 51.28 -19.45 32.27
C SER C 84 51.52 -19.47 33.77
N SER C 85 51.43 -20.64 34.38
CA SER C 85 51.70 -20.79 35.84
C SER C 85 53.18 -20.51 36.11
N SER C 86 54.08 -20.88 35.17
CA SER C 86 55.54 -20.76 35.38
C SER C 86 56.25 -20.63 34.03
N SER C 87 57.57 -20.43 34.02
CA SER C 87 58.33 -20.33 32.74
C SER C 87 58.34 -21.67 32.01
N LYS C 88 57.96 -22.75 32.71
CA LYS C 88 58.08 -24.14 32.17
C LYS C 88 56.71 -24.76 31.86
N LEU C 89 55.61 -24.11 32.25
CA LEU C 89 54.29 -24.76 32.33
C LEU C 89 53.21 -23.77 31.91
N ILE C 90 52.45 -24.12 30.87
CA ILE C 90 51.28 -23.32 30.39
C ILE C 90 50.03 -24.20 30.45
N PHE C 91 48.96 -23.68 31.02
CA PHE C 91 47.62 -24.30 31.11
C PHE C 91 46.72 -23.64 30.09
N TYR C 92 46.09 -24.45 29.25
CA TYR C 92 45.01 -23.99 28.36
C TYR C 92 43.70 -24.63 28.77
N ASP C 93 42.61 -23.92 28.58
CA ASP C 93 41.29 -24.56 28.41
C ASP C 93 40.90 -24.46 26.94
N ILE C 94 40.49 -25.58 26.35
CA ILE C 94 39.85 -25.58 25.00
C ILE C 94 38.41 -26.08 25.16
N PHE C 95 37.56 -25.62 24.28
CA PHE C 95 36.13 -25.91 24.31
C PHE C 95 35.70 -26.33 22.90
N CYS C 96 34.95 -27.42 22.84
CA CYS C 96 34.41 -27.92 21.56
C CYS C 96 33.20 -28.81 21.85
N GLU C 97 32.13 -28.65 21.07
CA GLU C 97 30.95 -29.55 21.13
C GLU C 97 30.50 -29.67 22.60
N GLU C 98 30.42 -28.54 23.30
CA GLU C 98 29.88 -28.42 24.68
C GLU C 98 30.77 -29.09 25.74
N GLN C 99 32.05 -29.34 25.45
CA GLN C 99 32.96 -29.98 26.42
C GLN C 99 34.22 -29.11 26.55
N LYS C 100 34.61 -28.82 27.80
CA LYS C 100 35.90 -28.19 28.14
C LYS C 100 36.95 -29.25 28.46
N VAL C 101 38.15 -29.09 27.94
CA VAL C 101 39.30 -29.97 28.34
C VAL C 101 40.47 -29.04 28.66
N GLN C 102 41.17 -29.34 29.74
CA GLN C 102 42.40 -28.61 30.10
C GLN C 102 43.57 -29.21 29.32
N ILE C 103 44.43 -28.36 28.82
CA ILE C 103 45.73 -28.77 28.21
C ILE C 103 46.87 -28.30 29.12
N ILE C 104 47.73 -29.24 29.51
CA ILE C 104 48.92 -28.96 30.34
C ILE C 104 50.16 -29.10 29.44
N ALA C 105 50.80 -27.98 29.15
CA ALA C 105 51.93 -27.84 28.20
C ALA C 105 53.20 -27.61 29.03
N ASN C 106 53.96 -28.68 29.22
CA ASN C 106 55.22 -28.72 29.98
C ASN C 106 56.38 -28.65 28.97
N ILE C 107 57.30 -27.71 29.15
CA ILE C 107 58.47 -27.56 28.26
C ILE C 107 59.19 -28.90 28.11
N MET C 108 59.22 -29.74 29.16
CA MET C 108 59.97 -31.04 29.12
C MET C 108 59.36 -31.98 28.08
N GLU C 109 58.07 -31.84 27.76
CA GLU C 109 57.40 -32.77 26.81
C GLU C 109 57.35 -32.18 25.40
N HIS C 110 57.84 -30.95 25.20
CA HIS C 110 57.63 -30.20 23.94
C HIS C 110 58.41 -30.83 22.79
N ASP C 111 57.75 -31.03 21.66
CA ASP C 111 58.38 -31.51 20.41
C ASP C 111 59.11 -30.33 19.75
N ILE C 112 60.44 -30.25 19.92
CA ILE C 112 61.26 -29.09 19.44
C ILE C 112 61.25 -29.02 17.91
N SER C 113 60.90 -30.10 17.21
CA SER C 113 60.75 -30.07 15.72
C SER C 113 59.63 -29.12 15.29
N THR C 114 58.68 -28.77 16.18
CA THR C 114 57.54 -27.85 15.86
C THR C 114 57.96 -26.41 16.16
N GLY C 115 59.18 -26.22 16.68
CA GLY C 115 59.70 -24.91 17.14
C GLY C 115 60.08 -24.97 18.61
N GLU C 116 60.82 -23.98 19.09
CA GLU C 116 61.13 -23.83 20.54
C GLU C 116 59.79 -23.63 21.27
N PHE C 117 59.68 -24.17 22.47
CA PHE C 117 58.47 -24.12 23.33
C PHE C 117 57.94 -22.69 23.38
N SER C 118 58.79 -21.72 23.75
CA SER C 118 58.35 -20.32 23.94
C SER C 118 57.78 -19.77 22.63
N VAL C 119 58.41 -20.10 21.50
CA VAL C 119 57.98 -19.58 20.18
C VAL C 119 56.62 -20.19 19.85
N SER C 120 56.48 -21.51 20.00
CA SER C 120 55.23 -22.25 19.64
C SER C 120 54.05 -21.64 20.42
N HIS C 121 54.23 -21.41 21.72
CA HIS C 121 53.13 -20.95 22.61
C HIS C 121 52.92 -19.44 22.46
N SER C 122 53.94 -18.68 22.05
CA SER C 122 53.81 -17.20 21.90
C SER C 122 52.82 -16.86 20.77
N GLU C 123 52.56 -17.81 19.85
CA GLU C 123 51.69 -17.59 18.68
C GLU C 123 50.21 -17.79 19.05
N ILE C 124 49.89 -18.21 20.28
CA ILE C 124 48.50 -18.62 20.63
C ILE C 124 47.87 -17.52 21.48
N ARG C 125 46.60 -17.24 21.22
CA ARG C 125 45.82 -16.25 21.99
C ARG C 125 44.49 -16.87 22.41
N ARG C 126 43.94 -16.37 23.50
CA ARG C 126 42.52 -16.68 23.85
C ARG C 126 41.63 -16.40 22.64
N GLY C 127 40.72 -17.34 22.34
CA GLY C 127 39.82 -17.28 21.19
C GLY C 127 40.32 -18.05 19.98
N ASP C 128 41.60 -18.40 19.93
CA ASP C 128 42.15 -19.12 18.75
C ASP C 128 41.57 -20.55 18.69
N VAL C 129 41.34 -21.02 17.48
CA VAL C 129 41.08 -22.45 17.23
C VAL C 129 42.44 -23.11 17.10
N VAL C 130 42.70 -24.14 17.91
CA VAL C 130 44.05 -24.77 17.99
C VAL C 130 43.89 -26.28 18.08
N GLY C 131 44.94 -26.99 17.68
CA GLY C 131 45.11 -28.42 17.90
C GLY C 131 46.25 -28.67 18.86
N PHE C 132 46.15 -29.77 19.60
CA PHE C 132 47.21 -30.23 20.52
C PHE C 132 47.39 -31.72 20.28
N THR C 133 48.61 -32.21 20.47
CA THR C 133 48.86 -33.67 20.57
C THR C 133 49.45 -33.92 21.95
N GLY C 134 49.21 -35.09 22.52
CA GLY C 134 49.72 -35.40 23.86
C GLY C 134 49.13 -36.66 24.46
N PHE C 135 49.41 -36.81 25.75
CA PHE C 135 49.10 -38.01 26.54
C PHE C 135 47.85 -37.71 27.34
N PRO C 136 46.90 -38.66 27.40
CA PRO C 136 45.69 -38.41 28.19
C PRO C 136 45.79 -38.70 29.68
N GLY C 137 44.97 -37.98 30.45
CA GLY C 137 44.76 -38.33 31.87
C GLY C 137 44.15 -37.21 32.67
N LYS C 138 44.62 -37.07 33.89
CA LYS C 138 44.02 -36.15 34.88
C LYS C 138 45.15 -35.54 35.70
N SER C 139 45.11 -34.22 35.90
CA SER C 139 46.02 -33.50 36.81
C SER C 139 45.89 -34.07 38.23
N LYS C 140 46.90 -33.85 39.06
CA LYS C 140 46.89 -34.28 40.48
C LYS C 140 45.70 -33.63 41.19
N ARG C 141 45.27 -32.45 40.77
CA ARG C 141 44.09 -31.75 41.34
C ARG C 141 42.75 -32.34 40.84
N GLY C 142 42.75 -33.27 39.88
CA GLY C 142 41.53 -33.97 39.41
C GLY C 142 40.93 -33.38 38.13
N GLU C 143 41.67 -32.58 37.36
CA GLU C 143 41.16 -31.93 36.13
C GLU C 143 41.44 -32.83 34.94
N LEU C 144 40.39 -33.17 34.19
CA LEU C 144 40.53 -33.89 32.90
C LEU C 144 41.49 -33.10 32.02
N SER C 145 42.60 -33.73 31.60
CA SER C 145 43.70 -32.98 30.93
C SER C 145 44.25 -33.78 29.77
N LEU C 146 44.82 -33.06 28.80
CA LEU C 146 45.82 -33.62 27.85
C LEU C 146 47.18 -33.03 28.22
N PHE C 147 48.18 -33.88 28.38
CA PHE C 147 49.59 -33.51 28.67
C PHE C 147 50.27 -33.38 27.33
N SER C 148 50.37 -32.15 26.82
CA SER C 148 50.64 -31.91 25.39
C SER C 148 52.14 -31.99 25.09
N LYS C 149 52.44 -32.37 23.85
CA LYS C 149 53.79 -32.39 23.24
C LYS C 149 53.87 -31.33 22.15
N SER C 150 52.76 -30.83 21.65
CA SER C 150 52.75 -29.87 20.52
C SER C 150 51.46 -29.03 20.56
N VAL C 151 51.52 -27.88 19.93
CA VAL C 151 50.35 -27.01 19.70
C VAL C 151 50.42 -26.55 18.24
N VAL C 152 49.27 -26.53 17.57
CA VAL C 152 49.16 -26.04 16.17
C VAL C 152 48.08 -24.97 16.14
N LEU C 153 48.46 -23.79 15.68
CA LEU C 153 47.47 -22.71 15.43
C LEU C 153 46.67 -23.05 14.17
N LEU C 154 45.36 -23.32 14.32
CA LEU C 154 44.53 -23.73 13.15
C LEU C 154 43.84 -22.51 12.56
N SER C 155 43.28 -21.67 13.40
CA SER C 155 42.51 -20.49 12.91
C SER C 155 42.49 -19.44 14.00
N PRO C 156 43.35 -18.41 13.93
CA PRO C 156 43.42 -17.39 14.97
C PRO C 156 42.19 -16.49 15.03
N CYS C 157 41.91 -16.02 16.22
CA CYS C 157 40.89 -14.98 16.48
C CYS C 157 41.61 -13.62 16.50
N TYR C 158 41.18 -12.69 15.64
CA TYR C 158 41.86 -11.39 15.40
C TYR C 158 41.26 -10.31 16.29
N HIS C 159 40.35 -10.68 17.20
CA HIS C 159 39.61 -9.74 18.09
C HIS C 159 39.75 -10.19 19.54
N MET C 160 39.87 -9.23 20.45
CA MET C 160 39.84 -9.53 21.89
C MET C 160 38.40 -9.86 22.26
N LEU C 161 38.15 -11.09 22.69
CA LEU C 161 36.77 -11.57 22.98
C LEU C 161 36.36 -11.09 24.36
N PRO C 162 35.10 -10.63 24.53
CA PRO C 162 34.55 -10.44 25.88
C PRO C 162 34.66 -11.78 26.60
N THR C 163 34.63 -11.79 27.93
CA THR C 163 34.69 -13.05 28.70
C THR C 163 33.28 -13.67 28.72
N ALA C 164 32.23 -12.82 28.61
CA ALA C 164 30.80 -13.20 28.62
C ALA C 164 29.98 -12.19 27.80
N ILE C 165 28.86 -12.64 27.23
CA ILE C 165 27.93 -11.86 26.34
C ILE C 165 28.02 -10.36 26.70
N GLN C 171 22.83 -7.45 23.70
CA GLN C 171 21.68 -7.99 22.90
C GLN C 171 21.81 -7.56 21.44
N GLU C 172 22.12 -6.27 21.18
CA GLU C 172 22.39 -5.81 19.79
C GLU C 172 23.51 -6.66 19.18
N VAL C 173 24.63 -6.82 19.89
CA VAL C 173 25.79 -7.60 19.38
C VAL C 173 25.36 -9.07 19.27
N ARG C 174 24.58 -9.59 20.23
CA ARG C 174 24.19 -11.03 20.23
C ARG C 174 23.45 -11.38 18.92
N TYR C 175 22.64 -10.45 18.39
CA TYR C 175 21.77 -10.66 17.21
C TYR C 175 22.52 -10.33 15.93
N ARG C 176 23.39 -9.32 15.95
CA ARG C 176 24.11 -8.86 14.73
C ARG C 176 25.35 -9.71 14.51
N GLN C 177 25.89 -10.30 15.57
CA GLN C 177 27.09 -11.16 15.49
C GLN C 177 26.76 -12.44 16.25
N ARG C 178 25.84 -13.22 15.67
CA ARG C 178 25.24 -14.36 16.39
C ARG C 178 26.36 -15.37 16.71
N TYR C 179 27.41 -15.44 15.89
CA TYR C 179 28.54 -16.36 16.17
C TYR C 179 29.16 -16.03 17.53
N LEU C 180 29.18 -14.76 17.95
CA LEU C 180 29.76 -14.39 19.28
C LEU C 180 28.83 -14.91 20.40
N ASP C 181 27.53 -14.71 20.22
CA ASP C 181 26.52 -15.23 21.19
C ASP C 181 26.70 -16.75 21.33
N LEU C 182 26.78 -17.47 20.21
CA LEU C 182 26.87 -18.95 20.23
C LEU C 182 28.21 -19.37 20.82
N MET C 183 29.28 -18.62 20.54
CA MET C 183 30.62 -18.94 21.03
C MET C 183 30.66 -18.86 22.57
N LEU C 184 30.00 -17.85 23.14
CA LEU C 184 30.23 -17.42 24.53
C LEU C 184 29.04 -17.80 25.43
N ASN C 185 27.86 -18.09 24.87
CA ASN C 185 26.62 -18.20 25.70
C ASN C 185 25.95 -19.56 25.48
N GLU C 186 26.13 -20.46 26.45
CA GLU C 186 25.52 -21.82 26.45
C GLU C 186 23.99 -21.72 26.30
N GLU C 187 23.38 -20.76 26.95
CA GLU C 187 21.90 -20.58 26.94
C GLU C 187 21.45 -20.36 25.48
N SER C 188 22.22 -19.64 24.69
CA SER C 188 21.88 -19.37 23.27
C SER C 188 21.94 -20.68 22.46
N ARG C 189 23.01 -21.46 22.65
CA ARG C 189 23.15 -22.77 21.95
C ARG C 189 22.00 -23.69 22.35
N LYS C 190 21.59 -23.69 23.61
CA LYS C 190 20.46 -24.52 24.09
C LYS C 190 19.15 -24.17 23.36
N VAL C 191 18.86 -22.89 23.15
CA VAL C 191 17.62 -22.46 22.46
C VAL C 191 17.57 -23.08 21.06
N PHE C 192 18.67 -23.03 20.31
CA PHE C 192 18.66 -23.47 18.90
C PHE C 192 18.61 -24.99 18.83
N LYS C 193 19.22 -25.68 19.80
CA LYS C 193 19.10 -27.15 19.86
C LYS C 193 17.65 -27.53 20.19
N LEU C 194 17.00 -26.79 21.08
CA LEU C 194 15.59 -27.07 21.46
C LEU C 194 14.70 -26.82 20.24
N ARG C 195 14.96 -25.74 19.50
CA ARG C 195 14.18 -25.42 18.28
C ARG C 195 14.24 -26.62 17.32
N SER C 196 15.44 -27.11 17.01
CA SER C 196 15.61 -28.25 16.08
C SER C 196 14.89 -29.49 16.65
N ARG C 197 15.00 -29.72 17.96
CA ARG C 197 14.39 -30.91 18.59
C ARG C 197 12.86 -30.84 18.47
N ALA C 198 12.29 -29.65 18.60
CA ALA C 198 10.83 -29.46 18.54
C ALA C 198 10.34 -29.73 17.12
N ILE C 199 11.04 -29.19 16.12
CA ILE C 199 10.66 -29.35 14.69
C ILE C 199 10.75 -30.85 14.34
N LYS C 200 11.80 -31.55 14.81
CA LYS C 200 11.96 -33.00 14.54
C LYS C 200 10.82 -33.79 15.19
N TYR C 201 10.45 -33.43 16.42
CA TYR C 201 9.31 -34.06 17.13
C TYR C 201 8.03 -33.90 16.31
N ILE C 202 7.78 -32.69 15.81
CA ILE C 202 6.56 -32.36 15.03
C ILE C 202 6.56 -33.16 13.72
N ARG C 203 7.67 -33.22 13.00
CA ARG C 203 7.73 -34.02 11.75
C ARG C 203 7.43 -35.49 12.09
N ASN C 204 8.00 -36.00 13.19
CA ASN C 204 7.80 -37.42 13.57
C ASN C 204 6.31 -37.68 13.82
N TYR C 205 5.64 -36.76 14.51
CA TYR C 205 4.21 -36.92 14.85
C TYR C 205 3.40 -37.09 13.56
N PHE C 206 3.60 -36.18 12.58
CA PHE C 206 2.82 -36.18 11.32
C PHE C 206 3.26 -37.34 10.42
N ASP C 207 4.56 -37.55 10.31
CA ASP C 207 5.10 -38.65 9.47
C ASP C 207 4.48 -39.98 9.93
N ARG C 208 4.43 -40.24 11.23
CA ARG C 208 3.86 -41.51 11.76
C ARG C 208 2.36 -41.60 11.47
N LEU C 209 1.64 -40.47 11.30
CA LEU C 209 0.21 -40.50 10.93
C LEU C 209 0.02 -40.68 9.42
N GLY C 210 1.11 -40.83 8.64
CA GLY C 210 1.05 -41.07 7.19
C GLY C 210 0.94 -39.78 6.40
N PHE C 211 1.27 -38.63 6.99
CA PHE C 211 1.30 -37.36 6.25
C PHE C 211 2.48 -37.36 5.26
N LEU C 212 2.29 -36.62 4.18
CA LEU C 212 3.35 -36.36 3.20
C LEU C 212 3.90 -34.95 3.44
N GLU C 213 5.20 -34.84 3.63
CA GLU C 213 5.88 -33.51 3.77
C GLU C 213 6.10 -32.98 2.37
N VAL C 214 5.64 -31.76 2.11
CA VAL C 214 5.67 -31.20 0.73
C VAL C 214 6.31 -29.81 0.75
N GLU C 215 6.74 -29.38 -0.43
CA GLU C 215 7.19 -27.99 -0.70
C GLU C 215 6.26 -27.39 -1.74
N THR C 216 5.75 -26.21 -1.42
CA THR C 216 4.92 -25.38 -2.33
C THR C 216 5.72 -24.12 -2.61
N PRO C 217 5.40 -23.39 -3.69
CA PRO C 217 6.28 -22.32 -4.15
C PRO C 217 6.21 -21.07 -3.25
N MET C 218 7.34 -20.44 -3.12
CA MET C 218 7.49 -19.20 -2.31
C MET C 218 7.26 -17.96 -3.18
N LEU C 219 7.51 -18.06 -4.51
CA LEU C 219 7.35 -16.94 -5.48
C LEU C 219 6.23 -17.29 -6.45
N ASN C 220 5.16 -16.48 -6.44
CA ASN C 220 3.89 -16.80 -7.13
C ASN C 220 3.30 -15.52 -7.73
N MET C 221 2.49 -15.68 -8.78
CA MET C 221 1.82 -14.54 -9.45
C MET C 221 0.82 -13.93 -8.48
N ILE C 222 0.27 -14.75 -7.59
CA ILE C 222 -0.73 -14.32 -6.56
C ILE C 222 -0.15 -14.65 -5.18
N TYR C 223 -0.72 -14.04 -4.16
CA TYR C 223 -0.45 -14.32 -2.73
C TYR C 223 -1.81 -14.33 -2.05
N GLY C 224 -1.91 -15.00 -0.92
CA GLY C 224 -3.16 -15.16 -0.18
C GLY C 224 -3.01 -16.21 0.92
N GLY C 225 -4.08 -16.43 1.66
CA GLY C 225 -4.18 -17.41 2.75
C GLY C 225 -3.91 -16.81 4.11
N ALA C 226 -3.77 -15.49 4.19
CA ALA C 226 -3.60 -14.74 5.46
C ALA C 226 -3.85 -13.26 5.18
N ALA C 227 -3.81 -12.44 6.22
CA ALA C 227 -4.13 -10.98 6.17
C ALA C 227 -2.84 -10.20 6.47
N ALA C 228 -2.07 -9.93 5.44
CA ALA C 228 -0.73 -9.30 5.56
C ALA C 228 -0.31 -8.70 4.21
N ARG C 229 0.56 -7.71 4.25
CA ARG C 229 1.14 -7.12 3.03
C ARG C 229 2.21 -8.07 2.52
N PRO C 230 2.41 -8.15 1.19
CA PRO C 230 3.44 -9.01 0.62
C PRO C 230 4.78 -8.33 0.39
N PHE C 231 5.83 -9.15 0.25
CA PHE C 231 7.08 -8.75 -0.41
C PHE C 231 6.88 -8.95 -1.91
N ILE C 232 7.38 -8.02 -2.72
CA ILE C 232 7.22 -8.02 -4.19
C ILE C 232 8.60 -8.20 -4.82
N THR C 233 8.70 -8.99 -5.87
CA THR C 233 9.98 -9.17 -6.60
C THR C 233 9.69 -9.23 -8.09
N TYR C 234 10.73 -9.37 -8.87
CA TYR C 234 10.62 -9.42 -10.34
C TYR C 234 11.40 -10.64 -10.82
N HIS C 235 10.74 -11.45 -11.64
CA HIS C 235 11.26 -12.69 -12.25
C HIS C 235 11.78 -12.35 -13.66
N ASN C 236 13.08 -12.54 -13.90
CA ASN C 236 13.71 -12.20 -15.20
C ASN C 236 13.14 -13.06 -16.34
N GLU C 237 13.08 -14.38 -16.16
CA GLU C 237 12.66 -15.32 -17.24
C GLU C 237 11.18 -15.09 -17.57
N LEU C 238 10.30 -15.02 -16.56
CA LEU C 238 8.84 -14.90 -16.77
C LEU C 238 8.51 -13.44 -17.09
N GLU C 239 9.46 -12.53 -16.95
CA GLU C 239 9.30 -11.08 -17.22
C GLU C 239 8.05 -10.56 -16.51
N THR C 240 7.90 -10.87 -15.23
CA THR C 240 6.70 -10.47 -14.46
C THR C 240 7.07 -10.20 -13.00
N GLN C 241 6.30 -9.35 -12.35
CA GLN C 241 6.35 -9.16 -10.87
C GLN C 241 5.79 -10.45 -10.26
N LEU C 242 6.38 -10.90 -9.16
CA LEU C 242 5.85 -12.03 -8.36
C LEU C 242 5.80 -11.56 -6.91
N TYR C 243 5.02 -12.26 -6.10
CA TYR C 243 4.86 -12.02 -4.66
C TYR C 243 5.49 -13.18 -3.89
N MET C 244 6.14 -12.88 -2.77
CA MET C 244 6.57 -13.94 -1.85
C MET C 244 5.33 -14.42 -1.09
N ARG C 245 5.27 -15.72 -0.77
CA ARG C 245 4.05 -16.24 -0.13
C ARG C 245 3.91 -15.61 1.27
N ILE C 246 2.68 -15.37 1.68
CA ILE C 246 2.35 -15.00 3.08
C ILE C 246 1.85 -16.24 3.84
N ALA C 247 1.52 -17.30 3.12
CA ALA C 247 0.95 -18.54 3.71
C ALA C 247 1.07 -19.65 2.67
N THR C 248 0.87 -20.90 3.09
CA THR C 248 0.94 -22.07 2.16
C THR C 248 -0.44 -22.61 1.81
N GLU C 249 -1.49 -22.10 2.45
CA GLU C 249 -2.87 -22.65 2.44
C GLU C 249 -3.37 -22.94 1.01
N LEU C 250 -3.28 -21.96 0.09
CA LEU C 250 -3.98 -22.07 -1.22
C LEU C 250 -3.35 -23.18 -2.05
N TYR C 251 -2.05 -23.37 -1.95
CA TYR C 251 -1.37 -24.48 -2.68
C TYR C 251 -1.63 -25.80 -1.96
N LEU C 252 -1.52 -25.84 -0.63
CA LEU C 252 -1.68 -27.13 0.10
C LEU C 252 -3.09 -27.67 -0.14
N LYS C 253 -4.11 -26.81 -0.20
CA LYS C 253 -5.50 -27.31 -0.40
C LYS C 253 -5.59 -27.96 -1.78
N GLN C 254 -4.86 -27.49 -2.76
CA GLN C 254 -4.86 -28.09 -4.12
C GLN C 254 -4.35 -29.54 -4.04
N LEU C 255 -3.44 -29.86 -3.10
CA LEU C 255 -2.90 -31.24 -2.96
C LEU C 255 -3.97 -32.17 -2.41
N ILE C 256 -4.92 -31.64 -1.63
CA ILE C 256 -6.04 -32.44 -1.13
C ILE C 256 -7.06 -32.68 -2.28
N VAL C 257 -7.27 -31.70 -3.13
CA VAL C 257 -8.04 -31.92 -4.38
C VAL C 257 -7.34 -33.05 -5.17
N GLY C 258 -6.01 -33.02 -5.18
CA GLY C 258 -5.19 -33.99 -5.92
C GLY C 258 -5.21 -35.38 -5.31
N GLY C 259 -5.82 -35.58 -4.14
CA GLY C 259 -5.97 -36.91 -3.52
C GLY C 259 -4.82 -37.30 -2.58
N LEU C 260 -3.93 -36.39 -2.17
CA LEU C 260 -2.79 -36.78 -1.29
C LEU C 260 -3.24 -36.97 0.16
N ASP C 261 -4.46 -36.52 0.50
CA ASP C 261 -5.21 -36.89 1.74
C ASP C 261 -4.65 -36.22 3.02
N LYS C 262 -3.35 -36.25 3.23
CA LYS C 262 -2.70 -35.71 4.47
C LYS C 262 -1.36 -35.09 4.05
N VAL C 263 -1.25 -33.75 4.08
CA VAL C 263 0.00 -33.05 3.67
C VAL C 263 0.38 -32.04 4.76
N TYR C 264 1.67 -31.77 4.91
CA TYR C 264 2.14 -30.67 5.78
C TYR C 264 3.38 -30.06 5.15
N GLU C 265 3.62 -28.81 5.55
CA GLU C 265 4.79 -28.04 5.11
C GLU C 265 5.21 -27.12 6.27
N ILE C 266 6.47 -27.24 6.66
CA ILE C 266 7.13 -26.30 7.62
C ILE C 266 8.08 -25.44 6.82
N GLY C 267 7.85 -24.13 6.81
CA GLY C 267 8.72 -23.30 5.99
C GLY C 267 8.48 -21.82 6.21
N LYS C 268 9.34 -21.05 5.58
CA LYS C 268 9.30 -19.56 5.73
C LYS C 268 8.08 -19.00 5.02
N VAL C 269 7.50 -17.98 5.65
CA VAL C 269 6.51 -17.08 5.01
C VAL C 269 6.99 -15.65 5.26
N PHE C 270 6.50 -14.72 4.46
CA PHE C 270 7.06 -13.36 4.37
C PHE C 270 5.92 -12.37 4.49
N ARG C 271 5.83 -11.67 5.62
CA ARG C 271 4.67 -10.77 5.89
C ARG C 271 5.27 -9.38 6.08
N ASN C 272 4.98 -8.46 5.17
CA ASN C 272 5.75 -7.19 5.05
C ASN C 272 5.17 -6.20 6.06
N GLU C 273 5.30 -6.52 7.35
CA GLU C 273 4.63 -5.82 8.46
C GLU C 273 5.72 -5.23 9.38
N GLY C 274 5.47 -5.20 10.70
CA GLY C 274 6.37 -4.59 11.69
C GLY C 274 7.35 -5.60 12.27
N ILE C 275 8.35 -5.09 12.98
CA ILE C 275 9.32 -5.84 13.82
C ILE C 275 9.06 -5.48 15.28
N ASP C 276 8.83 -6.45 16.16
CA ASP C 276 8.71 -6.19 17.61
C ASP C 276 9.04 -7.50 18.34
N LEU C 277 8.73 -7.60 19.64
CA LEU C 277 9.07 -8.78 20.46
C LEU C 277 8.43 -10.06 19.90
N THR C 278 7.29 -9.97 19.18
CA THR C 278 6.55 -11.18 18.75
C THR C 278 6.34 -11.19 17.22
N HIS C 279 6.93 -10.28 16.46
CA HIS C 279 6.79 -10.24 14.98
C HIS C 279 8.16 -10.11 14.33
N ASN C 280 8.42 -10.97 13.36
CA ASN C 280 9.56 -10.85 12.42
C ASN C 280 8.97 -11.04 11.03
N PRO C 281 9.03 -10.03 10.13
CA PRO C 281 8.42 -10.18 8.80
C PRO C 281 8.73 -11.50 8.11
N GLU C 282 9.96 -12.01 8.23
CA GLU C 282 10.31 -13.37 7.75
C GLU C 282 10.22 -14.32 8.94
N PHE C 283 9.30 -15.28 8.90
CA PHE C 283 9.16 -16.21 10.04
C PHE C 283 8.73 -17.58 9.55
N THR C 284 8.80 -18.54 10.44
CA THR C 284 8.56 -19.95 10.07
C THR C 284 7.14 -20.35 10.47
N SER C 285 6.34 -20.77 9.49
CA SER C 285 5.02 -21.34 9.81
C SER C 285 4.96 -22.81 9.39
N MET C 286 4.06 -23.52 10.02
CA MET C 286 3.69 -24.88 9.63
C MET C 286 2.23 -24.86 9.25
N GLU C 287 1.88 -25.49 8.14
CA GLU C 287 0.44 -25.77 7.82
C GLU C 287 0.29 -27.27 7.53
N PHE C 288 -0.86 -27.81 7.92
CA PHE C 288 -1.24 -29.17 7.46
C PHE C 288 -2.70 -29.15 7.04
N TYR C 289 -3.00 -30.06 6.12
CA TYR C 289 -4.35 -30.32 5.57
C TYR C 289 -4.60 -31.83 5.69
N MET C 290 -5.76 -32.14 6.27
CA MET C 290 -6.19 -33.51 6.56
C MET C 290 -7.59 -33.70 5.97
N ALA C 291 -7.69 -34.52 4.92
CA ALA C 291 -9.00 -34.88 4.35
C ALA C 291 -9.84 -35.54 5.45
N TYR C 292 -11.12 -35.16 5.51
CA TYR C 292 -12.17 -35.76 6.37
C TYR C 292 -12.11 -35.29 7.83
N ALA C 293 -11.17 -34.41 8.23
CA ALA C 293 -11.14 -33.75 9.56
C ALA C 293 -12.06 -32.52 9.56
N ASP C 294 -12.69 -32.22 10.68
CA ASP C 294 -13.35 -30.90 10.88
C ASP C 294 -12.63 -30.17 12.02
N TYR C 295 -13.06 -28.97 12.37
CA TYR C 295 -12.30 -28.16 13.36
C TYR C 295 -12.35 -28.79 14.75
N TYR C 296 -13.35 -29.61 15.09
CA TYR C 296 -13.37 -30.37 16.35
C TYR C 296 -12.19 -31.36 16.38
N ASP C 297 -12.02 -32.11 15.30
CA ASP C 297 -10.87 -33.04 15.17
C ASP C 297 -9.56 -32.26 15.32
N LEU C 298 -9.46 -31.08 14.73
CA LEU C 298 -8.20 -30.29 14.74
C LEU C 298 -7.91 -29.77 16.15
N MET C 299 -8.94 -29.43 16.95
CA MET C 299 -8.72 -29.00 18.35
C MET C 299 -8.12 -30.19 19.14
N ASP C 300 -8.67 -31.38 18.97
CA ASP C 300 -8.17 -32.60 19.68
C ASP C 300 -6.71 -32.83 19.27
N LEU C 301 -6.43 -32.77 17.98
CA LEU C 301 -5.05 -33.01 17.50
C LEU C 301 -4.10 -31.93 18.06
N THR C 302 -4.49 -30.65 18.01
CA THR C 302 -3.67 -29.55 18.55
C THR C 302 -3.31 -29.86 20.00
N GLU C 303 -4.30 -30.20 20.85
CA GLU C 303 -4.06 -30.54 22.28
C GLU C 303 -3.06 -31.70 22.38
N GLU C 304 -3.24 -32.75 21.60
CA GLU C 304 -2.38 -33.96 21.72
C GLU C 304 -0.95 -33.62 21.30
N LEU C 305 -0.81 -32.94 20.17
CA LEU C 305 0.52 -32.63 19.59
C LEU C 305 1.26 -31.71 20.57
N ILE C 306 0.65 -30.57 20.90
CA ILE C 306 1.37 -29.54 21.71
C ILE C 306 1.57 -30.04 23.13
N SER C 307 0.60 -30.68 23.79
CA SER C 307 0.83 -31.18 25.17
C SER C 307 1.90 -32.29 25.14
N GLY C 308 1.92 -33.12 24.12
CA GLY C 308 2.98 -34.16 23.95
C GLY C 308 4.37 -33.53 23.82
N LEU C 309 4.49 -32.47 23.05
CA LEU C 309 5.78 -31.79 22.81
C LEU C 309 6.22 -31.10 24.12
N VAL C 310 5.29 -30.50 24.84
CA VAL C 310 5.58 -29.83 26.13
C VAL C 310 6.09 -30.91 27.10
N LEU C 311 5.42 -32.04 27.18
CA LEU C 311 5.83 -33.18 28.05
C LEU C 311 7.25 -33.62 27.63
N GLU C 312 7.49 -33.82 26.35
CA GLU C 312 8.80 -34.29 25.85
C GLU C 312 9.91 -33.35 26.33
N ILE C 313 9.69 -32.04 26.27
CA ILE C 313 10.74 -31.04 26.61
C ILE C 313 10.83 -30.89 28.14
N HIS C 314 9.72 -30.79 28.85
CA HIS C 314 9.63 -30.29 30.25
C HIS C 314 9.37 -31.40 31.26
N GLY C 315 8.91 -32.58 30.86
CA GLY C 315 8.61 -33.69 31.79
C GLY C 315 7.31 -33.45 32.52
N SER C 316 6.58 -32.40 32.16
CA SER C 316 5.22 -32.20 32.72
C SER C 316 4.46 -31.18 31.85
N LEU C 317 3.19 -30.93 32.13
CA LEU C 317 2.37 -29.99 31.32
C LEU C 317 2.32 -28.61 31.97
N LYS C 318 2.98 -28.43 33.13
CA LYS C 318 3.01 -27.10 33.80
C LYS C 318 4.44 -26.57 33.72
N ILE C 319 4.64 -25.47 33.01
CA ILE C 319 6.01 -25.01 32.60
C ILE C 319 6.20 -23.55 32.97
N PRO C 320 7.45 -23.14 33.21
CA PRO C 320 7.75 -21.78 33.62
C PRO C 320 7.74 -20.77 32.47
N TYR C 321 7.37 -19.54 32.79
CA TYR C 321 7.53 -18.42 31.84
C TYR C 321 7.85 -17.15 32.63
N HIS C 322 8.84 -16.42 32.12
CA HIS C 322 9.30 -15.10 32.65
C HIS C 322 8.88 -14.02 31.67
N PRO C 323 7.65 -13.47 31.80
CA PRO C 323 7.08 -12.59 30.77
C PRO C 323 7.89 -11.30 30.60
N ASP C 324 8.67 -10.92 31.63
CA ASP C 324 9.45 -9.66 31.63
C ASP C 324 10.95 -9.98 31.70
N GLY C 325 11.39 -11.11 31.14
CA GLY C 325 12.80 -11.54 31.18
C GLY C 325 13.14 -12.19 32.52
N PRO C 326 14.33 -12.82 32.65
CA PRO C 326 14.64 -13.66 33.82
C PRO C 326 14.96 -12.90 35.13
N GLU C 327 15.08 -11.57 35.02
CA GLU C 327 15.16 -10.64 36.17
C GLU C 327 13.76 -10.39 36.77
N GLY C 328 12.70 -10.77 36.05
CA GLY C 328 11.30 -10.58 36.45
C GLY C 328 10.68 -11.80 37.14
N LYS C 329 9.35 -11.75 37.35
CA LYS C 329 8.57 -12.83 38.01
C LYS C 329 8.55 -14.07 37.11
N CYS C 330 8.36 -15.23 37.72
CA CYS C 330 8.06 -16.50 37.04
C CYS C 330 6.59 -16.92 37.20
N ILE C 331 5.89 -17.12 36.08
CA ILE C 331 4.50 -17.66 36.10
C ILE C 331 4.54 -19.12 35.63
N GLU C 332 3.43 -19.81 35.84
CA GLU C 332 3.27 -21.18 35.35
C GLU C 332 2.25 -21.21 34.20
N ILE C 333 2.61 -21.79 33.06
CA ILE C 333 1.66 -22.04 31.94
C ILE C 333 1.20 -23.49 32.03
N ASP C 334 -0.11 -23.70 32.14
CA ASP C 334 -0.73 -25.02 32.31
C ASP C 334 -1.30 -25.50 30.96
N PHE C 335 -0.68 -26.56 30.41
CA PHE C 335 -1.09 -27.21 29.15
C PHE C 335 -1.98 -28.42 29.41
N THR C 336 -2.41 -28.67 30.65
CA THR C 336 -3.38 -29.77 30.96
C THR C 336 -4.59 -29.65 30.01
N THR C 337 -4.99 -30.77 29.38
CA THR C 337 -6.11 -30.82 28.41
C THR C 337 -7.36 -31.32 29.16
N PRO C 338 -8.58 -30.98 28.69
CA PRO C 338 -8.78 -30.10 27.54
C PRO C 338 -8.61 -28.62 27.90
N TRP C 339 -8.32 -27.82 26.89
CA TRP C 339 -8.02 -26.37 27.04
C TRP C 339 -9.31 -25.56 27.05
N LYS C 340 -9.28 -24.43 27.71
CA LYS C 340 -10.40 -23.45 27.71
C LYS C 340 -10.82 -23.13 26.28
N ARG C 341 -12.13 -23.06 26.05
CA ARG C 341 -12.68 -22.47 24.80
C ARG C 341 -13.35 -21.14 25.15
N PHE C 342 -13.13 -20.13 24.31
CA PHE C 342 -13.91 -18.86 24.33
C PHE C 342 -14.61 -18.72 22.98
N SER C 343 -15.94 -18.59 22.99
CA SER C 343 -16.70 -18.26 21.77
C SER C 343 -16.44 -16.78 21.43
N PHE C 344 -15.98 -16.51 20.20
CA PHE C 344 -15.57 -15.16 19.75
C PHE C 344 -16.64 -14.11 20.11
N VAL C 345 -17.83 -14.26 19.58
CA VAL C 345 -18.87 -13.20 19.69
C VAL C 345 -19.41 -13.15 21.13
N GLU C 346 -19.73 -14.30 21.72
CA GLU C 346 -20.30 -14.36 23.10
C GLU C 346 -19.32 -13.73 24.10
N GLU C 347 -18.02 -13.93 23.96
CA GLU C 347 -17.02 -13.40 24.91
C GLU C 347 -16.91 -11.89 24.74
N ILE C 348 -17.02 -11.39 23.51
CA ILE C 348 -17.05 -9.92 23.28
C ILE C 348 -18.30 -9.36 24.00
N GLU C 349 -19.42 -10.01 23.82
CA GLU C 349 -20.74 -9.55 24.34
C GLU C 349 -20.72 -9.58 25.87
N SER C 350 -20.08 -10.58 26.48
CA SER C 350 -19.84 -10.61 27.96
C SER C 350 -19.03 -9.38 28.38
N GLY C 351 -17.95 -9.07 27.66
CA GLY C 351 -17.13 -7.88 27.91
C GLY C 351 -17.95 -6.60 27.82
N LEU C 352 -18.81 -6.48 26.80
CA LEU C 352 -19.59 -5.24 26.52
C LEU C 352 -20.79 -5.14 27.49
N GLY C 353 -21.27 -6.26 27.97
CA GLY C 353 -22.54 -6.34 28.73
C GLY C 353 -23.74 -6.10 27.84
N GLU C 354 -23.60 -6.27 26.52
CA GLU C 354 -24.76 -6.27 25.60
C GLU C 354 -24.36 -6.93 24.27
N LYS C 355 -25.35 -7.14 23.42
CA LYS C 355 -25.20 -7.92 22.17
C LYS C 355 -24.71 -7.02 21.04
N LEU C 356 -23.82 -7.56 20.22
CA LEU C 356 -23.54 -7.01 18.88
C LEU C 356 -24.85 -7.00 18.09
N LYS C 357 -24.95 -6.07 17.14
CA LYS C 357 -26.09 -5.99 16.22
C LYS C 357 -25.92 -7.03 15.11
N ARG C 358 -27.04 -7.57 14.64
CA ARG C 358 -27.09 -8.56 13.53
C ARG C 358 -27.77 -7.95 12.31
N PRO C 359 -27.30 -8.21 11.08
CA PRO C 359 -26.07 -8.98 10.83
C PRO C 359 -24.78 -8.29 11.29
N LEU C 360 -23.76 -9.07 11.62
CA LEU C 360 -22.48 -8.56 12.17
C LEU C 360 -21.80 -7.61 11.19
N ASP C 361 -22.06 -7.72 9.89
CA ASP C 361 -21.37 -6.87 8.89
C ASP C 361 -22.31 -5.74 8.42
N SER C 362 -23.47 -5.56 9.08
CA SER C 362 -24.41 -4.45 8.78
C SER C 362 -23.77 -3.12 9.17
N GLN C 363 -24.16 -2.02 8.50
CA GLN C 363 -23.74 -0.65 8.93
C GLN C 363 -24.15 -0.45 10.39
N GLU C 364 -25.32 -0.92 10.78
CA GLU C 364 -25.79 -0.80 12.19
C GLU C 364 -24.74 -1.40 13.14
N ASN C 365 -24.24 -2.60 12.86
CA ASN C 365 -23.25 -3.21 13.78
C ASN C 365 -21.90 -2.50 13.65
N ILE C 366 -21.54 -2.03 12.46
CA ILE C 366 -20.27 -1.26 12.30
C ILE C 366 -20.35 -0.01 13.18
N ASP C 367 -21.43 0.77 13.08
CA ASP C 367 -21.65 1.99 13.91
C ASP C 367 -21.61 1.62 15.41
N PHE C 368 -22.27 0.54 15.81
CA PHE C 368 -22.31 0.10 17.24
C PHE C 368 -20.89 -0.23 17.71
N MET C 369 -20.13 -0.96 16.89
CA MET C 369 -18.76 -1.38 17.28
C MET C 369 -17.87 -0.14 17.39
N VAL C 370 -18.04 0.83 16.50
CA VAL C 370 -17.28 2.10 16.60
C VAL C 370 -17.65 2.78 17.92
N GLU C 371 -18.94 2.86 18.22
CA GLU C 371 -19.41 3.46 19.49
C GLU C 371 -18.77 2.72 20.67
N MET C 372 -18.72 1.37 20.62
CA MET C 372 -18.15 0.58 21.73
C MET C 372 -16.67 0.82 21.83
N CYS C 373 -15.93 0.91 20.73
CA CYS C 373 -14.48 1.21 20.80
C CYS C 373 -14.27 2.56 21.52
N GLU C 374 -15.05 3.58 21.15
CA GLU C 374 -14.94 4.92 21.78
C GLU C 374 -15.24 4.78 23.28
N LYS C 375 -16.35 4.13 23.64
CA LYS C 375 -16.77 3.92 25.05
C LYS C 375 -15.67 3.19 25.85
N HIS C 376 -15.02 2.17 25.30
CA HIS C 376 -14.08 1.31 26.06
C HIS C 376 -12.64 1.73 25.79
N GLU C 377 -12.46 2.87 25.12
CA GLU C 377 -11.13 3.45 24.80
C GLU C 377 -10.29 2.42 24.05
N ILE C 378 -10.89 1.77 23.06
CA ILE C 378 -10.15 0.86 22.14
C ILE C 378 -9.78 1.65 20.90
N GLU C 379 -8.51 1.61 20.52
CA GLU C 379 -8.06 2.33 19.31
C GLU C 379 -8.83 1.77 18.11
N LEU C 380 -9.37 2.66 17.27
CA LEU C 380 -10.13 2.26 16.06
C LEU C 380 -9.15 1.71 15.04
N PRO C 381 -9.57 0.68 14.27
CA PRO C 381 -8.78 0.22 13.14
C PRO C 381 -9.02 1.16 11.94
N HIS C 382 -8.16 1.07 10.93
CA HIS C 382 -8.41 1.68 9.61
C HIS C 382 -8.13 0.69 8.50
N PRO C 383 -9.06 0.50 7.53
CA PRO C 383 -10.39 1.11 7.56
C PRO C 383 -11.30 0.49 8.62
N ARG C 384 -12.47 1.07 8.81
CA ARG C 384 -13.46 0.62 9.82
C ARG C 384 -14.36 -0.48 9.26
N THR C 385 -13.78 -1.60 8.83
CA THR C 385 -14.54 -2.77 8.33
C THR C 385 -15.11 -3.52 9.53
N ALA C 386 -16.22 -4.23 9.35
CA ALA C 386 -16.79 -5.10 10.40
C ALA C 386 -15.70 -6.06 10.90
N ALA C 387 -14.92 -6.63 9.99
CA ALA C 387 -13.86 -7.62 10.35
C ALA C 387 -12.85 -6.96 11.28
N LYS C 388 -12.34 -5.78 10.95
CA LYS C 388 -11.26 -5.14 11.74
C LYS C 388 -11.79 -4.65 13.07
N LEU C 389 -13.04 -4.21 13.12
CA LEU C 389 -13.69 -3.80 14.40
C LEU C 389 -13.86 -5.04 15.30
N LEU C 390 -14.34 -6.14 14.74
CA LEU C 390 -14.47 -7.40 15.49
C LEU C 390 -13.12 -7.80 16.06
N ASP C 391 -12.06 -7.72 15.26
CA ASP C 391 -10.69 -8.07 15.68
C ASP C 391 -10.25 -7.17 16.87
N LYS C 392 -10.46 -5.85 16.79
CA LYS C 392 -10.09 -4.93 17.91
C LYS C 392 -10.87 -5.32 19.18
N LEU C 393 -12.15 -5.65 19.04
CA LEU C 393 -12.97 -5.99 20.22
C LEU C 393 -12.48 -7.34 20.79
N ALA C 394 -12.13 -8.31 19.94
CA ALA C 394 -11.57 -9.61 20.40
C ALA C 394 -10.25 -9.35 21.13
N GLY C 395 -9.38 -8.51 20.56
CA GLY C 395 -8.05 -8.22 21.15
C GLY C 395 -8.22 -7.65 22.56
N HIS C 396 -9.23 -6.81 22.76
CA HIS C 396 -9.46 -6.09 24.04
C HIS C 396 -10.12 -7.04 25.05
N PHE C 397 -11.16 -7.76 24.64
CA PHE C 397 -12.05 -8.48 25.59
C PHE C 397 -11.71 -9.98 25.67
N VAL C 398 -11.03 -10.57 24.67
CA VAL C 398 -10.96 -12.06 24.63
C VAL C 398 -9.50 -12.53 24.67
N GLU C 399 -8.64 -11.98 23.80
CA GLU C 399 -7.22 -12.44 23.70
C GLU C 399 -6.50 -12.23 25.05
N THR C 400 -6.90 -11.17 25.76
CA THR C 400 -6.30 -10.79 27.07
C THR C 400 -6.64 -11.83 28.14
N LYS C 401 -7.66 -12.67 27.94
CA LYS C 401 -8.03 -13.74 28.90
C LYS C 401 -7.22 -15.01 28.62
N CYS C 402 -6.41 -15.06 27.56
CA CYS C 402 -5.80 -16.32 27.07
C CYS C 402 -4.36 -16.44 27.58
N THR C 403 -4.18 -16.74 28.87
CA THR C 403 -2.84 -16.95 29.45
C THR C 403 -2.40 -18.40 29.24
N ASN C 404 -3.14 -19.34 29.81
CA ASN C 404 -2.99 -20.76 29.45
C ASN C 404 -3.40 -20.91 27.98
N PRO C 405 -2.93 -21.96 27.29
CA PRO C 405 -3.46 -22.28 25.96
C PRO C 405 -4.99 -22.26 25.99
N SER C 406 -5.56 -21.43 25.11
CA SER C 406 -7.01 -21.21 25.02
C SER C 406 -7.39 -21.13 23.55
N PHE C 407 -8.47 -21.79 23.20
CA PHE C 407 -9.03 -21.71 21.84
C PHE C 407 -10.05 -20.57 21.85
N ILE C 408 -9.86 -19.62 20.93
CA ILE C 408 -10.96 -18.69 20.55
C ILE C 408 -11.64 -19.33 19.35
N ILE C 409 -12.94 -19.55 19.43
CA ILE C 409 -13.66 -20.37 18.43
C ILE C 409 -14.80 -19.60 17.76
N ASP C 410 -15.20 -20.08 16.57
CA ASP C 410 -16.49 -19.76 15.92
C ASP C 410 -16.45 -18.31 15.43
N HIS C 411 -15.34 -17.91 14.83
CA HIS C 411 -15.14 -16.55 14.28
C HIS C 411 -16.22 -16.24 13.26
N PRO C 412 -16.72 -14.99 13.23
CA PRO C 412 -17.58 -14.54 12.14
C PRO C 412 -17.00 -14.80 10.74
N GLN C 413 -17.89 -15.21 9.82
CA GLN C 413 -17.56 -15.38 8.38
C GLN C 413 -16.87 -14.13 7.84
N THR C 414 -17.34 -12.97 8.23
CA THR C 414 -16.89 -11.68 7.65
C THR C 414 -15.37 -11.52 7.85
N MET C 415 -14.77 -12.15 8.86
CA MET C 415 -13.31 -12.03 9.08
C MET C 415 -12.59 -13.35 8.70
N SER C 416 -13.29 -14.29 8.08
CA SER C 416 -12.83 -15.71 7.87
C SER C 416 -13.19 -16.17 6.46
N PRO C 417 -12.59 -15.55 5.43
CA PRO C 417 -13.01 -15.78 4.04
C PRO C 417 -12.79 -17.21 3.51
N LEU C 418 -11.97 -18.04 4.16
CA LEU C 418 -11.67 -19.40 3.65
C LEU C 418 -12.18 -20.44 4.63
N ALA C 419 -12.85 -20.03 5.71
CA ALA C 419 -13.38 -20.96 6.72
C ALA C 419 -14.84 -21.29 6.37
N LYS C 420 -15.20 -22.57 6.52
CA LYS C 420 -16.54 -23.05 6.18
C LYS C 420 -17.56 -22.51 7.18
N TRP C 421 -18.72 -22.14 6.67
CA TRP C 421 -19.88 -21.68 7.49
C TRP C 421 -20.09 -22.65 8.65
N HIS C 422 -20.46 -22.12 9.80
CA HIS C 422 -20.65 -22.98 10.99
C HIS C 422 -21.89 -23.83 10.74
N ARG C 423 -21.83 -25.13 11.05
CA ARG C 423 -22.97 -26.03 10.77
C ARG C 423 -24.17 -25.66 11.65
N GLU C 424 -23.99 -24.94 12.76
CA GLU C 424 -25.10 -24.63 13.71
C GLU C 424 -25.33 -23.11 13.85
N LYS C 425 -24.29 -22.29 13.69
CA LYS C 425 -24.35 -20.87 14.14
C LYS C 425 -24.36 -19.95 12.93
N PRO C 426 -25.50 -19.29 12.63
CA PRO C 426 -25.54 -18.30 11.55
C PRO C 426 -24.42 -17.25 11.73
N GLU C 427 -23.83 -16.89 10.60
CA GLU C 427 -22.82 -15.81 10.40
C GLU C 427 -21.45 -16.23 10.92
N MET C 428 -21.32 -17.38 11.59
CA MET C 428 -20.03 -17.83 12.14
C MET C 428 -19.38 -18.87 11.24
N THR C 429 -18.15 -19.27 11.59
CA THR C 429 -17.43 -20.31 10.83
C THR C 429 -16.89 -21.35 11.80
N GLU C 430 -16.46 -22.47 11.24
CA GLU C 430 -15.84 -23.59 12.02
C GLU C 430 -14.35 -23.30 12.13
N ARG C 431 -14.04 -22.27 12.91
CA ARG C 431 -12.65 -21.76 13.03
C ARG C 431 -12.25 -21.77 14.50
N PHE C 432 -10.97 -21.98 14.73
CA PHE C 432 -10.35 -21.60 16.02
C PHE C 432 -9.01 -20.92 15.79
N GLU C 433 -8.64 -20.16 16.81
CA GLU C 433 -7.25 -19.67 17.00
C GLU C 433 -6.80 -20.22 18.35
N LEU C 434 -5.57 -20.67 18.44
CA LEU C 434 -4.94 -20.99 19.73
C LEU C 434 -4.15 -19.75 20.19
N PHE C 435 -4.43 -19.30 21.40
CA PHE C 435 -3.67 -18.20 22.06
C PHE C 435 -2.98 -18.78 23.27
N VAL C 436 -1.72 -18.39 23.43
CA VAL C 436 -0.92 -18.63 24.68
C VAL C 436 -0.32 -17.28 25.10
N LEU C 437 -0.49 -16.92 26.36
CA LEU C 437 0.00 -15.63 26.94
C LEU C 437 -0.43 -14.46 26.03
N GLY C 438 -1.70 -14.43 25.67
CA GLY C 438 -2.30 -13.37 24.85
C GLY C 438 -1.75 -13.30 23.44
N LYS C 439 -0.98 -14.30 22.97
CA LYS C 439 -0.38 -14.26 21.60
C LYS C 439 -0.91 -15.41 20.73
N GLU C 440 -1.16 -15.14 19.46
CA GLU C 440 -1.63 -16.17 18.51
C GLU C 440 -0.51 -17.21 18.27
N LEU C 441 -0.84 -18.49 18.44
CA LEU C 441 0.04 -19.64 18.10
C LEU C 441 -0.51 -20.41 16.87
N CYS C 442 -1.81 -20.65 16.83
CA CYS C 442 -2.43 -21.42 15.74
C CYS C 442 -3.68 -20.74 15.19
N ASN C 443 -3.98 -21.09 13.95
CA ASN C 443 -5.20 -20.67 13.21
C ASN C 443 -5.64 -21.88 12.39
N ALA C 444 -6.91 -22.25 12.46
CA ALA C 444 -7.39 -23.52 11.87
C ALA C 444 -8.87 -23.48 11.61
N TYR C 445 -9.33 -24.28 10.64
CA TYR C 445 -10.78 -24.35 10.39
C TYR C 445 -11.14 -25.60 9.60
N THR C 446 -12.42 -25.94 9.69
CA THR C 446 -13.09 -26.74 8.64
C THR C 446 -12.99 -25.93 7.35
N GLU C 447 -12.35 -26.47 6.32
CA GLU C 447 -12.05 -25.71 5.08
C GLU C 447 -13.32 -25.41 4.29
N LEU C 448 -13.44 -24.17 3.79
CA LEU C 448 -14.55 -23.87 2.86
C LEU C 448 -14.29 -24.65 1.57
N ASN C 449 -15.25 -25.45 1.12
CA ASN C 449 -15.05 -26.32 -0.07
C ASN C 449 -16.18 -26.09 -1.09
N GLU C 450 -16.92 -24.98 -0.92
CA GLU C 450 -18.09 -24.63 -1.76
C GLU C 450 -17.67 -23.44 -2.61
N PRO C 451 -17.45 -23.62 -3.94
CA PRO C 451 -16.74 -22.63 -4.75
C PRO C 451 -17.54 -21.34 -5.01
N LEU C 452 -18.86 -21.41 -4.97
CA LEU C 452 -19.69 -20.20 -5.21
C LEU C 452 -19.44 -19.20 -4.08
N GLN C 453 -19.67 -19.61 -2.83
CA GLN C 453 -19.40 -18.76 -1.63
C GLN C 453 -17.93 -18.36 -1.59
N GLN C 454 -17.02 -19.31 -1.87
CA GLN C 454 -15.58 -19.00 -1.83
C GLN C 454 -15.32 -17.79 -2.72
N ARG C 455 -15.82 -17.82 -3.96
CA ARG C 455 -15.55 -16.74 -4.95
C ARG C 455 -16.11 -15.43 -4.38
N LYS C 456 -17.32 -15.49 -3.81
CA LYS C 456 -18.00 -14.31 -3.22
C LYS C 456 -17.14 -13.71 -2.10
N PHE C 457 -16.61 -14.54 -1.20
CA PHE C 457 -15.82 -14.05 -0.04
C PHE C 457 -14.50 -13.44 -0.54
N PHE C 458 -13.90 -14.00 -1.60
CA PHE C 458 -12.67 -13.45 -2.22
C PHE C 458 -12.99 -12.05 -2.79
N GLU C 459 -14.14 -11.90 -3.45
CA GLU C 459 -14.57 -10.60 -4.03
C GLU C 459 -14.73 -9.58 -2.88
N GLN C 460 -15.37 -9.98 -1.78
CA GLN C 460 -15.53 -9.11 -0.59
C GLN C 460 -14.17 -8.70 -0.03
N GLN C 461 -13.21 -9.62 0.02
CA GLN C 461 -11.81 -9.32 0.48
C GLN C 461 -11.16 -8.30 -0.45
N ALA C 462 -11.21 -8.54 -1.77
CA ALA C 462 -10.70 -7.63 -2.84
C ALA C 462 -11.23 -6.20 -2.63
N ASP C 463 -12.52 -6.04 -2.34
CA ASP C 463 -13.20 -4.72 -2.13
C ASP C 463 -12.64 -4.01 -0.89
N ALA C 464 -12.29 -4.77 0.17
CA ALA C 464 -11.60 -4.28 1.40
C ALA C 464 -10.15 -3.89 1.06
N ILE C 475 -7.37 -11.84 -6.43
CA ILE C 475 -8.13 -13.13 -6.40
C ILE C 475 -7.25 -14.19 -7.05
N ASP C 476 -7.39 -15.44 -6.60
CA ASP C 476 -6.61 -16.58 -7.16
C ASP C 476 -7.57 -17.48 -7.93
N GLU C 477 -7.66 -17.28 -9.25
CA GLU C 477 -8.64 -18.02 -10.09
C GLU C 477 -8.14 -19.46 -10.24
N THR C 478 -6.83 -19.72 -10.23
CA THR C 478 -6.30 -21.11 -10.20
C THR C 478 -6.87 -21.87 -8.97
N PHE C 479 -7.01 -21.21 -7.83
CA PHE C 479 -7.50 -21.85 -6.58
C PHE C 479 -8.98 -22.16 -6.72
N CYS C 480 -9.74 -21.18 -7.22
CA CYS C 480 -11.21 -21.33 -7.40
C CYS C 480 -11.46 -22.49 -8.39
N LEU C 481 -10.64 -22.62 -9.41
CA LEU C 481 -10.81 -23.71 -10.41
C LEU C 481 -10.48 -25.05 -9.75
N ALA C 482 -9.49 -25.09 -8.86
CA ALA C 482 -9.17 -26.30 -8.06
C ALA C 482 -10.38 -26.67 -7.23
N LEU C 483 -11.02 -25.72 -6.54
CA LEU C 483 -12.24 -26.03 -5.75
C LEU C 483 -13.34 -26.59 -6.66
N GLU C 484 -13.40 -26.13 -7.93
CA GLU C 484 -14.44 -26.63 -8.86
C GLU C 484 -14.17 -28.10 -9.24
N HIS C 485 -13.00 -28.65 -8.90
CA HIS C 485 -12.69 -30.09 -9.14
C HIS C 485 -13.04 -30.93 -7.92
N GLY C 486 -13.46 -30.29 -6.81
CA GLY C 486 -14.00 -31.00 -5.65
C GLY C 486 -12.94 -31.13 -4.57
N LEU C 487 -12.94 -30.21 -3.61
CA LEU C 487 -12.13 -30.38 -2.37
C LEU C 487 -12.95 -31.22 -1.41
N PRO C 488 -12.47 -32.44 -1.04
CA PRO C 488 -13.13 -33.22 -0.03
C PRO C 488 -13.35 -32.38 1.22
N PRO C 489 -14.31 -32.77 2.08
CA PRO C 489 -14.44 -32.15 3.39
C PRO C 489 -13.05 -32.30 4.01
N THR C 490 -12.49 -31.20 4.51
CA THR C 490 -11.07 -31.12 4.93
C THR C 490 -10.94 -30.20 6.16
N GLY C 491 -10.00 -30.54 7.03
CA GLY C 491 -9.54 -29.67 8.12
C GLY C 491 -8.11 -29.23 7.90
N GLY C 492 -7.87 -27.92 8.01
CA GLY C 492 -6.54 -27.34 7.84
C GLY C 492 -6.16 -26.48 9.03
N TRP C 493 -4.87 -26.18 9.14
CA TRP C 493 -4.26 -25.73 10.41
C TRP C 493 -2.92 -25.09 10.15
N GLY C 494 -2.66 -23.99 10.86
CA GLY C 494 -1.34 -23.34 10.86
C GLY C 494 -0.85 -23.15 12.28
N LEU C 495 0.47 -23.13 12.40
CA LEU C 495 1.22 -22.92 13.65
C LEU C 495 2.37 -21.96 13.38
N GLY C 496 2.57 -21.01 14.27
CA GLY C 496 3.76 -20.16 14.27
C GLY C 496 4.88 -20.86 15.00
N ILE C 497 5.84 -21.41 14.28
CA ILE C 497 6.93 -22.21 14.91
C ILE C 497 7.71 -21.30 15.87
N ASP C 498 8.06 -20.09 15.46
CA ASP C 498 8.94 -19.21 16.28
C ASP C 498 8.23 -18.97 17.63
N ARG C 499 6.94 -18.64 17.59
CA ARG C 499 6.19 -18.34 18.83
C ARG C 499 6.13 -19.58 19.70
N LEU C 500 5.96 -20.78 19.10
CA LEU C 500 5.99 -22.02 19.89
C LEU C 500 7.33 -22.13 20.65
N ILE C 501 8.45 -21.94 19.95
CA ILE C 501 9.80 -22.02 20.58
C ILE C 501 9.89 -20.98 21.72
N MET C 502 9.36 -19.76 21.52
CA MET C 502 9.38 -18.72 22.59
C MET C 502 8.80 -19.30 23.89
N PHE C 503 7.65 -19.96 23.84
CA PHE C 503 7.01 -20.52 25.06
C PHE C 503 7.82 -21.71 25.57
N LEU C 504 8.24 -22.60 24.69
CA LEU C 504 8.93 -23.84 25.13
C LEU C 504 10.27 -23.50 25.79
N ALA C 505 10.99 -22.51 25.25
CA ALA C 505 12.35 -22.13 25.70
C ALA C 505 12.31 -20.95 26.68
N ASP C 506 11.14 -20.41 26.97
CA ASP C 506 10.96 -19.27 27.92
C ASP C 506 11.76 -18.05 27.45
N LYS C 507 11.45 -17.53 26.27
CA LYS C 507 12.02 -16.29 25.72
C LYS C 507 10.86 -15.35 25.43
N ASN C 508 11.02 -14.05 25.71
CA ASN C 508 9.93 -13.09 25.49
C ASN C 508 10.24 -12.27 24.24
N ASN C 509 11.34 -12.55 23.54
CA ASN C 509 11.72 -11.85 22.28
C ASN C 509 11.92 -12.90 21.18
N ILE C 510 11.18 -12.76 20.08
CA ILE C 510 11.22 -13.69 18.94
C ILE C 510 12.67 -13.74 18.40
N LYS C 511 13.45 -12.69 18.60
CA LYS C 511 14.83 -12.63 18.06
C LYS C 511 15.70 -13.65 18.79
N GLU C 512 15.29 -14.08 19.99
CA GLU C 512 16.01 -15.13 20.75
C GLU C 512 15.92 -16.49 20.05
N VAL C 513 14.93 -16.71 19.19
CA VAL C 513 14.67 -18.09 18.66
C VAL C 513 14.94 -18.16 17.16
N ILE C 514 15.42 -17.05 16.57
CA ILE C 514 15.79 -16.96 15.14
C ILE C 514 17.30 -16.73 15.12
N LEU C 515 18.04 -17.57 14.41
CA LEU C 515 19.53 -17.42 14.41
C LEU C 515 19.95 -16.02 13.95
N PHE C 516 19.44 -15.51 12.84
CA PHE C 516 19.90 -14.24 12.26
C PHE C 516 18.70 -13.34 11.97
N PRO C 517 18.10 -12.70 13.00
CA PRO C 517 16.94 -11.84 12.75
C PRO C 517 17.41 -10.56 12.05
N ALA C 518 16.70 -10.11 11.00
CA ALA C 518 17.09 -8.87 10.26
C ALA C 518 16.93 -7.67 11.20
N MET C 519 17.96 -6.82 11.27
CA MET C 519 18.07 -5.65 12.21
C MET C 519 18.24 -4.36 11.37
N ARG C 520 18.02 -3.18 11.98
CA ARG C 520 18.29 -1.86 11.29
C ARG C 520 19.74 -1.77 10.79
N SER D 21 -18.38 -23.91 -20.65
CA SER D 21 -18.89 -25.31 -20.61
C SER D 21 -20.29 -25.33 -19.98
N HIS D 22 -21.26 -25.88 -20.73
CA HIS D 22 -22.63 -26.21 -20.26
C HIS D 22 -22.56 -27.10 -19.01
N TYR D 23 -21.66 -28.07 -18.99
CA TYR D 23 -21.53 -29.06 -17.88
C TYR D 23 -21.33 -28.32 -16.55
N THR D 24 -20.42 -27.33 -16.51
CA THR D 24 -20.10 -26.55 -15.29
C THR D 24 -21.34 -25.78 -14.84
N ASP D 25 -21.97 -25.01 -15.74
CA ASP D 25 -23.17 -24.19 -15.38
C ASP D 25 -24.28 -25.11 -14.88
N ASN D 26 -24.53 -26.23 -15.55
CA ASN D 26 -25.59 -27.21 -15.16
C ASN D 26 -25.28 -27.78 -13.78
N ARG D 27 -24.00 -28.02 -13.46
CA ARG D 27 -23.67 -28.61 -12.14
C ARG D 27 -23.98 -27.58 -11.04
N TYR D 28 -23.64 -26.31 -11.26
CA TYR D 28 -24.00 -25.22 -10.30
C TYR D 28 -25.52 -25.20 -10.10
N LYS D 29 -26.30 -25.41 -11.17
CA LYS D 29 -27.79 -25.41 -11.12
C LYS D 29 -28.27 -26.61 -10.31
N MET D 30 -27.71 -27.80 -10.53
CA MET D 30 -28.08 -28.99 -9.73
C MET D 30 -27.78 -28.73 -8.26
N MET D 31 -26.65 -28.12 -7.94
CA MET D 31 -26.27 -27.92 -6.51
C MET D 31 -27.22 -26.89 -5.87
N GLU D 32 -27.62 -25.85 -6.62
CA GLU D 32 -28.59 -24.86 -6.10
C GLU D 32 -29.94 -25.56 -5.82
N CYS D 33 -30.38 -26.42 -6.73
CA CYS D 33 -31.64 -27.21 -6.59
C CYS D 33 -31.55 -28.12 -5.34
N ILE D 34 -30.42 -28.82 -5.17
CA ILE D 34 -30.20 -29.66 -3.97
C ILE D 34 -30.33 -28.78 -2.72
N LYS D 35 -29.68 -27.62 -2.71
CA LYS D 35 -29.66 -26.73 -1.52
C LYS D 35 -31.11 -26.31 -1.20
N ASP D 36 -31.87 -25.88 -2.19
CA ASP D 36 -33.24 -25.33 -1.99
C ASP D 36 -34.18 -26.44 -1.54
N ALA D 37 -33.97 -27.69 -1.96
CA ALA D 37 -34.82 -28.85 -1.64
C ALA D 37 -34.51 -29.37 -0.23
N GLY D 38 -33.55 -28.77 0.47
CA GLY D 38 -33.10 -29.24 1.79
C GLY D 38 -32.38 -30.59 1.71
N ARG D 39 -31.80 -30.93 0.58
CA ARG D 39 -31.07 -32.22 0.45
C ARG D 39 -29.61 -31.96 0.84
N PRO D 40 -28.79 -33.02 1.09
CA PRO D 40 -27.42 -32.82 1.55
C PRO D 40 -26.61 -31.91 0.62
N PHE D 41 -26.13 -30.81 1.19
CA PHE D 41 -25.38 -29.75 0.50
C PHE D 41 -24.05 -29.55 1.23
N TYR D 42 -22.98 -30.11 0.68
CA TYR D 42 -21.62 -29.99 1.25
C TYR D 42 -21.61 -30.33 2.75
N PRO D 43 -21.97 -31.56 3.16
CA PRO D 43 -21.87 -31.96 4.56
C PRO D 43 -20.50 -31.61 5.16
N HIS D 44 -20.52 -31.14 6.40
CA HIS D 44 -19.34 -30.63 7.11
C HIS D 44 -18.41 -31.80 7.47
N LYS D 45 -18.99 -32.89 7.92
CA LYS D 45 -18.20 -34.04 8.45
C LYS D 45 -18.79 -35.35 7.93
N PHE D 46 -17.94 -36.16 7.33
CA PHE D 46 -18.29 -37.56 7.01
C PHE D 46 -17.33 -38.45 7.81
N LYS D 47 -17.87 -39.31 8.65
CA LYS D 47 -17.08 -40.20 9.55
C LYS D 47 -16.86 -41.55 8.84
N ILE D 48 -15.66 -41.77 8.31
CA ILE D 48 -15.35 -43.06 7.64
C ILE D 48 -15.18 -44.12 8.73
N SER D 49 -15.56 -45.36 8.45
CA SER D 49 -15.33 -46.51 9.36
C SER D 49 -13.85 -46.84 9.36
N MET D 50 -13.23 -46.70 8.20
CA MET D 50 -11.80 -47.04 8.02
C MET D 50 -11.39 -46.51 6.66
N SER D 51 -10.08 -46.46 6.45
CA SER D 51 -9.53 -46.02 5.15
C SER D 51 -9.82 -47.09 4.10
N LEU D 52 -9.72 -46.74 2.82
CA LEU D 52 -9.92 -47.77 1.76
C LEU D 52 -8.77 -48.79 1.81
N PRO D 53 -7.49 -48.41 2.06
CA PRO D 53 -6.44 -49.41 2.26
C PRO D 53 -6.74 -50.38 3.41
N ALA D 54 -7.27 -49.87 4.51
CA ALA D 54 -7.62 -50.69 5.69
C ALA D 54 -8.77 -51.63 5.29
N TYR D 55 -9.73 -51.14 4.51
CA TYR D 55 -10.86 -51.94 3.99
C TYR D 55 -10.31 -53.11 3.14
N ALA D 56 -9.39 -52.83 2.22
CA ALA D 56 -8.78 -53.84 1.33
C ALA D 56 -7.99 -54.86 2.17
N LEU D 57 -7.29 -54.41 3.21
CA LEU D 57 -6.50 -55.31 4.08
C LEU D 57 -7.47 -56.24 4.83
N LYS D 58 -8.59 -55.70 5.32
CA LYS D 58 -9.53 -56.49 6.13
C LYS D 58 -10.34 -57.48 5.26
N TYR D 59 -10.84 -57.08 4.09
CA TYR D 59 -11.84 -57.87 3.31
C TYR D 59 -11.26 -58.43 2.00
N GLY D 60 -10.03 -58.04 1.63
CA GLY D 60 -9.42 -58.41 0.34
C GLY D 60 -9.34 -59.92 0.12
N ASN D 61 -9.34 -60.75 1.17
CA ASN D 61 -9.14 -62.22 1.01
C ASN D 61 -10.39 -63.02 1.39
N VAL D 62 -11.56 -62.38 1.51
CA VAL D 62 -12.81 -63.17 1.69
C VAL D 62 -13.06 -63.93 0.38
N GLU D 63 -13.83 -65.01 0.46
CA GLU D 63 -14.21 -65.79 -0.75
C GLU D 63 -15.15 -64.97 -1.64
N ASN D 64 -15.11 -65.21 -2.96
CA ASN D 64 -16.06 -64.64 -3.94
C ASN D 64 -17.50 -64.75 -3.39
N GLY D 65 -18.28 -63.67 -3.49
CA GLY D 65 -19.70 -63.61 -3.11
C GLY D 65 -19.92 -63.43 -1.63
N TYR D 66 -18.87 -63.43 -0.80
CA TYR D 66 -19.01 -63.18 0.66
C TYR D 66 -19.68 -61.82 0.90
N ILE D 67 -20.68 -61.80 1.77
CA ILE D 67 -21.28 -60.52 2.24
C ILE D 67 -21.56 -60.66 3.73
N ASP D 68 -21.21 -59.65 4.53
CA ASP D 68 -21.56 -59.60 5.97
C ASP D 68 -22.66 -58.54 6.15
N LYS D 69 -23.91 -58.97 6.16
CA LYS D 69 -25.08 -58.08 6.37
C LYS D 69 -25.19 -57.65 7.85
N ASP D 70 -24.39 -58.21 8.76
CA ASP D 70 -24.38 -57.80 10.19
C ASP D 70 -23.45 -56.60 10.43
N THR D 71 -22.70 -56.17 9.42
CA THR D 71 -21.69 -55.07 9.60
C THR D 71 -22.02 -53.97 8.59
N THR D 72 -22.34 -52.79 9.06
CA THR D 72 -22.54 -51.57 8.23
C THR D 72 -21.31 -50.69 8.37
N LEU D 73 -20.70 -50.29 7.26
CA LEU D 73 -19.48 -49.46 7.26
C LEU D 73 -19.75 -48.23 6.41
N SER D 74 -19.05 -47.15 6.75
CA SER D 74 -19.01 -45.90 5.94
C SER D 74 -17.65 -45.80 5.26
N LEU D 75 -17.64 -45.60 3.94
CA LEU D 75 -16.40 -45.44 3.14
C LEU D 75 -16.53 -44.16 2.32
N SER D 76 -15.40 -43.57 1.95
CA SER D 76 -15.41 -42.34 1.11
C SER D 76 -14.22 -42.33 0.16
N GLY D 77 -14.41 -41.73 -0.99
CA GLY D 77 -13.36 -41.50 -1.98
C GLY D 77 -13.89 -40.68 -3.14
N ARG D 78 -13.08 -40.58 -4.18
CA ARG D 78 -13.48 -39.88 -5.41
C ARG D 78 -14.02 -40.95 -6.37
N VAL D 79 -15.15 -40.66 -7.00
CA VAL D 79 -15.77 -41.57 -8.02
C VAL D 79 -14.88 -41.57 -9.26
N THR D 80 -14.36 -42.74 -9.63
CA THR D 80 -13.53 -42.88 -10.86
C THR D 80 -14.34 -43.57 -11.97
N SER D 81 -15.47 -44.18 -11.64
CA SER D 81 -16.31 -44.91 -12.65
C SER D 81 -17.75 -44.98 -12.15
N ILE D 82 -18.70 -44.76 -13.06
CA ILE D 82 -20.14 -45.06 -12.82
C ILE D 82 -20.62 -45.91 -13.99
N ARG D 83 -21.13 -47.09 -13.71
CA ARG D 83 -21.80 -47.94 -14.73
C ARG D 83 -23.19 -48.25 -14.21
N SER D 84 -24.23 -47.61 -14.77
CA SER D 84 -25.63 -48.04 -14.53
C SER D 84 -25.87 -49.23 -15.44
N SER D 85 -25.66 -50.44 -14.92
CA SER D 85 -25.90 -51.69 -15.69
C SER D 85 -27.39 -51.81 -16.00
N SER D 86 -28.26 -51.35 -15.09
CA SER D 86 -29.72 -51.50 -15.21
C SER D 86 -30.43 -50.40 -14.40
N SER D 87 -31.75 -50.31 -14.50
CA SER D 87 -32.53 -49.33 -13.70
C SER D 87 -32.43 -49.63 -12.20
N LYS D 88 -31.98 -50.82 -11.84
CA LYS D 88 -32.02 -51.32 -10.45
C LYS D 88 -30.61 -51.45 -9.84
N LEU D 89 -29.55 -51.27 -10.64
CA LEU D 89 -28.20 -51.68 -10.23
C LEU D 89 -27.17 -50.70 -10.80
N ILE D 90 -26.41 -50.07 -9.90
CA ILE D 90 -25.34 -49.09 -10.28
C ILE D 90 -24.05 -49.56 -9.66
N PHE D 91 -23.00 -49.62 -10.48
CA PHE D 91 -21.62 -49.97 -10.08
C PHE D 91 -20.81 -48.68 -10.05
N TYR D 92 -20.18 -48.39 -8.90
CA TYR D 92 -19.20 -47.29 -8.80
C TYR D 92 -17.83 -47.89 -8.53
N ASP D 93 -16.79 -47.22 -9.03
CA ASP D 93 -15.46 -47.29 -8.41
C ASP D 93 -15.21 -45.99 -7.65
N ILE D 94 -14.77 -46.10 -6.40
CA ILE D 94 -14.20 -44.94 -5.64
C ILE D 94 -12.71 -45.20 -5.39
N PHE D 95 -11.96 -44.13 -5.28
CA PHE D 95 -10.49 -44.19 -5.08
C PHE D 95 -10.12 -43.25 -3.94
N CYS D 96 -9.30 -43.75 -3.04
CA CYS D 96 -8.78 -42.93 -1.91
C CYS D 96 -7.50 -43.56 -1.38
N GLU D 97 -6.50 -42.73 -1.11
CA GLU D 97 -5.23 -43.17 -0.45
C GLU D 97 -4.69 -44.39 -1.22
N GLU D 98 -4.68 -44.33 -2.54
CA GLU D 98 -4.05 -45.32 -3.46
C GLU D 98 -4.82 -46.65 -3.47
N GLN D 99 -6.08 -46.70 -3.05
CA GLN D 99 -6.87 -47.95 -3.08
C GLN D 99 -8.20 -47.68 -3.82
N LYS D 100 -8.54 -48.56 -4.77
CA LYS D 100 -9.86 -48.61 -5.45
C LYS D 100 -10.78 -49.56 -4.71
N VAL D 101 -12.04 -49.17 -4.51
CA VAL D 101 -13.07 -50.09 -3.99
C VAL D 101 -14.28 -49.98 -4.90
N GLN D 102 -14.85 -51.12 -5.28
CA GLN D 102 -16.11 -51.14 -6.07
C GLN D 102 -17.28 -50.96 -5.10
N ILE D 103 -18.23 -50.13 -5.48
CA ILE D 103 -19.52 -49.99 -4.74
C ILE D 103 -20.64 -50.55 -5.62
N ILE D 104 -21.40 -51.48 -5.05
CA ILE D 104 -22.58 -52.10 -5.71
C ILE D 104 -23.84 -51.54 -5.04
N ALA D 105 -24.57 -50.71 -5.77
CA ALA D 105 -25.78 -49.99 -5.31
C ALA D 105 -27.00 -50.66 -5.96
N ASN D 106 -27.68 -51.50 -5.18
CA ASN D 106 -28.88 -52.25 -5.57
C ASN D 106 -30.09 -51.52 -5.01
N ILE D 107 -31.07 -51.20 -5.85
CA ILE D 107 -32.31 -50.51 -5.41
C ILE D 107 -32.91 -51.24 -4.20
N MET D 108 -32.80 -52.56 -4.12
CA MET D 108 -33.45 -53.36 -3.03
C MET D 108 -32.82 -53.02 -1.67
N GLU D 109 -31.56 -52.55 -1.65
CA GLU D 109 -30.86 -52.24 -0.37
C GLU D 109 -30.96 -50.74 -0.04
N HIS D 110 -31.56 -49.92 -0.91
CA HIS D 110 -31.49 -48.44 -0.77
C HIS D 110 -32.29 -47.96 0.45
N ASP D 111 -31.67 -47.08 1.25
CA ASP D 111 -32.34 -46.41 2.39
C ASP D 111 -33.21 -45.27 1.86
N ILE D 112 -34.53 -45.50 1.75
CA ILE D 112 -35.48 -44.53 1.11
C ILE D 112 -35.58 -43.25 1.94
N SER D 113 -35.17 -43.25 3.21
CA SER D 113 -35.14 -42.02 4.05
C SER D 113 -34.13 -41.00 3.48
N THR D 114 -33.16 -41.43 2.67
CA THR D 114 -32.13 -40.53 2.06
C THR D 114 -32.66 -39.98 0.73
N GLY D 115 -33.85 -40.42 0.31
CA GLY D 115 -34.44 -40.10 -1.00
C GLY D 115 -34.72 -41.36 -1.80
N GLU D 116 -35.52 -41.24 -2.87
CA GLU D 116 -35.74 -42.35 -3.84
C GLU D 116 -34.38 -42.71 -4.46
N PHE D 117 -34.14 -43.99 -4.72
CA PHE D 117 -32.90 -44.53 -5.31
C PHE D 117 -32.49 -43.70 -6.54
N SER D 118 -33.40 -43.51 -7.50
CA SER D 118 -33.07 -42.77 -8.76
C SER D 118 -32.63 -41.33 -8.42
N VAL D 119 -33.31 -40.69 -7.47
CA VAL D 119 -33.00 -39.27 -7.11
C VAL D 119 -31.59 -39.23 -6.45
N SER D 120 -31.33 -40.13 -5.50
CA SER D 120 -30.05 -40.16 -4.75
C SER D 120 -28.88 -40.33 -5.74
N HIS D 121 -29.00 -41.25 -6.70
CA HIS D 121 -27.90 -41.57 -7.64
C HIS D 121 -27.84 -40.56 -8.79
N SER D 122 -28.95 -39.88 -9.11
CA SER D 122 -28.95 -38.85 -10.19
C SER D 122 -28.05 -37.67 -9.82
N GLU D 123 -27.77 -37.48 -8.52
CA GLU D 123 -26.95 -36.35 -8.03
C GLU D 123 -25.45 -36.64 -8.18
N ILE D 124 -25.05 -37.86 -8.55
CA ILE D 124 -23.62 -38.29 -8.48
C ILE D 124 -23.05 -38.31 -9.90
N ARG D 125 -21.82 -37.84 -10.03
CA ARG D 125 -21.10 -37.82 -11.33
C ARG D 125 -19.69 -38.35 -11.13
N ARG D 126 -19.11 -38.87 -12.20
CA ARG D 126 -17.67 -39.20 -12.20
C ARG D 126 -16.86 -37.98 -11.74
N GLY D 127 -15.92 -38.19 -10.82
CA GLY D 127 -15.09 -37.11 -10.27
C GLY D 127 -15.59 -36.61 -8.92
N ASP D 128 -16.83 -36.90 -8.55
CA ASP D 128 -17.39 -36.41 -7.27
C ASP D 128 -16.69 -37.09 -6.07
N VAL D 129 -16.51 -36.32 -5.01
CA VAL D 129 -16.12 -36.90 -3.69
C VAL D 129 -17.41 -37.31 -3.00
N VAL D 130 -17.53 -38.58 -2.64
CA VAL D 130 -18.81 -39.12 -2.11
C VAL D 130 -18.52 -40.04 -0.93
N GLY D 131 -19.54 -40.20 -0.09
CA GLY D 131 -19.58 -41.25 0.95
C GLY D 131 -20.62 -42.31 0.61
N PHE D 132 -20.36 -43.54 1.04
CA PHE D 132 -21.31 -44.66 0.95
C PHE D 132 -21.39 -45.33 2.30
N THR D 133 -22.56 -45.86 2.65
CA THR D 133 -22.69 -46.80 3.77
C THR D 133 -23.19 -48.13 3.20
N GLY D 134 -22.81 -49.23 3.82
CA GLY D 134 -23.20 -50.55 3.29
C GLY D 134 -22.50 -51.70 3.99
N PHE D 135 -22.66 -52.87 3.38
CA PHE D 135 -22.19 -54.17 3.91
C PHE D 135 -20.92 -54.53 3.16
N PRO D 136 -19.90 -55.05 3.87
CA PRO D 136 -18.68 -55.45 3.20
C PRO D 136 -18.70 -56.84 2.57
N GLY D 137 -17.88 -57.02 1.54
CA GLY D 137 -17.57 -58.34 0.99
C GLY D 137 -17.01 -58.28 -0.40
N LYS D 138 -17.40 -59.25 -1.21
CA LYS D 138 -16.81 -59.48 -2.55
C LYS D 138 -17.94 -59.89 -3.49
N SER D 139 -17.97 -59.30 -4.69
CA SER D 139 -18.91 -59.71 -5.78
C SER D 139 -18.65 -61.18 -6.13
N LYS D 140 -19.62 -61.83 -6.76
CA LYS D 140 -19.49 -63.23 -7.23
C LYS D 140 -18.30 -63.32 -8.20
N ARG D 141 -18.02 -62.25 -8.94
CA ARG D 141 -16.85 -62.21 -9.88
C ARG D 141 -15.51 -62.00 -9.15
N GLY D 142 -15.51 -61.77 -7.82
CA GLY D 142 -14.27 -61.68 -7.01
C GLY D 142 -13.78 -60.25 -6.77
N GLU D 143 -14.62 -59.23 -7.00
CA GLU D 143 -14.23 -57.80 -6.82
C GLU D 143 -14.52 -57.39 -5.37
N LEU D 144 -13.50 -56.90 -4.67
CA LEU D 144 -13.66 -56.27 -3.35
C LEU D 144 -14.74 -55.17 -3.48
N SER D 145 -15.80 -55.26 -2.70
CA SER D 145 -16.98 -54.39 -2.90
C SER D 145 -17.55 -53.94 -1.55
N LEU D 146 -18.24 -52.81 -1.59
CA LEU D 146 -19.24 -52.45 -0.57
C LEU D 146 -20.62 -52.55 -1.22
N PHE D 147 -21.53 -53.25 -0.56
CA PHE D 147 -22.94 -53.42 -1.00
C PHE D 147 -23.72 -52.30 -0.31
N SER D 148 -23.98 -51.22 -1.04
CA SER D 148 -24.33 -49.91 -0.43
C SER D 148 -25.84 -49.86 -0.13
N LYS D 149 -26.16 -49.10 0.91
CA LYS D 149 -27.54 -48.74 1.32
C LYS D 149 -27.79 -47.26 1.07
N SER D 150 -26.73 -46.46 0.94
CA SER D 150 -26.87 -44.99 0.82
C SER D 150 -25.65 -44.41 0.13
N VAL D 151 -25.81 -43.21 -0.40
CA VAL D 151 -24.74 -42.43 -1.05
C VAL D 151 -24.94 -40.99 -0.58
N VAL D 152 -23.84 -40.31 -0.26
CA VAL D 152 -23.86 -38.87 0.13
C VAL D 152 -22.89 -38.13 -0.77
N LEU D 153 -23.39 -37.10 -1.45
CA LEU D 153 -22.53 -36.21 -2.25
C LEU D 153 -21.79 -35.28 -1.26
N LEU D 154 -20.47 -35.41 -1.17
CA LEU D 154 -19.69 -34.58 -0.20
C LEU D 154 -19.13 -33.34 -0.91
N SER D 155 -18.58 -33.50 -2.10
CA SER D 155 -18.00 -32.37 -2.84
C SER D 155 -18.02 -32.69 -4.32
N PRO D 156 -18.95 -32.09 -5.09
CA PRO D 156 -19.05 -32.38 -6.53
C PRO D 156 -17.89 -31.83 -7.35
N CYS D 157 -17.58 -32.54 -8.42
CA CYS D 157 -16.67 -32.06 -9.49
C CYS D 157 -17.50 -31.36 -10.57
N TYR D 158 -17.21 -30.10 -10.87
CA TYR D 158 -18.04 -29.26 -11.78
C TYR D 158 -17.50 -29.31 -13.23
N HIS D 159 -16.50 -30.16 -13.46
CA HIS D 159 -15.81 -30.29 -14.76
C HIS D 159 -15.82 -31.75 -15.19
N MET D 160 -16.00 -31.99 -16.47
CA MET D 160 -15.86 -33.34 -17.06
C MET D 160 -14.37 -33.69 -17.06
N LEU D 161 -14.00 -34.72 -16.32
CA LEU D 161 -12.58 -35.09 -16.15
C LEU D 161 -12.10 -35.87 -17.36
N PRO D 162 -10.88 -35.63 -17.87
CA PRO D 162 -10.26 -36.53 -18.83
C PRO D 162 -10.20 -37.92 -18.17
N THR D 163 -10.13 -38.98 -18.96
CA THR D 163 -10.03 -40.35 -18.38
C THR D 163 -8.56 -40.60 -18.02
N ALA D 164 -7.63 -39.93 -18.70
CA ALA D 164 -6.16 -40.04 -18.50
C ALA D 164 -5.46 -38.70 -18.77
N ILE D 165 -4.30 -38.45 -18.14
CA ILE D 165 -3.49 -37.21 -18.29
C ILE D 165 -3.64 -36.66 -19.72
N GLN D 171 0.87 -32.20 -20.47
CA GLN D 171 2.06 -31.81 -19.64
C GLN D 171 1.92 -30.36 -19.17
N GLU D 172 1.56 -29.44 -20.07
CA GLU D 172 1.24 -28.05 -19.68
C GLU D 172 0.12 -28.03 -18.62
N VAL D 173 -0.97 -28.76 -18.87
CA VAL D 173 -2.10 -28.87 -17.90
C VAL D 173 -1.58 -29.54 -16.62
N ARG D 174 -0.73 -30.56 -16.72
CA ARG D 174 -0.25 -31.34 -15.55
C ARG D 174 0.47 -30.39 -14.57
N TYR D 175 1.18 -29.38 -15.06
CA TYR D 175 1.99 -28.44 -14.26
C TYR D 175 1.15 -27.26 -13.78
N ARG D 176 0.20 -26.80 -14.60
CA ARG D 176 -0.65 -25.62 -14.25
C ARG D 176 -1.82 -26.03 -13.37
N GLN D 177 -2.24 -27.29 -13.49
CA GLN D 177 -3.35 -27.85 -12.68
C GLN D 177 -2.84 -29.16 -12.07
N ARG D 178 -1.90 -29.02 -11.14
CA ARG D 178 -1.19 -30.20 -10.60
C ARG D 178 -2.20 -31.11 -9.91
N TYR D 179 -3.29 -30.56 -9.37
CA TYR D 179 -4.33 -31.39 -8.71
C TYR D 179 -4.90 -32.40 -9.71
N LEU D 180 -5.01 -32.05 -10.99
CA LEU D 180 -5.54 -32.99 -12.02
C LEU D 180 -4.52 -34.11 -12.25
N ASP D 181 -3.25 -33.74 -12.37
CA ASP D 181 -2.16 -34.72 -12.54
C ASP D 181 -2.18 -35.70 -11.37
N LEU D 182 -2.24 -35.19 -10.13
CA LEU D 182 -2.17 -36.06 -8.93
C LEU D 182 -3.45 -36.90 -8.86
N MET D 183 -4.59 -36.33 -9.23
CA MET D 183 -5.89 -37.03 -9.17
C MET D 183 -5.88 -38.26 -10.12
N LEU D 184 -5.30 -38.10 -11.30
CA LEU D 184 -5.51 -39.03 -12.44
C LEU D 184 -4.25 -39.88 -12.71
N ASN D 185 -3.08 -39.48 -12.23
CA ASN D 185 -1.80 -40.10 -12.66
C ASN D 185 -1.01 -40.62 -11.44
N GLU D 186 -1.05 -41.92 -11.24
CA GLU D 186 -0.31 -42.61 -10.16
C GLU D 186 1.19 -42.29 -10.23
N GLU D 187 1.76 -42.21 -11.43
CA GLU D 187 3.21 -41.96 -11.63
C GLU D 187 3.56 -40.60 -10.99
N SER D 188 2.67 -39.62 -11.10
CA SER D 188 2.91 -38.27 -10.53
C SER D 188 2.93 -38.35 -9.00
N ARG D 189 1.96 -39.05 -8.41
CA ARG D 189 1.93 -39.22 -6.94
C ARG D 189 3.19 -39.95 -6.47
N LYS D 190 3.65 -40.95 -7.22
CA LYS D 190 4.87 -41.72 -6.86
C LYS D 190 6.09 -40.80 -6.80
N VAL D 191 6.25 -39.87 -7.73
CA VAL D 191 7.41 -38.94 -7.75
C VAL D 191 7.45 -38.15 -6.43
N PHE D 192 6.32 -37.62 -5.98
CA PHE D 192 6.31 -36.70 -4.81
C PHE D 192 6.49 -37.52 -3.54
N LYS D 193 5.98 -38.75 -3.50
CA LYS D 193 6.23 -39.65 -2.35
C LYS D 193 7.72 -39.98 -2.30
N LEU D 194 8.34 -40.25 -3.43
CA LEU D 194 9.79 -40.58 -3.48
C LEU D 194 10.59 -39.34 -3.03
N ARG D 195 10.21 -38.15 -3.50
CA ARG D 195 10.91 -36.90 -3.10
C ARG D 195 10.88 -36.78 -1.56
N SER D 196 9.72 -36.93 -0.93
CA SER D 196 9.60 -36.85 0.54
C SER D 196 10.45 -37.92 1.18
N ARG D 197 10.42 -39.13 0.65
CA ARG D 197 11.18 -40.26 1.25
C ARG D 197 12.68 -39.95 1.19
N ALA D 198 13.14 -39.37 0.08
CA ALA D 198 14.58 -39.07 -0.12
C ALA D 198 15.02 -38.01 0.88
N ILE D 199 14.24 -36.94 1.05
CA ILE D 199 14.57 -35.84 1.99
C ILE D 199 14.61 -36.38 3.41
N LYS D 200 13.66 -37.25 3.79
CA LYS D 200 13.60 -37.90 5.12
C LYS D 200 14.87 -38.74 5.34
N TYR D 201 15.26 -39.50 4.33
CA TYR D 201 16.47 -40.37 4.39
C TYR D 201 17.70 -39.47 4.63
N ILE D 202 17.80 -38.36 3.91
CA ILE D 202 18.94 -37.41 4.01
C ILE D 202 18.98 -36.79 5.42
N ARG D 203 17.85 -36.32 5.94
CA ARG D 203 17.81 -35.76 7.32
C ARG D 203 18.26 -36.83 8.30
N ASN D 204 17.79 -38.06 8.14
CA ASN D 204 18.14 -39.17 9.08
C ASN D 204 19.66 -39.37 9.08
N TYR D 205 20.27 -39.38 7.91
CA TYR D 205 21.73 -39.61 7.79
C TYR D 205 22.50 -38.55 8.59
N PHE D 206 22.16 -37.27 8.41
CA PHE D 206 22.87 -36.16 9.09
C PHE D 206 22.48 -36.10 10.58
N ASP D 207 21.20 -36.27 10.88
CA ASP D 207 20.71 -36.21 12.29
C ASP D 207 21.47 -37.27 13.11
N ARG D 208 21.61 -38.48 12.57
CA ARG D 208 22.31 -39.57 13.30
C ARG D 208 23.80 -39.26 13.45
N LEU D 209 24.40 -38.42 12.59
CA LEU D 209 25.83 -38.01 12.75
C LEU D 209 25.95 -36.84 13.75
N GLY D 210 24.86 -36.38 14.36
CA GLY D 210 24.93 -35.32 15.37
C GLY D 210 24.81 -33.93 14.77
N PHE D 211 24.41 -33.80 13.51
CA PHE D 211 24.21 -32.47 12.87
C PHE D 211 23.02 -31.76 13.50
N LEU D 212 23.09 -30.43 13.48
CA LEU D 212 21.96 -29.57 13.89
C LEU D 212 21.32 -29.01 12.63
N GLU D 213 20.02 -29.24 12.46
CA GLU D 213 19.24 -28.70 11.34
C GLU D 213 18.88 -27.25 11.70
N VAL D 214 19.18 -26.31 10.81
CA VAL D 214 19.04 -24.87 11.12
C VAL D 214 18.30 -24.17 10.00
N GLU D 215 17.77 -22.98 10.33
CA GLU D 215 17.16 -22.03 9.36
C GLU D 215 17.96 -20.73 9.41
N THR D 216 18.41 -20.31 8.22
CA THR D 216 19.10 -19.02 8.01
C THR D 216 18.19 -18.17 7.15
N PRO D 217 18.39 -16.84 7.16
CA PRO D 217 17.42 -15.94 6.52
C PRO D 217 17.44 -16.01 4.99
N MET D 218 16.25 -15.90 4.44
CA MET D 218 16.06 -15.86 2.97
C MET D 218 16.13 -14.42 2.44
N LEU D 219 15.84 -13.43 3.27
CA LEU D 219 15.87 -11.98 2.89
C LEU D 219 16.99 -11.27 3.64
N ASN D 220 17.95 -10.72 2.90
CA ASN D 220 19.20 -10.17 3.48
C ASN D 220 19.58 -8.88 2.73
N MET D 221 20.31 -8.00 3.41
CA MET D 221 20.87 -6.76 2.84
C MET D 221 21.82 -7.12 1.70
N ILE D 222 22.53 -8.25 1.84
CA ILE D 222 23.53 -8.73 0.85
C ILE D 222 23.12 -10.16 0.46
N TYR D 223 23.69 -10.66 -0.63
CA TYR D 223 23.50 -12.03 -1.14
C TYR D 223 24.88 -12.52 -1.54
N GLY D 224 25.07 -13.84 -1.60
CA GLY D 224 26.35 -14.42 -2.03
C GLY D 224 26.36 -15.92 -1.83
N GLY D 225 27.49 -16.55 -2.11
CA GLY D 225 27.71 -17.99 -1.90
C GLY D 225 27.47 -18.83 -3.16
N ALA D 226 27.16 -18.19 -4.28
CA ALA D 226 27.03 -18.83 -5.59
C ALA D 226 27.14 -17.78 -6.71
N ALA D 227 26.99 -18.20 -7.96
CA ALA D 227 27.21 -17.37 -9.15
C ALA D 227 25.87 -17.25 -9.90
N ALA D 228 25.07 -16.26 -9.53
CA ALA D 228 23.72 -16.09 -10.10
C ALA D 228 23.23 -14.67 -9.87
N ARG D 229 22.27 -14.24 -10.68
CA ARG D 229 21.55 -12.98 -10.43
C ARG D 229 20.57 -13.22 -9.28
N PRO D 230 20.33 -12.19 -8.44
CA PRO D 230 19.38 -12.30 -7.35
C PRO D 230 17.97 -11.86 -7.71
N PHE D 231 17.02 -12.30 -6.90
CA PHE D 231 15.68 -11.67 -6.78
C PHE D 231 15.83 -10.52 -5.79
N ILE D 232 15.18 -9.40 -6.11
CA ILE D 232 15.28 -8.13 -5.36
C ILE D 232 13.90 -7.81 -4.82
N THR D 233 13.81 -7.37 -3.58
CA THR D 233 12.50 -7.03 -2.95
C THR D 233 12.72 -5.82 -2.05
N TYR D 234 11.68 -5.39 -1.36
CA TYR D 234 11.68 -4.18 -0.55
C TYR D 234 10.99 -4.50 0.77
N HIS D 235 11.64 -4.13 1.87
CA HIS D 235 11.16 -4.30 3.26
C HIS D 235 10.50 -3.00 3.71
N ASN D 236 9.22 -3.03 4.05
CA ASN D 236 8.44 -1.83 4.48
C ASN D 236 9.00 -1.27 5.81
N GLU D 237 9.20 -2.12 6.82
CA GLU D 237 9.63 -1.67 8.18
C GLU D 237 11.06 -1.11 8.11
N LEU D 238 11.99 -1.83 7.49
CA LEU D 238 13.43 -1.43 7.45
C LEU D 238 13.61 -0.36 6.37
N GLU D 239 12.58 -0.09 5.57
CA GLU D 239 12.60 0.90 4.46
C GLU D 239 13.84 0.69 3.60
N THR D 240 14.12 -0.54 3.19
CA THR D 240 15.34 -0.84 2.38
C THR D 240 15.06 -1.94 1.37
N GLN D 241 15.80 -1.91 0.27
CA GLN D 241 15.80 -2.99 -0.74
C GLN D 241 16.54 -4.16 -0.08
N LEU D 242 16.10 -5.38 -0.33
CA LEU D 242 16.75 -6.61 0.17
C LEU D 242 16.89 -7.55 -1.01
N TYR D 243 17.75 -8.54 -0.87
CA TYR D 243 17.95 -9.62 -1.85
C TYR D 243 17.46 -10.93 -1.25
N MET D 244 16.85 -11.79 -2.05
CA MET D 244 16.58 -13.18 -1.64
C MET D 244 17.90 -13.95 -1.72
N ARG D 245 18.10 -14.92 -0.82
CA ARG D 245 19.36 -15.68 -0.81
C ARG D 245 19.50 -16.46 -2.13
N ILE D 246 20.73 -16.56 -2.62
CA ILE D 246 21.06 -17.47 -3.74
C ILE D 246 21.71 -18.74 -3.19
N ALA D 247 22.10 -18.73 -1.91
CA ALA D 247 22.78 -19.87 -1.25
C ALA D 247 22.65 -19.66 0.26
N THR D 248 23.01 -20.64 1.07
CA THR D 248 22.97 -20.54 2.56
C THR D 248 24.38 -20.43 3.15
N GLU D 249 25.42 -20.58 2.32
CA GLU D 249 26.82 -20.75 2.73
C GLU D 249 27.28 -19.68 3.72
N LEU D 250 27.05 -18.39 3.44
CA LEU D 250 27.69 -17.31 4.19
C LEU D 250 27.12 -17.28 5.61
N TYR D 251 25.83 -17.56 5.78
CA TYR D 251 25.26 -17.68 7.16
C TYR D 251 25.69 -18.98 7.83
N LEU D 252 25.63 -20.11 7.12
CA LEU D 252 25.97 -21.40 7.76
C LEU D 252 27.41 -21.37 8.28
N LYS D 253 28.36 -20.78 7.53
CA LYS D 253 29.76 -20.79 8.00
C LYS D 253 29.87 -20.00 9.31
N GLN D 254 29.04 -18.98 9.51
CA GLN D 254 29.07 -18.22 10.77
C GLN D 254 28.68 -19.11 11.96
N LEU D 255 27.85 -20.15 11.74
CA LEU D 255 27.44 -21.08 12.82
C LEU D 255 28.61 -21.97 13.22
N ILE D 256 29.53 -22.22 12.30
CA ILE D 256 30.76 -23.00 12.61
C ILE D 256 31.73 -22.10 13.39
N VAL D 257 31.80 -20.80 13.07
CA VAL D 257 32.55 -19.84 13.92
C VAL D 257 31.93 -19.88 15.32
N GLY D 258 30.59 -19.97 15.38
CA GLY D 258 29.85 -19.99 16.65
C GLY D 258 30.05 -21.28 17.47
N GLY D 259 30.69 -22.30 16.90
CA GLY D 259 30.99 -23.55 17.62
C GLY D 259 29.89 -24.61 17.52
N LEU D 260 28.95 -24.52 16.59
CA LEU D 260 27.88 -25.55 16.45
C LEU D 260 28.42 -26.80 15.77
N ASP D 261 29.60 -26.75 15.13
CA ASP D 261 30.44 -27.90 14.70
C ASP D 261 29.87 -28.65 13.47
N LYS D 262 28.57 -28.96 13.44
CA LYS D 262 27.95 -29.71 12.31
C LYS D 262 26.55 -29.15 12.10
N VAL D 263 26.32 -28.44 10.98
CA VAL D 263 25.00 -27.81 10.70
C VAL D 263 24.58 -28.17 9.28
N TYR D 264 23.28 -28.28 9.05
CA TYR D 264 22.74 -28.39 7.68
C TYR D 264 21.43 -27.63 7.60
N GLU D 265 21.09 -27.30 6.35
CA GLU D 265 19.84 -26.61 6.01
C GLU D 265 19.38 -27.09 4.63
N ILE D 266 18.14 -27.59 4.57
CA ILE D 266 17.47 -27.91 3.29
C ILE D 266 16.42 -26.84 3.08
N GLY D 267 16.51 -26.10 1.98
CA GLY D 267 15.54 -25.01 1.78
C GLY D 267 15.65 -24.39 0.41
N LYS D 268 14.71 -23.49 0.15
CA LYS D 268 14.65 -22.81 -1.17
C LYS D 268 15.80 -21.80 -1.29
N VAL D 269 16.36 -21.73 -2.48
CA VAL D 269 17.22 -20.62 -2.93
C VAL D 269 16.62 -20.07 -4.22
N PHE D 270 16.98 -18.87 -4.57
CA PHE D 270 16.32 -18.08 -5.62
C PHE D 270 17.40 -17.55 -6.57
N ARG D 271 17.48 -18.08 -7.78
CA ARG D 271 18.54 -17.70 -8.74
C ARG D 271 17.83 -17.18 -10.00
N ASN D 272 17.98 -15.89 -10.26
CA ASN D 272 17.08 -15.16 -11.21
C ASN D 272 17.60 -15.41 -12.64
N GLU D 273 17.57 -16.68 -13.06
CA GLU D 273 18.21 -17.17 -14.29
C GLU D 273 17.11 -17.74 -15.20
N GLY D 274 17.40 -18.82 -15.93
CA GLY D 274 16.52 -19.38 -16.98
C GLY D 274 15.57 -20.43 -16.43
N ILE D 275 14.52 -20.74 -17.21
CA ILE D 275 13.65 -21.94 -17.02
C ILE D 275 13.95 -22.91 -18.15
N ASP D 276 14.37 -24.14 -17.83
CA ASP D 276 14.57 -25.18 -18.87
C ASP D 276 14.45 -26.54 -18.18
N LEU D 277 14.83 -27.63 -18.84
CA LEU D 277 14.61 -29.00 -18.30
C LEU D 277 15.33 -29.18 -16.96
N THR D 278 16.44 -28.45 -16.72
CA THR D 278 17.26 -28.68 -15.49
C THR D 278 17.39 -27.42 -14.63
N HIS D 279 16.65 -26.34 -14.92
CA HIS D 279 16.73 -25.09 -14.13
C HIS D 279 15.32 -24.60 -13.80
N ASN D 280 15.07 -24.32 -12.54
CA ASN D 280 13.90 -23.54 -12.06
C ASN D 280 14.46 -22.46 -11.15
N PRO D 281 14.25 -21.15 -11.46
CA PRO D 281 14.81 -20.08 -10.64
C PRO D 281 14.63 -20.28 -9.12
N GLU D 282 13.46 -20.75 -8.71
CA GLU D 282 13.20 -21.16 -7.32
C GLU D 282 13.45 -22.66 -7.22
N PHE D 283 14.46 -23.08 -6.45
CA PHE D 283 14.74 -24.53 -6.32
C PHE D 283 15.24 -24.84 -4.92
N THR D 284 15.32 -26.12 -4.61
CA THR D 284 15.63 -26.58 -3.25
C THR D 284 17.09 -27.00 -3.20
N SER D 285 17.87 -26.35 -2.34
CA SER D 285 19.27 -26.80 -2.12
C SER D 285 19.43 -27.25 -0.67
N MET D 286 20.38 -28.15 -0.50
CA MET D 286 20.86 -28.53 0.84
C MET D 286 22.31 -28.08 0.95
N GLU D 287 22.66 -27.46 2.09
CA GLU D 287 24.09 -27.24 2.41
C GLU D 287 24.37 -27.78 3.81
N PHE D 288 25.58 -28.31 3.99
CA PHE D 288 26.06 -28.66 5.33
C PHE D 288 27.49 -28.17 5.47
N TYR D 289 27.84 -27.91 6.72
CA TYR D 289 29.19 -27.49 7.18
C TYR D 289 29.58 -28.41 8.33
N MET D 290 30.77 -28.98 8.17
CA MET D 290 31.34 -29.96 9.14
C MET D 290 32.72 -29.47 9.55
N ALA D 291 32.86 -29.05 10.82
CA ALA D 291 34.16 -28.64 11.36
C ALA D 291 35.10 -29.84 11.27
N TYR D 292 36.35 -29.56 10.87
CA TYR D 292 37.52 -30.49 10.84
C TYR D 292 37.50 -31.44 9.64
N ALA D 293 36.50 -31.37 8.76
CA ALA D 293 36.48 -32.09 7.46
C ALA D 293 37.30 -31.32 6.40
N ASP D 294 37.92 -32.04 5.48
CA ASP D 294 38.44 -31.42 4.24
C ASP D 294 37.67 -32.00 3.05
N TYR D 295 37.98 -31.59 1.83
CA TYR D 295 37.21 -32.00 0.63
C TYR D 295 37.38 -33.51 0.37
N TYR D 296 38.46 -34.14 0.82
CA TYR D 296 38.62 -35.61 0.70
C TYR D 296 37.55 -36.31 1.56
N ASP D 297 37.41 -35.86 2.82
CA ASP D 297 36.34 -36.38 3.72
C ASP D 297 34.98 -36.23 3.04
N LEU D 298 34.73 -35.07 2.43
CA LEU D 298 33.40 -34.77 1.85
C LEU D 298 33.14 -35.64 0.62
N MET D 299 34.17 -36.01 -0.15
CA MET D 299 33.96 -36.94 -1.30
C MET D 299 33.52 -38.31 -0.77
N ASP D 300 34.17 -38.82 0.29
CA ASP D 300 33.79 -40.14 0.86
C ASP D 300 32.35 -40.06 1.40
N LEU D 301 32.00 -38.98 2.08
CA LEU D 301 30.62 -38.81 2.61
C LEU D 301 29.61 -38.75 1.45
N THR D 302 29.90 -37.97 0.41
CA THR D 302 29.00 -37.85 -0.78
C THR D 302 28.72 -39.26 -1.33
N GLU D 303 29.75 -40.06 -1.57
CA GLU D 303 29.61 -41.45 -2.07
C GLU D 303 28.73 -42.27 -1.13
N GLU D 304 28.98 -42.21 0.17
CA GLU D 304 28.23 -43.08 1.12
C GLU D 304 26.77 -42.66 1.17
N LEU D 305 26.53 -41.35 1.25
CA LEU D 305 25.14 -40.82 1.36
C LEU D 305 24.37 -41.19 0.10
N ILE D 306 24.87 -40.78 -1.06
CA ILE D 306 24.10 -40.91 -2.34
C ILE D 306 24.01 -42.40 -2.73
N SER D 307 25.08 -43.19 -2.62
CA SER D 307 24.97 -44.65 -2.98
C SER D 307 23.98 -45.34 -2.03
N GLY D 308 24.01 -44.99 -0.74
CA GLY D 308 23.04 -45.54 0.22
C GLY D 308 21.61 -45.22 -0.17
N LEU D 309 21.35 -43.98 -0.56
CA LEU D 309 19.99 -43.52 -0.92
C LEU D 309 19.52 -44.25 -2.20
N VAL D 310 20.43 -44.39 -3.16
CA VAL D 310 20.11 -45.08 -4.44
C VAL D 310 19.76 -46.53 -4.12
N LEU D 311 20.57 -47.19 -3.29
CA LEU D 311 20.32 -48.60 -2.90
C LEU D 311 18.97 -48.68 -2.19
N GLU D 312 18.70 -47.79 -1.25
CA GLU D 312 17.42 -47.79 -0.47
C GLU D 312 16.23 -47.77 -1.45
N ILE D 313 16.29 -46.91 -2.47
CA ILE D 313 15.15 -46.68 -3.39
C ILE D 313 15.09 -47.81 -4.43
N HIS D 314 16.21 -48.21 -5.01
CA HIS D 314 16.26 -49.04 -6.25
C HIS D 314 16.60 -50.50 -5.96
N GLY D 315 17.21 -50.83 -4.83
CA GLY D 315 17.64 -52.21 -4.54
C GLY D 315 18.91 -52.54 -5.29
N SER D 316 19.49 -51.58 -6.00
CA SER D 316 20.84 -51.77 -6.60
C SER D 316 21.45 -50.40 -6.89
N LEU D 317 22.72 -50.34 -7.30
CA LEU D 317 23.38 -49.04 -7.60
C LEU D 317 23.36 -48.74 -9.09
N LYS D 318 22.79 -49.63 -9.91
CA LYS D 318 22.70 -49.42 -11.38
C LYS D 318 21.22 -49.18 -11.71
N ILE D 319 20.92 -47.96 -12.18
CA ILE D 319 19.52 -47.49 -12.26
C ILE D 319 19.28 -46.91 -13.65
N PRO D 320 18.01 -47.00 -14.10
CA PRO D 320 17.64 -46.55 -15.43
C PRO D 320 17.48 -45.03 -15.50
N TYR D 321 17.76 -44.48 -16.66
CA TYR D 321 17.42 -43.07 -16.98
C TYR D 321 17.06 -42.95 -18.45
N HIS D 322 15.99 -42.20 -18.69
CA HIS D 322 15.44 -41.87 -20.03
C HIS D 322 15.70 -40.40 -20.31
N PRO D 323 16.87 -40.05 -20.90
CA PRO D 323 17.25 -38.65 -21.07
C PRO D 323 16.31 -37.91 -22.04
N ASP D 324 15.56 -38.66 -22.86
CA ASP D 324 14.64 -38.08 -23.87
C ASP D 324 13.18 -38.42 -23.55
N GLY D 325 12.85 -38.69 -22.29
CA GLY D 325 11.49 -39.12 -21.91
C GLY D 325 11.29 -40.61 -22.18
N PRO D 326 10.13 -41.20 -21.83
CA PRO D 326 10.02 -42.62 -21.50
C PRO D 326 9.95 -43.67 -22.60
N GLU D 327 9.43 -43.36 -23.78
CA GLU D 327 9.51 -44.29 -24.94
C GLU D 327 10.88 -44.12 -25.62
N GLY D 328 11.59 -43.01 -25.33
CA GLY D 328 12.95 -42.74 -25.84
C GLY D 328 13.95 -43.77 -25.35
N LYS D 329 15.25 -43.57 -25.61
CA LYS D 329 16.29 -44.56 -25.21
C LYS D 329 16.43 -44.56 -23.67
N CYS D 330 16.89 -45.69 -23.16
CA CYS D 330 17.16 -45.89 -21.72
C CYS D 330 18.66 -46.13 -21.54
N ILE D 331 19.30 -45.34 -20.69
CA ILE D 331 20.71 -45.59 -20.26
C ILE D 331 20.72 -46.13 -18.84
N GLU D 332 21.87 -46.62 -18.45
CA GLU D 332 22.12 -47.11 -17.07
C GLU D 332 23.10 -46.15 -16.40
N ILE D 333 22.72 -45.62 -15.23
CA ILE D 333 23.65 -44.82 -14.39
C ILE D 333 24.17 -45.76 -13.30
N ASP D 334 25.49 -45.87 -13.20
CA ASP D 334 26.17 -46.77 -12.24
C ASP D 334 26.73 -45.91 -11.09
N PHE D 335 26.13 -46.05 -9.91
CA PHE D 335 26.52 -45.36 -8.66
C PHE D 335 27.50 -46.19 -7.84
N THR D 336 28.01 -47.32 -8.35
CA THR D 336 29.04 -48.12 -7.62
C THR D 336 30.18 -47.19 -7.17
N THR D 337 30.55 -47.25 -5.89
CA THR D 337 31.62 -46.39 -5.32
C THR D 337 32.90 -47.22 -5.26
N PRO D 338 34.10 -46.60 -5.30
CA PRO D 338 34.26 -45.14 -5.44
C PRO D 338 34.09 -44.60 -6.87
N TRP D 339 33.79 -43.32 -6.99
CA TRP D 339 33.44 -42.66 -8.27
C TRP D 339 34.70 -42.12 -8.94
N LYS D 340 34.62 -41.98 -10.25
CA LYS D 340 35.68 -41.36 -11.08
C LYS D 340 36.03 -39.97 -10.57
N ARG D 341 37.32 -39.62 -10.53
CA ARG D 341 37.74 -38.21 -10.33
C ARG D 341 38.34 -37.66 -11.63
N PHE D 342 37.96 -36.44 -12.03
CA PHE D 342 38.64 -35.68 -13.10
C PHE D 342 39.24 -34.42 -12.52
N SER D 343 40.54 -34.20 -12.69
CA SER D 343 41.18 -32.94 -12.30
C SER D 343 40.81 -31.86 -13.35
N PHE D 344 40.23 -30.75 -12.88
CA PHE D 344 39.66 -29.67 -13.73
C PHE D 344 40.64 -29.27 -14.85
N VAL D 345 41.81 -28.77 -14.48
CA VAL D 345 42.75 -28.16 -15.48
C VAL D 345 43.36 -29.26 -16.34
N GLU D 346 43.84 -30.35 -15.74
CA GLU D 346 44.51 -31.47 -16.48
C GLU D 346 43.54 -32.01 -17.56
N GLU D 347 42.25 -32.15 -17.23
CA GLU D 347 41.26 -32.76 -18.15
C GLU D 347 40.99 -31.78 -19.28
N ILE D 348 40.94 -30.47 -19.01
CA ILE D 348 40.78 -29.46 -20.09
C ILE D 348 41.99 -29.57 -21.02
N GLU D 349 43.19 -29.65 -20.46
CA GLU D 349 44.46 -29.63 -21.24
C GLU D 349 44.57 -30.91 -22.09
N SER D 350 44.11 -32.05 -21.56
CA SER D 350 43.96 -33.30 -22.34
C SER D 350 43.02 -33.10 -23.53
N GLY D 351 41.87 -32.49 -23.28
CA GLY D 351 40.87 -32.14 -24.32
C GLY D 351 41.49 -31.26 -25.39
N LEU D 352 42.25 -30.24 -25.00
CA LEU D 352 42.79 -29.21 -25.94
C LEU D 352 43.99 -29.76 -26.68
N GLY D 353 44.72 -30.72 -26.10
CA GLY D 353 46.07 -31.07 -26.61
C GLY D 353 47.05 -29.91 -26.49
N GLU D 354 46.88 -29.07 -25.48
CA GLU D 354 47.89 -28.07 -25.08
C GLU D 354 47.54 -27.49 -23.73
N LYS D 355 48.52 -26.83 -23.12
CA LYS D 355 48.44 -26.33 -21.72
C LYS D 355 47.86 -24.94 -21.73
N LEU D 356 47.00 -24.67 -20.75
CA LEU D 356 46.58 -23.30 -20.44
C LEU D 356 47.82 -22.49 -20.07
N LYS D 357 47.75 -21.18 -20.29
CA LYS D 357 48.83 -20.24 -19.94
C LYS D 357 48.72 -19.93 -18.45
N ARG D 358 49.87 -19.71 -17.81
CA ARG D 358 49.96 -19.36 -16.36
C ARG D 358 50.50 -17.95 -16.22
N PRO D 359 49.97 -17.11 -15.30
CA PRO D 359 48.85 -17.48 -14.44
C PRO D 359 47.51 -17.60 -15.19
N LEU D 360 46.60 -18.45 -14.66
CA LEU D 360 45.33 -18.78 -15.31
C LEU D 360 44.48 -17.52 -15.49
N ASP D 361 44.69 -16.47 -14.69
CA ASP D 361 43.84 -15.26 -14.77
C ASP D 361 44.56 -14.14 -15.53
N SER D 362 45.71 -14.43 -16.14
CA SER D 362 46.48 -13.44 -16.97
C SER D 362 45.67 -13.11 -18.24
N GLN D 363 45.86 -11.90 -18.79
CA GLN D 363 45.26 -11.55 -20.11
C GLN D 363 45.73 -12.57 -21.16
N GLU D 364 46.98 -13.00 -21.07
CA GLU D 364 47.54 -14.05 -21.96
C GLU D 364 46.63 -15.27 -21.96
N ASN D 365 46.29 -15.79 -20.77
CA ASN D 365 45.46 -17.03 -20.69
C ASN D 365 44.02 -16.69 -21.09
N ILE D 366 43.51 -15.51 -20.77
CA ILE D 366 42.15 -15.10 -21.22
C ILE D 366 42.10 -15.16 -22.75
N ASP D 367 43.03 -14.51 -23.44
CA ASP D 367 43.11 -14.49 -24.93
C ASP D 367 43.22 -15.94 -25.44
N PHE D 368 44.07 -16.76 -24.86
CA PHE D 368 44.26 -18.18 -25.29
C PHE D 368 42.95 -18.95 -25.15
N MET D 369 42.27 -18.79 -24.01
CA MET D 369 41.00 -19.52 -23.77
C MET D 369 39.94 -19.05 -24.74
N VAL D 370 39.90 -17.75 -25.07
CA VAL D 370 38.96 -17.23 -26.10
C VAL D 370 39.29 -17.93 -27.42
N GLU D 371 40.56 -17.98 -27.80
CA GLU D 371 40.99 -18.67 -29.03
C GLU D 371 40.53 -20.13 -28.99
N MET D 372 40.68 -20.82 -27.85
CA MET D 372 40.33 -22.26 -27.76
C MET D 372 38.81 -22.42 -27.88
N CYS D 373 38.01 -21.54 -27.25
CA CYS D 373 36.53 -21.60 -27.40
C CYS D 373 36.17 -21.46 -28.89
N GLU D 374 36.75 -20.50 -29.58
CA GLU D 374 36.45 -20.25 -31.03
C GLU D 374 36.86 -21.50 -31.82
N LYS D 375 38.06 -22.02 -31.60
CA LYS D 375 38.55 -23.25 -32.27
C LYS D 375 37.60 -24.43 -32.07
N HIS D 376 37.07 -24.63 -30.86
CA HIS D 376 36.27 -25.84 -30.51
C HIS D 376 34.77 -25.53 -30.61
N GLU D 377 34.42 -24.36 -31.12
CA GLU D 377 33.03 -23.90 -31.35
C GLU D 377 32.28 -23.93 -30.01
N ILE D 378 32.91 -23.41 -28.97
CA ILE D 378 32.25 -23.23 -27.64
C ILE D 378 31.77 -21.78 -27.58
N GLU D 379 30.50 -21.58 -27.26
CA GLU D 379 29.92 -20.22 -27.13
C GLU D 379 30.72 -19.46 -26.07
N LEU D 380 31.12 -18.23 -26.37
CA LEU D 380 31.90 -17.38 -25.45
C LEU D 380 30.99 -16.89 -24.33
N PRO D 381 31.54 -16.73 -23.12
CA PRO D 381 30.79 -16.14 -22.01
C PRO D 381 30.86 -14.62 -22.15
N HIS D 382 30.00 -13.89 -21.44
CA HIS D 382 30.12 -12.42 -21.26
C HIS D 382 29.97 -12.03 -19.79
N PRO D 383 30.89 -11.25 -19.19
CA PRO D 383 32.13 -10.86 -19.86
C PRO D 383 33.12 -12.04 -19.96
N ARG D 384 34.23 -11.80 -20.65
CA ARG D 384 35.26 -12.84 -20.91
C ARG D 384 36.27 -12.86 -19.77
N THR D 385 35.80 -13.15 -18.56
CA THR D 385 36.65 -13.31 -17.35
C THR D 385 37.34 -14.68 -17.45
N ALA D 386 38.51 -14.81 -16.84
CA ALA D 386 39.24 -16.09 -16.75
C ALA D 386 38.29 -17.15 -16.19
N ALA D 387 37.54 -16.82 -15.14
CA ALA D 387 36.63 -17.77 -14.46
C ALA D 387 35.60 -18.29 -15.45
N LYS D 388 34.93 -17.38 -16.18
CA LYS D 388 33.81 -17.80 -17.06
C LYS D 388 34.35 -18.60 -18.26
N LEU D 389 35.55 -18.26 -18.75
CA LEU D 389 36.19 -19.02 -19.85
C LEU D 389 36.59 -20.42 -19.38
N LEU D 390 37.15 -20.52 -18.17
CA LEU D 390 37.50 -21.85 -17.60
C LEU D 390 36.23 -22.70 -17.52
N ASP D 391 35.13 -22.11 -17.05
CA ASP D 391 33.84 -22.81 -16.91
C ASP D 391 33.38 -23.34 -18.28
N LYS D 392 33.42 -22.50 -19.32
CA LYS D 392 32.99 -22.92 -20.69
C LYS D 392 33.86 -24.10 -21.16
N LEU D 393 35.17 -24.03 -20.92
CA LEU D 393 36.09 -25.12 -21.35
C LEU D 393 35.81 -26.40 -20.56
N ALA D 394 35.53 -26.29 -19.25
CA ALA D 394 35.16 -27.46 -18.42
C ALA D 394 33.85 -28.05 -18.94
N GLY D 395 32.87 -27.18 -19.24
CA GLY D 395 31.55 -27.61 -19.74
C GLY D 395 31.71 -28.45 -21.00
N HIS D 396 32.63 -28.05 -21.86
CA HIS D 396 32.82 -28.72 -23.18
C HIS D 396 33.63 -30.00 -23.01
N PHE D 397 34.73 -29.96 -22.25
CA PHE D 397 35.73 -31.04 -22.25
C PHE D 397 35.59 -31.98 -21.07
N VAL D 398 34.97 -31.56 -19.97
CA VAL D 398 35.04 -32.38 -18.72
C VAL D 398 33.63 -32.81 -18.28
N GLU D 399 32.68 -31.89 -18.20
CA GLU D 399 31.30 -32.21 -17.73
C GLU D 399 30.66 -33.25 -18.65
N THR D 400 31.02 -33.22 -19.95
CA THR D 400 30.45 -34.13 -20.97
C THR D 400 30.98 -35.56 -20.75
N LYS D 401 32.06 -35.73 -20.00
CA LYS D 401 32.59 -37.09 -19.69
C LYS D 401 31.90 -37.68 -18.46
N CYS D 402 31.03 -36.90 -17.80
CA CYS D 402 30.45 -37.29 -16.49
C CYS D 402 29.06 -37.89 -16.71
N THR D 403 29.01 -39.15 -17.14
CA THR D 403 27.73 -39.89 -17.28
C THR D 403 27.37 -40.53 -15.94
N ASN D 404 28.22 -41.46 -15.51
CA ASN D 404 28.15 -41.97 -14.12
C ASN D 404 28.50 -40.81 -13.19
N PRO D 405 28.08 -40.86 -11.92
CA PRO D 405 28.53 -39.88 -10.93
C PRO D 405 30.06 -39.77 -11.01
N SER D 406 30.51 -38.53 -11.19
CA SER D 406 31.95 -38.23 -11.34
C SER D 406 32.25 -36.94 -10.61
N PHE D 407 33.39 -36.91 -9.91
CA PHE D 407 33.87 -35.69 -9.24
C PHE D 407 34.76 -34.95 -10.23
N ILE D 408 34.44 -33.69 -10.48
CA ILE D 408 35.44 -32.75 -11.06
C ILE D 408 36.10 -32.04 -9.90
N ILE D 409 37.42 -32.10 -9.81
CA ILE D 409 38.15 -31.64 -8.59
C ILE D 409 39.18 -30.56 -8.93
N ASP D 410 39.58 -29.81 -7.90
CA ASP D 410 40.80 -28.95 -7.90
C ASP D 410 40.59 -27.75 -8.81
N HIS D 411 39.41 -27.15 -8.75
CA HIS D 411 39.06 -25.95 -9.55
C HIS D 411 40.06 -24.83 -9.29
N PRO D 412 40.44 -24.07 -10.33
CA PRO D 412 41.18 -22.81 -10.13
C PRO D 412 40.56 -21.87 -9.09
N GLN D 413 41.43 -21.27 -8.27
CA GLN D 413 41.07 -20.22 -7.30
C GLN D 413 40.25 -19.12 -7.99
N THR D 414 40.62 -18.75 -9.22
CA THR D 414 39.98 -17.56 -9.87
C THR D 414 38.48 -17.80 -10.02
N MET D 415 38.01 -19.05 -10.06
CA MET D 415 36.56 -19.31 -10.21
C MET D 415 35.93 -19.79 -8.89
N SER D 416 36.68 -19.74 -7.79
CA SER D 416 36.35 -20.41 -6.50
C SER D 416 36.67 -19.48 -5.34
N PRO D 417 36.00 -18.31 -5.27
CA PRO D 417 36.34 -17.28 -4.30
C PRO D 417 36.21 -17.67 -2.81
N LEU D 418 35.50 -18.75 -2.48
CA LEU D 418 35.29 -19.14 -1.05
C LEU D 418 35.97 -20.47 -0.77
N ALA D 419 36.67 -21.05 -1.74
CA ALA D 419 37.36 -22.35 -1.58
C ALA D 419 38.80 -22.11 -1.15
N LYS D 420 39.30 -22.92 -0.22
CA LYS D 420 40.67 -22.77 0.30
C LYS D 420 41.66 -23.20 -0.78
N TRP D 421 42.78 -22.50 -0.85
CA TRP D 421 43.91 -22.85 -1.74
C TRP D 421 44.26 -24.34 -1.59
N HIS D 422 44.63 -24.95 -2.71
CA HIS D 422 45.01 -26.38 -2.73
C HIS D 422 46.31 -26.54 -1.95
N ARG D 423 46.38 -27.55 -1.08
CA ARG D 423 47.59 -27.72 -0.23
C ARG D 423 48.82 -28.07 -1.10
N GLU D 424 48.64 -28.53 -2.33
CA GLU D 424 49.78 -28.97 -3.19
C GLU D 424 49.85 -28.17 -4.51
N LYS D 425 48.72 -27.82 -5.11
CA LYS D 425 48.65 -27.45 -6.56
C LYS D 425 48.48 -25.94 -6.70
N PRO D 426 49.52 -25.23 -7.19
CA PRO D 426 49.44 -23.77 -7.33
C PRO D 426 48.23 -23.35 -8.15
N GLU D 427 47.59 -22.27 -7.71
CA GLU D 427 46.44 -21.58 -8.38
C GLU D 427 45.14 -22.38 -8.25
N MET D 428 45.18 -23.60 -7.70
CA MET D 428 43.96 -24.44 -7.58
C MET D 428 43.38 -24.35 -6.16
N THR D 429 42.20 -24.96 -5.97
CA THR D 429 41.54 -25.00 -4.65
C THR D 429 41.15 -26.44 -4.31
N GLU D 430 40.78 -26.65 -3.05
CA GLU D 430 40.30 -27.96 -2.55
C GLU D 430 38.80 -28.00 -2.76
N ARG D 431 38.42 -28.11 -4.02
CA ARG D 431 37.00 -28.06 -4.46
C ARG D 431 36.67 -29.31 -5.25
N PHE D 432 35.43 -29.75 -5.15
CA PHE D 432 34.85 -30.68 -6.14
C PHE D 432 33.44 -30.24 -6.50
N GLU D 433 33.05 -30.66 -7.70
CA GLU D 433 31.64 -30.75 -8.13
C GLU D 433 31.33 -32.21 -8.40
N LEU D 434 30.12 -32.63 -8.02
CA LEU D 434 29.58 -33.93 -8.47
C LEU D 434 28.73 -33.70 -9.70
N PHE D 435 29.03 -34.40 -10.79
CA PHE D 435 28.22 -34.38 -12.04
C PHE D 435 27.64 -35.76 -12.26
N VAL D 436 26.38 -35.79 -12.64
CA VAL D 436 25.68 -37.02 -13.13
C VAL D 436 25.00 -36.67 -14.45
N LEU D 437 25.20 -37.49 -15.47
CA LEU D 437 24.67 -37.25 -16.85
C LEU D 437 24.93 -35.80 -17.26
N GLY D 438 26.17 -35.34 -17.05
CA GLY D 438 26.63 -34.00 -17.46
C GLY D 438 25.95 -32.87 -16.72
N LYS D 439 25.25 -33.13 -15.60
CA LYS D 439 24.54 -32.07 -14.84
C LYS D 439 25.13 -31.97 -13.41
N GLU D 440 25.27 -30.74 -12.93
CA GLU D 440 25.80 -30.51 -11.56
C GLU D 440 24.78 -30.98 -10.53
N LEU D 441 25.25 -31.82 -9.59
CA LEU D 441 24.46 -32.26 -8.42
C LEU D 441 25.00 -31.67 -7.12
N CYS D 442 26.33 -31.63 -6.96
CA CYS D 442 26.96 -31.11 -5.72
C CYS D 442 28.12 -30.18 -6.03
N ASN D 443 28.38 -29.31 -5.07
CA ASN D 443 29.52 -28.36 -5.06
C ASN D 443 30.01 -28.31 -3.63
N ALA D 444 31.31 -28.44 -3.42
CA ALA D 444 31.88 -28.62 -2.07
C ALA D 444 33.34 -28.21 -2.04
N TYR D 445 33.83 -27.84 -0.86
CA TYR D 445 35.27 -27.53 -0.72
C TYR D 445 35.71 -27.56 0.74
N THR D 446 37.02 -27.68 0.88
CA THR D 446 37.72 -27.25 2.11
C THR D 446 37.49 -25.73 2.17
N GLU D 447 36.86 -25.24 3.25
CA GLU D 447 36.40 -23.84 3.30
C GLU D 447 37.58 -22.89 3.47
N LEU D 448 37.58 -21.78 2.73
CA LEU D 448 38.60 -20.72 2.96
C LEU D 448 38.34 -20.10 4.35
N ASN D 449 39.34 -20.09 5.22
CA ASN D 449 39.19 -19.58 6.60
C ASN D 449 40.28 -18.53 6.90
N GLU D 450 40.94 -18.03 5.85
CA GLU D 450 42.01 -17.02 5.95
C GLU D 450 41.43 -15.68 5.48
N PRO D 451 41.18 -14.72 6.39
CA PRO D 451 40.36 -13.54 6.06
C PRO D 451 41.03 -12.54 5.12
N LEU D 452 42.37 -12.50 5.09
CA LEU D 452 43.07 -11.57 4.16
C LEU D 452 42.77 -11.96 2.72
N GLN D 453 43.05 -13.20 2.34
CA GLN D 453 42.74 -13.73 0.99
C GLN D 453 41.25 -13.63 0.72
N GLN D 454 40.43 -14.00 1.70
CA GLN D 454 38.98 -13.98 1.48
C GLN D 454 38.57 -12.56 1.02
N ARG D 455 39.05 -11.54 1.72
CA ARG D 455 38.67 -10.13 1.42
C ARG D 455 39.13 -9.83 -0.01
N LYS D 456 40.34 -10.25 -0.36
CA LYS D 456 40.92 -10.00 -1.71
C LYS D 456 40.03 -10.64 -2.77
N PHE D 457 39.61 -11.90 -2.58
CA PHE D 457 38.78 -12.63 -3.57
C PHE D 457 37.42 -11.94 -3.72
N PHE D 458 36.85 -11.44 -2.63
CA PHE D 458 35.57 -10.70 -2.66
C PHE D 458 35.74 -9.40 -3.47
N GLU D 459 36.86 -8.71 -3.28
CA GLU D 459 37.17 -7.46 -4.05
C GLU D 459 37.26 -7.80 -5.54
N GLN D 460 37.93 -8.90 -5.89
CA GLN D 460 38.04 -9.37 -7.30
C GLN D 460 36.64 -9.69 -7.85
N GLN D 461 35.76 -10.31 -7.05
CA GLN D 461 34.38 -10.64 -7.48
C GLN D 461 33.62 -9.33 -7.74
N ALA D 462 33.78 -8.33 -6.85
CA ALA D 462 33.11 -7.01 -6.96
C ALA D 462 33.59 -6.30 -8.22
N ASP D 463 34.88 -6.40 -8.54
CA ASP D 463 35.50 -5.85 -9.79
C ASP D 463 34.86 -6.51 -11.01
N ALA D 464 34.75 -7.84 -11.01
CA ALA D 464 34.14 -8.59 -12.14
C ALA D 464 32.70 -8.10 -12.31
N LYS D 465 31.96 -7.95 -11.19
CA LYS D 465 30.56 -7.46 -11.19
C LYS D 465 30.47 -6.07 -11.84
N ALA D 466 31.35 -5.14 -11.46
CA ALA D 466 31.37 -3.74 -11.94
C ALA D 466 31.73 -3.72 -13.44
N SER D 467 32.50 -4.71 -13.91
CA SER D 467 32.89 -4.87 -15.33
C SER D 467 31.79 -5.60 -16.14
N GLY D 468 30.64 -5.98 -15.54
CA GLY D 468 29.46 -6.51 -16.26
C GLY D 468 29.18 -8.00 -16.01
N ASP D 469 29.89 -8.64 -15.07
CA ASP D 469 29.60 -10.04 -14.65
C ASP D 469 28.37 -10.05 -13.73
N VAL D 470 27.19 -10.35 -14.28
CA VAL D 470 25.89 -10.25 -13.55
C VAL D 470 25.79 -11.40 -12.54
N GLU D 471 26.70 -12.37 -12.61
CA GLU D 471 26.72 -13.57 -11.71
C GLU D 471 27.72 -13.39 -10.56
N ALA D 472 28.50 -12.30 -10.55
CA ALA D 472 29.43 -11.98 -9.45
C ALA D 472 28.68 -11.21 -8.37
N CYS D 473 29.04 -11.45 -7.11
CA CYS D 473 28.30 -10.94 -5.92
C CYS D 473 29.03 -9.74 -5.30
N PRO D 474 28.30 -8.89 -4.52
CA PRO D 474 28.93 -7.80 -3.80
C PRO D 474 29.73 -8.34 -2.60
N ILE D 475 30.64 -7.52 -2.06
CA ILE D 475 31.50 -7.88 -0.89
C ILE D 475 30.57 -8.04 0.30
N ASP D 476 30.89 -8.96 1.21
CA ASP D 476 30.10 -9.13 2.46
C ASP D 476 31.04 -8.89 3.64
N GLU D 477 31.06 -7.66 4.16
CA GLU D 477 31.95 -7.28 5.30
C GLU D 477 31.51 -8.00 6.58
N THR D 478 30.22 -8.27 6.77
CA THR D 478 29.73 -9.05 7.95
C THR D 478 30.39 -10.44 7.93
N PHE D 479 30.58 -11.03 6.75
CA PHE D 479 31.14 -12.40 6.62
C PHE D 479 32.64 -12.35 6.94
N CYS D 480 33.32 -11.35 6.39
CA CYS D 480 34.77 -11.15 6.61
C CYS D 480 35.03 -10.96 8.11
N LEU D 481 34.17 -10.21 8.80
CA LEU D 481 34.33 -9.98 10.27
C LEU D 481 34.13 -11.31 11.02
N ALA D 482 33.19 -12.15 10.58
CA ALA D 482 32.98 -13.48 11.17
C ALA D 482 34.26 -14.30 10.99
N LEU D 483 34.85 -14.32 9.80
CA LEU D 483 36.12 -15.06 9.60
C LEU D 483 37.20 -14.54 10.53
N GLU D 484 37.21 -13.24 10.82
CA GLU D 484 38.21 -12.65 11.73
C GLU D 484 38.04 -13.16 13.16
N HIS D 485 36.91 -13.83 13.48
CA HIS D 485 36.72 -14.44 14.83
C HIS D 485 37.18 -15.90 14.83
N GLY D 486 37.61 -16.42 13.68
CA GLY D 486 38.27 -17.75 13.63
C GLY D 486 37.31 -18.83 13.19
N LEU D 487 37.24 -19.10 11.90
CA LEU D 487 36.51 -20.27 11.36
C LEU D 487 37.47 -21.47 11.47
N PRO D 488 37.10 -22.49 12.26
CA PRO D 488 37.90 -23.71 12.32
C PRO D 488 38.12 -24.24 10.92
N PRO D 489 39.16 -25.06 10.70
CA PRO D 489 39.27 -25.81 9.45
C PRO D 489 37.93 -26.54 9.32
N THR D 490 37.28 -26.41 8.17
CA THR D 490 35.90 -26.84 7.91
C THR D 490 35.78 -27.34 6.46
N GLY D 491 34.88 -28.31 6.26
CA GLY D 491 34.43 -28.78 4.94
C GLY D 491 32.96 -28.48 4.78
N GLY D 492 32.58 -27.89 3.65
CA GLY D 492 31.19 -27.54 3.35
C GLY D 492 30.78 -28.05 1.99
N TRP D 493 29.49 -28.11 1.76
CA TRP D 493 28.89 -28.95 0.68
C TRP D 493 27.47 -28.48 0.39
N GLY D 494 27.14 -28.47 -0.89
CA GLY D 494 25.78 -28.24 -1.37
C GLY D 494 25.34 -29.34 -2.31
N LEU D 495 24.04 -29.58 -2.31
CA LEU D 495 23.32 -30.56 -3.16
C LEU D 495 22.09 -29.90 -3.74
N GLY D 496 21.87 -30.11 -5.04
CA GLY D 496 20.61 -29.72 -5.70
C GLY D 496 19.60 -30.82 -5.49
N ILE D 497 18.65 -30.62 -4.58
CA ILE D 497 17.69 -31.69 -4.22
C ILE D 497 16.87 -32.05 -5.47
N ASP D 498 16.36 -31.06 -6.20
CA ASP D 498 15.47 -31.33 -7.35
C ASP D 498 16.21 -32.21 -8.36
N ARG D 499 17.46 -31.89 -8.66
CA ARG D 499 18.21 -32.69 -9.67
C ARG D 499 18.44 -34.09 -9.15
N LEU D 500 18.68 -34.24 -7.84
CA LEU D 500 18.82 -35.60 -7.26
C LEU D 500 17.52 -36.40 -7.52
N ILE D 501 16.36 -35.81 -7.26
CA ILE D 501 15.06 -36.50 -7.46
C ILE D 501 14.91 -36.82 -8.95
N MET D 502 15.33 -35.94 -9.86
CA MET D 502 15.26 -36.23 -11.33
C MET D 502 15.93 -37.59 -11.60
N PHE D 503 17.13 -37.84 -11.09
CA PHE D 503 17.84 -39.12 -11.35
C PHE D 503 17.15 -40.26 -10.62
N LEU D 504 16.78 -40.06 -9.35
CA LEU D 504 16.21 -41.16 -8.54
C LEU D 504 14.86 -41.61 -9.11
N ALA D 505 14.05 -40.67 -9.60
CA ALA D 505 12.67 -40.94 -10.07
C ALA D 505 12.64 -41.07 -11.61
N ASP D 506 13.77 -40.92 -12.30
CA ASP D 506 13.88 -40.98 -13.78
C ASP D 506 12.92 -39.97 -14.43
N LYS D 507 13.16 -38.70 -14.18
CA LYS D 507 12.44 -37.58 -14.85
C LYS D 507 13.49 -36.72 -15.53
N ASN D 508 13.22 -36.28 -16.76
CA ASN D 508 14.19 -35.50 -17.54
C ASN D 508 13.79 -34.03 -17.51
N ASN D 509 12.69 -33.68 -16.84
CA ASN D 509 12.22 -32.28 -16.68
C ASN D 509 12.09 -31.99 -15.18
N ILE D 510 12.79 -30.97 -14.71
CA ILE D 510 12.79 -30.58 -13.27
C ILE D 510 11.34 -30.28 -12.84
N LYS D 511 10.46 -29.89 -13.77
CA LYS D 511 9.06 -29.54 -13.39
C LYS D 511 8.31 -30.80 -12.95
N GLU D 512 8.82 -31.97 -13.29
CA GLU D 512 8.24 -33.26 -12.85
C GLU D 512 8.43 -33.46 -11.33
N VAL D 513 9.41 -32.80 -10.71
CA VAL D 513 9.75 -33.09 -9.29
C VAL D 513 9.43 -31.89 -8.39
N ILE D 514 8.80 -30.87 -8.94
CA ILE D 514 8.36 -29.65 -8.20
C ILE D 514 6.84 -29.62 -8.29
N LEU D 515 6.14 -29.56 -7.17
CA LEU D 515 4.66 -29.66 -7.21
C LEU D 515 4.07 -28.54 -8.08
N PHE D 516 4.43 -27.29 -7.86
CA PHE D 516 3.80 -26.14 -8.55
C PHE D 516 4.87 -25.25 -9.14
N PRO D 517 5.50 -25.62 -10.27
CA PRO D 517 6.52 -24.77 -10.87
C PRO D 517 5.85 -23.51 -11.46
N ALA D 518 6.38 -22.30 -11.23
CA ALA D 518 5.80 -21.04 -11.79
C ALA D 518 5.93 -21.10 -13.33
N MET D 519 4.84 -20.81 -14.05
CA MET D 519 4.72 -20.97 -15.53
C MET D 519 4.37 -19.61 -16.17
N ARG D 520 4.56 -19.46 -17.50
CA ARG D 520 4.12 -18.22 -18.24
C ARG D 520 2.64 -17.92 -18.01
N LYS E . -1.71 16.93 -13.69
CA LYS E . -0.35 17.56 -13.79
C LYS E . 0.31 17.57 -12.42
O LYS E . 1.55 17.63 -12.38
CB LYS E . -0.44 19.00 -14.29
CG LYS E . -0.85 19.15 -15.74
CD LYS E . 0.17 18.59 -16.71
CE LYS E . -0.22 18.81 -18.17
NZ LYS E . -1.47 18.11 -18.54
OXT LYS E . -0.41 17.53 -11.38
N1 JE5 F . 4.48 17.02 -5.48
C7 JE5 F . 3.25 21.36 -3.47
C8 JE5 F . 3.65 20.90 -4.66
N2 JE5 F . 7.88 11.35 -1.78
C9 JE5 F . 3.68 21.77 -5.88
O1 JE5 F . 3.96 19.58 -4.91
C1 JE5 F . 3.61 16.33 -3.29
O5 JE5 F . 9.47 12.89 -2.21
C5 JE5 F . 2.97 18.06 -1.69
C6 JE5 F . 3.05 20.47 -2.35
N3 JE5 F . 6.71 9.06 9.20
C4 JE5 F . 3.27 19.05 -2.64
O4 JE5 F . 5.50 15.78 -7.28
C3 JE5 F . 3.74 18.67 -3.90
O3 JE5 F . 3.48 14.84 -6.21
C2 JE5 F . 3.94 17.33 -4.22
N4 JE5 F . 7.72 9.80 8.89
N5 JE5 F . 8.62 10.55 8.86
C31 JE5 F . 5.96 8.13 8.26
C30 JE5 F . 6.84 7.25 7.39
O8 JE5 F . 6.99 7.86 6.10
C29 JE5 F . 5.97 7.60 5.13
C28 JE5 F . 5.70 8.87 4.33
O7 JE5 F . 6.86 9.27 3.59
C27 JE5 F . 6.95 10.66 3.30
C26 JE5 F . 8.20 10.96 2.51
O6 JE5 F . 7.94 10.84 1.11
C25 JE5 F . 9.10 10.76 0.30
C24 JE5 F . 8.73 10.36 -1.12
C23 JE5 F . 8.34 12.45 -2.39
C20 JE5 F . 7.38 13.17 -3.28
C19 JE5 F . 7.49 14.56 -3.35
C18 JE5 F . 6.68 15.29 -4.21
C21 JE5 F . 6.43 12.53 -4.07
C22 JE5 F . 5.61 13.25 -4.92
C17 JE5 F . 5.74 14.63 -4.99
S JE5 F . 4.72 15.54 -6.10
O JE5 F . 2.73 20.88 -1.22
C JE5 F . 3.13 16.74 -2.06
F JE5 F . 2.79 15.79 -1.17
O2 JE5 F . 3.21 22.94 -5.86
N JE5 F . 4.17 21.22 -6.99
C10 JE5 F . 4.03 21.84 -8.32
C11 JE5 F . 3.03 21.10 -9.17
C16 JE5 F . 2.91 21.75 -10.55
C15 JE5 F . 1.89 21.05 -11.43
C14 JE5 F . 0.51 21.06 -10.74
C13 JE5 F . 0.58 20.39 -9.40
C12 JE5 F . 1.63 21.07 -8.51
C1 GOL G . -1.50 43.63 15.25
O1 GOL G . -0.73 43.41 14.08
C2 GOL G . -1.46 45.07 15.66
O2 GOL G . -1.37 45.93 14.54
C3 GOL G . -2.63 45.46 16.52
O3 GOL G . -2.22 45.49 17.89
C1 GOL H . -8.08 70.33 9.12
O1 GOL H . -7.45 71.16 8.14
C2 GOL H . -8.22 71.07 10.43
O2 GOL H . -9.04 70.36 11.36
C3 GOL H . -8.77 72.46 10.22
O3 GOL H . -7.79 73.46 10.49
N LYS I . -21.78 25.09 8.65
CA LYS I . -23.22 25.30 8.38
C LYS I . -23.79 24.12 7.60
O LYS I . -23.04 23.42 6.91
CB LYS I . -23.46 26.60 7.60
CG LYS I . -23.18 27.87 8.38
CD LYS I . -24.14 28.07 9.56
CE LYS I . -23.91 29.39 10.28
NZ LYS I . -22.58 29.43 10.96
OXT LYS I . -25.01 23.93 7.62
C1 GOL J . -23.54 20.29 -33.01
O1 GOL J . -24.04 19.38 -33.98
C2 GOL J . -24.57 20.51 -31.93
O2 GOL J . -25.10 21.84 -32.03
C3 GOL J . -24.03 20.26 -30.55
O3 GOL J . -24.93 20.73 -29.56
N1 JE5 K . -27.34 17.81 3.76
C7 JE5 K . -26.65 19.30 -0.90
C8 JE5 K . -27.08 19.84 0.25
N2 JE5 K . -29.28 10.87 6.01
C9 JE5 K . -27.39 21.27 0.38
O1 JE5 K . -27.17 19.15 1.43
C1 JE5 K . -26.04 15.95 2.81
O5 JE5 K . -31.10 11.83 5.17
C5 JE5 K . -25.63 15.94 0.42
C6 JE5 K . -26.20 17.93 -0.97
N3 JE5 K . -26.68 1.72 -0.09
C4 JE5 K . -26.19 17.21 0.30
O4 JE5 K . -28.19 18.28 5.99
C3 JE5 K . -26.68 17.83 1.45
O3 JE5 K . -25.96 17.21 5.80
C2 JE5 K . -26.64 17.20 2.69
N4 JE5 K . -27.93 1.87 -0.39
N5 JE5 K . -28.97 2.04 -0.88
C31 JE5 K . -26.15 1.44 1.30
C30 JE5 K . -27.15 1.67 2.40
O8 JE5 K . -27.34 3.06 2.58
C29 JE5 K . -26.67 3.63 3.70
C28 JE5 K . -26.53 5.09 3.49
O7 JE5 K . -27.71 5.77 3.90
C27 JE5 K . -28.19 6.72 2.94
C26 JE5 K . -29.49 7.30 3.39
O6 JE5 K . -29.23 8.46 4.17
C25 JE5 K . -30.37 8.93 4.92
C24 JE5 K . -29.91 9.58 6.21
C23 JE5 K . -29.95 11.94 5.54
C20 JE5 K . -29.24 13.24 5.48
C19 JE5 K . -29.68 14.20 4.58
C18 JE5 K . -29.12 15.46 4.53
C21 JE5 K . -28.19 13.57 6.33
C22 JE5 K . -27.60 14.83 6.29
C17 JE5 K . -28.07 15.76 5.39
S JE5 K . -27.30 17.37 5.32
O JE5 K . -25.95 17.40 -2.03
C JE5 K . -25.55 15.36 1.66
F JE5 K . -24.96 14.14 1.77
O2 JE5 K . -27.20 22.05 -0.55
N JE5 K . -27.84 21.65 1.58
C10 JE5 K . -27.87 23.07 1.97
C11 JE5 K . -26.83 23.44 3.03
C16 JE5 K . -26.98 24.92 3.42
C15 JE5 K . -25.92 25.36 4.44
C14 JE5 K . -24.54 25.09 3.92
C13 JE5 K . -24.37 23.62 3.57
C12 JE5 K . -25.41 23.19 2.54
N LYS L . -3.07 -19.85 6.20
CA LYS L . -3.50 -19.67 7.62
C LYS L . -2.67 -18.55 8.26
O LYS L . -1.55 -18.26 7.83
CB LYS L . -3.30 -20.95 8.44
CG LYS L . -4.23 -22.11 8.09
CD LYS L . -5.67 -21.81 8.41
CE LYS L . -6.59 -22.97 8.13
NZ LYS L . -6.65 -23.32 6.69
OXT LYS L . -3.16 -18.00 9.27
C1 GOL M . 33.26 -21.90 26.89
O1 GOL M . 34.10 -20.90 27.48
C2 GOL M . 31.84 -21.70 27.34
O2 GOL M . 31.31 -22.90 27.91
C3 GOL M . 30.98 -21.18 26.23
O3 GOL M . 29.63 -21.01 26.67
C1 GOL N . 39.44 -45.46 37.77
O1 GOL N . 38.73 -46.64 38.14
C2 GOL N . 40.87 -45.80 37.40
O2 GOL N . 41.67 -44.62 37.23
C3 GOL N . 41.52 -46.76 38.38
O3 GOL N . 41.80 -46.17 39.65
N1 JE5 O . 0.99 -12.24 11.70
C7 JE5 O . 4.84 -14.62 13.72
C8 JE5 O . 3.51 -14.78 13.64
N2 JE5 O . 0.37 -4.72 11.25
C9 JE5 O . 2.81 -15.99 14.15
O1 JE5 O . 2.66 -13.87 13.03
C1 JE5 O . 2.90 -10.96 10.87
O5 JE5 O . -0.27 -5.25 13.35
C5 JE5 O . 5.11 -11.53 11.63
C6 JE5 O . 5.48 -13.48 13.15
N3 JE5 O . 9.01 2.43 10.15
C4 JE5 O . 4.59 -12.55 12.41
O4 JE5 O . -1.42 -11.91 11.51
C3 JE5 O . 3.23 -12.78 12.40
O3 JE5 O . 0.03 -11.65 9.51
C2 JE5 O . 2.37 -11.97 11.64
N4 JE5 O . 8.64 2.47 11.38
N5 JE5 O . 8.53 2.50 12.54
C31 JE5 O . 8.09 2.36 8.97
C30 JE5 O . 6.63 2.55 9.29
O8 JE5 O . 6.03 1.27 9.52
C29 JE5 O . 5.59 0.60 8.34
C28 JE5 O . 5.36 -0.87 8.57
O7 JE5 O . 4.24 -1.07 9.45
C27 JE5 O . 4.49 -1.87 10.60
C26 JE5 O . 3.34 -1.81 11.57
O6 JE5 O . 2.29 -2.68 11.16
C25 JE5 O . 1.09 -2.47 11.91
C24 JE5 O . -0.02 -3.31 11.35
C23 JE5 O . 0.06 -5.59 12.22
C20 JE5 O . 0.13 -7.04 11.86
C19 JE5 O . 0.50 -7.99 12.81
C18 JE5 O . 0.42 -9.35 12.52
C21 JE5 O . -0.30 -7.47 10.60
C22 JE5 O . -0.38 -8.83 10.31
C17 JE5 O . -0.02 -9.75 11.27
S JE5 O . -0.19 -11.47 10.91
O JE5 O . 6.68 -13.24 13.31
C JE5 O . 4.25 -10.78 10.87
F JE5 O . 4.78 -9.82 10.06
O2 JE5 O . 3.45 -16.94 14.63
N JE5 O . 1.48 -15.98 14.03
C10 JE5 O . 0.65 -17.15 14.22
C11 JE5 O . 0.09 -17.67 12.91
C16 JE5 O . -0.71 -18.96 13.13
C15 JE5 O . -1.18 -19.58 11.81
C14 JE5 O . -0.01 -19.82 10.86
C13 JE5 O . 0.71 -18.53 10.58
C12 JE5 O . 1.22 -17.89 11.87
N LYS P . 26.97 -22.36 -1.72
CA LYS P . 27.46 -23.38 -2.68
C LYS P . 26.60 -23.35 -3.94
O LYS P . 27.10 -23.83 -4.98
CB LYS P . 27.43 -24.78 -2.07
CG LYS P . 28.44 -25.03 -0.97
CD LYS P . 29.88 -24.98 -1.46
CE LYS P . 30.88 -25.31 -0.38
NZ LYS P . 30.87 -24.29 0.70
OXT LYS P . 25.44 -22.92 -3.88
C1 GOL Q . -8.02 -43.59 -10.07
O1 GOL Q . -8.91 -44.20 -11.00
C2 GOL Q . -6.59 -43.69 -10.55
O2 GOL Q . -5.94 -44.82 -9.97
C3 GOL Q . -5.80 -42.44 -10.29
O3 GOL Q . -4.45 -42.61 -10.73
N1 JE5 R . 22.57 -23.03 -11.00
C7 JE5 R . 19.07 -26.37 -10.08
C8 JE5 R . 20.42 -26.28 -9.95
N2 JE5 R . 22.37 -18.29 -16.82
C9 JE5 R . 21.20 -27.27 -9.21
O1 JE5 R . 21.16 -25.20 -10.34
C1 JE5 R . 20.50 -21.74 -11.37
O5 JE5 R . 23.06 -20.23 -17.70
C5 JE5 R . 18.39 -22.90 -11.24
C6 JE5 R . 18.30 -25.28 -10.57
N3 JE5 R . 13.11 -14.21 -21.45
C4 JE5 R . 19.05 -24.08 -10.90
O4 JE5 R . 24.87 -22.46 -11.14
C3 JE5 R . 20.43 -24.09 -10.78
O3 JE5 R . 23.31 -20.76 -10.22
C2 JE5 R . 21.17 -22.93 -11.02
N4 JE5 R . 13.53 -15.01 -22.39
N5 JE5 R . 13.67 -15.80 -23.23
C31 JE5 R . 13.93 -13.20 -20.67
C30 JE5 R . 15.33 -12.88 -21.16
O8 JE5 R . 16.31 -13.63 -20.41
C29 JE5 R . 16.69 -13.12 -19.13
C28 JE5 R . 16.89 -14.30 -18.22
O7 JE5 R . 17.99 -15.12 -18.64
C27 JE5 R . 17.79 -16.51 -18.47
C26 JE5 R . 18.91 -17.31 -19.07
O6 JE5 R . 20.13 -17.11 -18.35
C25 JE5 R . 21.21 -17.86 -18.90
C24 JE5 R . 22.43 -17.56 -18.08
C23 JE5 R . 22.81 -19.54 -16.71
C20 JE5 R . 22.98 -20.10 -15.33
C19 JE5 R . 22.90 -21.47 -15.11
C18 JE5 R . 23.08 -21.99 -13.84
C21 JE5 R . 23.26 -19.26 -14.26
C22 JE5 R . 23.45 -19.77 -12.98
C17 JE5 R . 23.36 -21.14 -12.79
S JE5 R . 23.61 -21.80 -11.16
O JE5 R . 17.08 -25.34 -10.77
C JE5 R . 19.13 -21.78 -11.46
F JE5 R . 18.48 -20.62 -11.80
O2 JE5 R . 20.64 -28.19 -8.61
N JE5 R . 22.52 -27.08 -9.17
C10 JE5 R . 23.37 -27.82 -8.25
C11 JE5 R . 23.89 -26.98 -7.11
C16 JE5 R . 24.77 -27.79 -6.18
C15 JE5 R . 25.32 -26.97 -5.01
C14 JE5 R . 24.19 -26.34 -4.23
C13 JE5 R . 23.28 -25.53 -5.14
C12 JE5 R . 22.76 -26.37 -6.29
#